data_2RSN
#
_entry.id   2RSN
#
loop_
_entity.id
_entity.type
_entity.pdbx_description
1 polymer 'Chromo domain-containing protein 1'
2 polymer 'peptide from Histone H3'
#
loop_
_entity_poly.entity_id
_entity_poly.type
_entity_poly.pdbx_seq_one_letter_code
_entity_poly.pdbx_strand_id
1 'polypeptide(L)' MVSVKPLPDIDSNEGETDADVYEVEDILADRVNKNGINEYYIKWAGYDWYDNTWEPEQNLFGAEKVLKKWKKRKK A
2 'polypeptide(L)' ARTKQTAR(M3L)STGGKAPRY B
#
# COMPACT_ATOMS: atom_id res chain seq x y z
N MET A 1 -15.81 14.42 35.35
CA MET A 1 -15.00 13.72 34.34
C MET A 1 -13.77 13.23 35.03
N VAL A 2 -13.02 12.38 34.38
CA VAL A 2 -11.78 11.90 34.93
C VAL A 2 -10.65 12.50 34.10
N SER A 3 -9.56 12.82 34.73
CA SER A 3 -8.47 13.44 34.05
C SER A 3 -7.35 12.43 33.83
N VAL A 4 -7.28 11.90 32.63
CA VAL A 4 -6.27 10.94 32.26
C VAL A 4 -5.64 11.38 30.95
N LYS A 5 -4.44 10.93 30.71
CA LYS A 5 -3.76 11.26 29.48
C LYS A 5 -3.70 9.98 28.63
N PRO A 6 -3.50 10.08 27.30
CA PRO A 6 -3.35 8.90 26.44
C PRO A 6 -2.13 8.03 26.83
N LEU A 7 -2.17 6.81 26.43
CA LEU A 7 -1.16 5.83 26.70
C LEU A 7 -0.44 5.53 25.40
N PRO A 8 0.75 4.92 25.43
CA PRO A 8 1.36 4.49 24.19
C PRO A 8 0.66 3.20 23.73
N ASP A 9 -0.47 3.39 23.07
CA ASP A 9 -1.29 2.30 22.58
C ASP A 9 -0.76 1.83 21.24
N ILE A 10 -0.05 2.71 20.59
CA ILE A 10 0.56 2.40 19.33
C ILE A 10 2.04 2.22 19.59
N ASP A 11 2.61 1.17 19.02
CA ASP A 11 4.03 0.88 19.20
C ASP A 11 4.88 1.93 18.52
N SER A 12 5.97 2.26 19.14
CA SER A 12 6.89 3.26 18.65
C SER A 12 8.08 2.57 18.00
N ASN A 13 8.17 1.28 18.22
CA ASN A 13 9.20 0.43 17.69
C ASN A 13 8.87 0.04 16.25
N GLU A 14 9.91 -0.13 15.45
CA GLU A 14 9.76 -0.49 14.06
C GLU A 14 9.86 -2.01 13.94
N GLY A 15 8.99 -2.61 13.17
CA GLY A 15 9.02 -4.04 13.07
C GLY A 15 8.02 -4.57 12.07
N GLU A 16 6.97 -5.14 12.57
CA GLU A 16 5.99 -5.80 11.75
C GLU A 16 4.73 -4.94 11.68
N THR A 17 4.57 -4.27 10.56
CA THR A 17 3.45 -3.37 10.33
C THR A 17 2.49 -3.98 9.29
N ASP A 18 2.55 -5.31 9.15
CA ASP A 18 1.78 -6.09 8.12
C ASP A 18 0.28 -5.79 8.19
N ALA A 19 -0.20 -5.51 9.39
CA ALA A 19 -1.58 -5.13 9.64
C ALA A 19 -2.01 -3.92 8.81
N ASP A 20 -1.06 -3.07 8.45
CA ASP A 20 -1.35 -1.86 7.69
C ASP A 20 -0.44 -1.83 6.44
N VAL A 21 0.17 -2.97 6.11
CA VAL A 21 1.03 -3.01 4.95
C VAL A 21 1.01 -4.40 4.27
N TYR A 22 0.59 -4.41 3.05
CA TYR A 22 0.60 -5.62 2.29
C TYR A 22 1.62 -5.51 1.19
N GLU A 23 2.02 -6.61 0.65
CA GLU A 23 3.00 -6.64 -0.39
C GLU A 23 2.50 -6.13 -1.68
N VAL A 24 3.35 -5.46 -2.33
CA VAL A 24 3.10 -5.01 -3.65
C VAL A 24 3.87 -5.91 -4.60
N GLU A 25 3.15 -6.74 -5.31
CA GLU A 25 3.76 -7.62 -6.27
C GLU A 25 4.19 -6.77 -7.44
N ASP A 26 3.23 -6.00 -8.00
CA ASP A 26 3.50 -5.01 -9.04
C ASP A 26 2.18 -4.35 -9.41
N ILE A 27 2.24 -3.36 -10.27
CA ILE A 27 1.08 -2.63 -10.69
C ILE A 27 0.57 -3.29 -11.97
N LEU A 28 -0.72 -3.34 -12.12
CA LEU A 28 -1.31 -3.97 -13.28
C LEU A 28 -1.91 -2.95 -14.25
N ALA A 29 -2.34 -1.80 -13.71
CA ALA A 29 -2.94 -0.71 -14.50
C ALA A 29 -3.11 0.50 -13.61
N ASP A 30 -3.60 1.60 -14.14
CA ASP A 30 -3.78 2.81 -13.36
C ASP A 30 -5.07 3.54 -13.73
N ARG A 31 -5.43 4.55 -12.94
CA ARG A 31 -6.63 5.35 -13.16
C ARG A 31 -6.49 6.63 -12.34
N VAL A 32 -7.26 7.64 -12.69
CA VAL A 32 -7.28 8.89 -11.96
C VAL A 32 -8.75 9.30 -11.83
N ASN A 33 -9.12 9.83 -10.69
CA ASN A 33 -10.48 10.29 -10.48
C ASN A 33 -10.62 11.70 -11.02
N LYS A 34 -11.81 12.25 -10.94
CA LYS A 34 -12.01 13.61 -11.36
C LYS A 34 -11.78 14.52 -10.16
N ASN A 35 -11.92 13.93 -8.98
CA ASN A 35 -11.74 14.61 -7.70
C ASN A 35 -10.28 14.98 -7.46
N GLY A 36 -9.37 14.31 -8.16
CA GLY A 36 -7.97 14.62 -7.97
C GLY A 36 -7.21 13.54 -7.24
N ILE A 37 -7.72 12.33 -7.25
CA ILE A 37 -7.04 11.23 -6.61
C ILE A 37 -6.60 10.27 -7.69
N ASN A 38 -5.37 9.87 -7.65
CA ASN A 38 -4.83 8.91 -8.56
C ASN A 38 -4.82 7.53 -7.92
N GLU A 39 -5.07 6.51 -8.72
CA GLU A 39 -5.26 5.15 -8.23
C GLU A 39 -4.56 4.19 -9.15
N TYR A 40 -4.18 3.04 -8.64
CA TYR A 40 -3.53 2.05 -9.46
C TYR A 40 -4.05 0.68 -9.11
N TYR A 41 -4.06 -0.20 -10.08
CA TYR A 41 -4.49 -1.57 -9.91
C TYR A 41 -3.32 -2.37 -9.33
N ILE A 42 -3.34 -2.59 -8.04
CA ILE A 42 -2.22 -3.20 -7.33
C ILE A 42 -2.45 -4.68 -7.14
N LYS A 43 -1.45 -5.50 -7.43
CA LYS A 43 -1.57 -6.89 -7.06
C LYS A 43 -0.89 -7.09 -5.72
N TRP A 44 -1.68 -7.17 -4.69
CA TRP A 44 -1.18 -7.36 -3.36
C TRP A 44 -0.76 -8.80 -3.16
N ALA A 45 0.46 -8.98 -2.79
CA ALA A 45 0.96 -10.28 -2.46
C ALA A 45 0.75 -10.52 -0.99
N GLY A 46 0.76 -11.77 -0.59
CA GLY A 46 0.48 -12.10 0.78
C GLY A 46 -0.97 -12.43 0.96
N TYR A 47 -1.79 -11.89 0.08
CA TYR A 47 -3.19 -12.17 0.10
C TYR A 47 -3.51 -13.11 -1.00
N ASP A 48 -4.75 -13.41 -1.08
CA ASP A 48 -5.31 -14.26 -2.14
C ASP A 48 -4.97 -13.70 -3.54
N TRP A 49 -4.83 -14.58 -4.50
CA TRP A 49 -4.42 -14.20 -5.84
C TRP A 49 -5.46 -13.28 -6.53
N TYR A 50 -6.70 -13.36 -6.11
CA TYR A 50 -7.81 -12.63 -6.71
C TYR A 50 -8.13 -11.36 -5.89
N ASP A 51 -7.18 -10.90 -5.11
CA ASP A 51 -7.43 -9.79 -4.17
C ASP A 51 -7.14 -8.44 -4.78
N ASN A 52 -6.40 -8.45 -5.89
CA ASN A 52 -5.95 -7.23 -6.55
C ASN A 52 -7.08 -6.22 -6.77
N THR A 53 -6.79 -4.99 -6.48
CA THR A 53 -7.77 -3.95 -6.52
C THR A 53 -7.07 -2.62 -6.81
N TRP A 54 -7.83 -1.59 -6.95
CA TRP A 54 -7.33 -0.26 -7.20
C TRP A 54 -7.12 0.41 -5.86
N GLU A 55 -6.00 1.05 -5.70
CA GLU A 55 -5.68 1.74 -4.48
C GLU A 55 -5.15 3.12 -4.87
N PRO A 56 -5.35 4.17 -4.05
CA PRO A 56 -4.77 5.48 -4.31
C PRO A 56 -3.25 5.48 -4.12
N GLU A 57 -2.57 6.46 -4.74
CA GLU A 57 -1.09 6.60 -4.65
C GLU A 57 -0.70 6.87 -3.21
N GLN A 58 -1.65 7.41 -2.52
CA GLN A 58 -1.55 7.80 -1.15
C GLN A 58 -1.16 6.61 -0.25
N ASN A 59 -1.65 5.40 -0.58
CA ASN A 59 -1.28 4.20 0.18
C ASN A 59 -0.01 3.57 -0.35
N LEU A 60 0.44 4.03 -1.49
CA LEU A 60 1.62 3.50 -2.17
C LEU A 60 2.90 4.21 -1.79
N PHE A 61 2.86 4.91 -0.65
CA PHE A 61 4.00 5.70 -0.13
C PHE A 61 5.31 4.85 -0.05
N GLY A 62 5.17 3.54 0.12
CA GLY A 62 6.31 2.67 0.18
C GLY A 62 6.62 2.05 -1.17
N ALA A 63 5.63 2.00 -2.03
CA ALA A 63 5.74 1.37 -3.31
C ALA A 63 6.03 2.37 -4.41
N GLU A 64 6.72 3.44 -4.04
CA GLU A 64 7.12 4.45 -5.00
C GLU A 64 8.04 3.90 -6.06
N LYS A 65 8.89 2.99 -5.64
CA LYS A 65 9.84 2.35 -6.52
C LYS A 65 9.10 1.63 -7.66
N VAL A 66 8.21 0.73 -7.29
CA VAL A 66 7.44 -0.05 -8.26
C VAL A 66 6.43 0.80 -9.03
N LEU A 67 5.81 1.74 -8.37
CA LEU A 67 4.83 2.61 -8.97
C LEU A 67 5.45 3.56 -9.99
N LYS A 68 6.48 4.23 -9.58
CA LYS A 68 7.17 5.14 -10.44
C LYS A 68 7.79 4.39 -11.62
N LYS A 69 8.26 3.15 -11.35
CA LYS A 69 8.70 2.22 -12.42
C LYS A 69 7.57 2.05 -13.46
N TRP A 70 6.35 1.82 -12.98
CA TRP A 70 5.18 1.70 -13.83
C TRP A 70 4.98 2.98 -14.64
N LYS A 71 4.88 4.08 -13.94
CA LYS A 71 4.66 5.38 -14.55
C LYS A 71 5.80 5.84 -15.47
N LYS A 72 6.97 5.30 -15.25
CA LYS A 72 8.09 5.59 -16.11
C LYS A 72 7.86 4.87 -17.44
N ARG A 73 7.49 3.61 -17.36
CA ARG A 73 7.30 2.80 -18.56
C ARG A 73 5.93 3.04 -19.24
N LYS A 74 4.95 3.44 -18.47
CA LYS A 74 3.60 3.66 -18.97
C LYS A 74 3.10 4.99 -18.43
N LYS A 75 2.46 5.76 -19.27
CA LYS A 75 1.89 7.03 -18.85
C LYS A 75 0.46 6.82 -18.43
N ALA B 1 15.75 -13.04 1.64
CA ALA B 1 14.34 -12.74 1.35
C ALA B 1 14.29 -12.15 -0.01
N ARG B 2 13.12 -12.12 -0.63
CA ARG B 2 12.98 -11.52 -1.93
C ARG B 2 12.79 -10.03 -1.78
N THR B 3 13.65 -9.28 -2.41
CA THR B 3 13.57 -7.86 -2.42
C THR B 3 12.32 -7.41 -3.18
N LYS B 4 11.32 -6.95 -2.47
CA LYS B 4 10.09 -6.49 -3.04
C LYS B 4 9.53 -5.34 -2.24
N GLN B 5 8.58 -4.68 -2.82
CA GLN B 5 8.00 -3.49 -2.27
C GLN B 5 6.63 -3.80 -1.66
N THR B 6 6.21 -3.03 -0.67
CA THR B 6 4.91 -3.22 -0.07
C THR B 6 4.23 -1.82 0.06
N ALA B 7 2.91 -1.80 0.26
CA ALA B 7 2.14 -0.57 0.42
C ALA B 7 0.98 -0.86 1.38
N ARG B 8 0.22 0.14 1.79
CA ARG B 8 -0.83 -0.09 2.82
C ARG B 8 -1.91 -1.08 2.41
N SER B 10 -5.89 0.15 1.61
CA SER B 10 -6.87 0.70 2.48
C SER B 10 -7.95 -0.36 2.74
N THR B 11 -7.72 -1.14 3.76
CA THR B 11 -8.58 -2.20 4.09
C THR B 11 -9.71 -1.72 4.99
N GLY B 12 -10.72 -1.18 4.36
CA GLY B 12 -11.87 -0.72 5.06
C GLY B 12 -12.47 0.47 4.37
N GLY B 13 -13.78 0.57 4.40
CA GLY B 13 -14.45 1.67 3.78
C GLY B 13 -15.93 1.47 3.89
N LYS B 14 -16.68 2.52 3.71
CA LYS B 14 -18.12 2.48 3.76
C LYS B 14 -18.68 3.40 2.73
N ALA B 15 -19.67 2.94 2.01
CA ALA B 15 -20.35 3.76 1.05
C ALA B 15 -21.51 4.47 1.74
N PRO B 16 -21.53 5.80 1.71
CA PRO B 16 -22.60 6.56 2.33
C PRO B 16 -23.87 6.58 1.46
N ARG B 17 -24.80 5.74 1.81
CA ARG B 17 -26.05 5.67 1.12
C ARG B 17 -27.11 5.39 2.17
N TYR B 18 -28.33 5.46 1.78
CA TYR B 18 -29.45 5.11 2.59
C TYR B 18 -30.24 4.17 1.73
N MET A 1 -22.72 10.77 21.29
CA MET A 1 -23.25 9.93 20.21
C MET A 1 -22.13 9.03 19.76
N VAL A 2 -22.44 7.86 19.27
CA VAL A 2 -21.40 6.96 18.79
C VAL A 2 -21.02 7.33 17.37
N SER A 3 -19.80 7.71 17.18
CA SER A 3 -19.29 8.12 15.91
C SER A 3 -17.79 7.86 15.90
N VAL A 4 -17.23 7.61 14.75
CA VAL A 4 -15.81 7.40 14.63
C VAL A 4 -15.16 8.70 14.20
N LYS A 5 -14.12 9.07 14.89
CA LYS A 5 -13.43 10.29 14.57
C LYS A 5 -12.06 9.92 13.96
N PRO A 6 -11.44 10.83 13.17
CA PRO A 6 -10.13 10.60 12.53
C PRO A 6 -9.05 10.05 13.48
N LEU A 7 -8.51 8.92 13.15
CA LEU A 7 -7.46 8.28 13.90
C LEU A 7 -6.16 8.52 13.15
N PRO A 8 -4.99 8.43 13.81
CA PRO A 8 -3.71 8.57 13.13
C PRO A 8 -3.50 7.37 12.22
N ASP A 9 -3.40 7.63 10.94
CA ASP A 9 -3.25 6.57 9.96
C ASP A 9 -1.79 6.18 9.84
N ILE A 10 -0.91 7.14 9.99
CA ILE A 10 0.50 6.87 9.95
C ILE A 10 0.94 6.35 11.31
N ASP A 11 1.59 5.22 11.30
CA ASP A 11 2.08 4.60 12.51
C ASP A 11 3.14 5.49 13.13
N SER A 12 3.03 5.68 14.40
CA SER A 12 3.91 6.55 15.13
C SER A 12 4.96 5.75 15.90
N ASN A 13 4.78 4.44 16.01
CA ASN A 13 5.67 3.63 16.81
C ASN A 13 6.25 2.48 16.01
N GLU A 14 7.24 1.83 16.53
CA GLU A 14 7.77 0.67 15.89
C GLU A 14 7.09 -0.55 16.46
N GLY A 15 6.50 -1.34 15.60
CA GLY A 15 5.81 -2.51 16.02
C GLY A 15 5.32 -3.29 14.85
N GLU A 16 4.07 -3.62 14.85
CA GLU A 16 3.50 -4.35 13.76
C GLU A 16 2.59 -3.44 12.94
N THR A 17 3.11 -2.99 11.84
CA THR A 17 2.37 -2.14 10.96
C THR A 17 1.86 -2.98 9.77
N ASP A 18 2.15 -4.29 9.84
CA ASP A 18 1.79 -5.27 8.79
C ASP A 18 0.29 -5.28 8.53
N ALA A 19 -0.47 -5.03 9.60
CA ALA A 19 -1.92 -4.94 9.56
C ALA A 19 -2.42 -3.90 8.55
N ASP A 20 -1.59 -2.90 8.28
CA ASP A 20 -1.96 -1.80 7.40
C ASP A 20 -0.94 -1.67 6.25
N VAL A 21 -0.12 -2.71 6.05
CA VAL A 21 0.88 -2.71 4.97
C VAL A 21 1.04 -4.13 4.41
N TYR A 22 0.68 -4.30 3.17
CA TYR A 22 0.80 -5.58 2.51
C TYR A 22 1.83 -5.55 1.39
N GLU A 23 2.24 -6.70 0.95
CA GLU A 23 3.21 -6.82 -0.12
C GLU A 23 2.68 -6.45 -1.47
N VAL A 24 3.53 -5.84 -2.21
CA VAL A 24 3.25 -5.44 -3.58
C VAL A 24 3.96 -6.36 -4.59
N GLU A 25 3.17 -7.12 -5.33
CA GLU A 25 3.70 -7.91 -6.41
C GLU A 25 4.12 -6.97 -7.53
N ASP A 26 3.20 -6.15 -8.01
CA ASP A 26 3.50 -5.12 -9.02
C ASP A 26 2.21 -4.36 -9.34
N ILE A 27 2.28 -3.38 -10.22
CA ILE A 27 1.12 -2.58 -10.60
C ILE A 27 0.58 -3.20 -11.89
N LEU A 28 -0.71 -3.21 -12.04
CA LEU A 28 -1.30 -3.81 -13.22
C LEU A 28 -1.87 -2.75 -14.17
N ALA A 29 -2.28 -1.63 -13.61
CA ALA A 29 -2.86 -0.52 -14.39
C ALA A 29 -3.03 0.67 -13.47
N ASP A 30 -3.54 1.77 -14.00
CA ASP A 30 -3.79 2.97 -13.21
C ASP A 30 -5.10 3.60 -13.61
N ARG A 31 -5.50 4.59 -12.85
CA ARG A 31 -6.74 5.31 -13.07
C ARG A 31 -6.69 6.60 -12.27
N VAL A 32 -7.52 7.56 -12.61
CA VAL A 32 -7.57 8.83 -11.93
C VAL A 32 -9.03 9.17 -11.68
N ASN A 33 -9.33 9.73 -10.53
CA ASN A 33 -10.69 10.14 -10.21
C ASN A 33 -10.94 11.51 -10.79
N LYS A 34 -12.16 12.00 -10.63
CA LYS A 34 -12.47 13.35 -11.07
C LYS A 34 -12.23 14.32 -9.90
N ASN A 35 -12.28 13.77 -8.71
CA ASN A 35 -12.05 14.51 -7.48
C ASN A 35 -10.55 14.90 -7.36
N GLY A 36 -9.68 14.21 -8.07
CA GLY A 36 -8.28 14.55 -8.00
C GLY A 36 -7.43 13.53 -7.27
N ILE A 37 -7.88 12.30 -7.21
CA ILE A 37 -7.12 11.24 -6.55
C ILE A 37 -6.72 10.26 -7.63
N ASN A 38 -5.51 9.84 -7.61
CA ASN A 38 -5.04 8.85 -8.57
C ASN A 38 -5.17 7.49 -7.93
N GLU A 39 -5.29 6.49 -8.72
CA GLU A 39 -5.51 5.14 -8.24
C GLU A 39 -4.68 4.22 -9.06
N TYR A 40 -4.19 3.18 -8.47
CA TYR A 40 -3.46 2.23 -9.25
C TYR A 40 -3.96 0.85 -8.91
N TYR A 41 -3.94 -0.02 -9.90
CA TYR A 41 -4.36 -1.40 -9.75
C TYR A 41 -3.21 -2.20 -9.14
N ILE A 42 -3.27 -2.45 -7.87
CA ILE A 42 -2.17 -3.09 -7.18
C ILE A 42 -2.43 -4.59 -7.04
N LYS A 43 -1.44 -5.40 -7.36
CA LYS A 43 -1.51 -6.81 -7.09
C LYS A 43 -0.78 -7.09 -5.78
N TRP A 44 -1.51 -7.25 -4.74
CA TRP A 44 -0.97 -7.47 -3.43
C TRP A 44 -0.47 -8.90 -3.25
N ALA A 45 0.77 -9.03 -2.85
CA ALA A 45 1.37 -10.32 -2.64
C ALA A 45 1.04 -10.77 -1.24
N GLY A 46 1.07 -12.05 -1.01
CA GLY A 46 0.77 -12.55 0.30
C GLY A 46 -0.69 -12.93 0.43
N TYR A 47 -1.52 -12.33 -0.38
CA TYR A 47 -2.92 -12.59 -0.32
C TYR A 47 -3.32 -13.46 -1.43
N ASP A 48 -4.58 -13.74 -1.44
CA ASP A 48 -5.19 -14.53 -2.52
C ASP A 48 -4.96 -13.87 -3.90
N TRP A 49 -4.85 -14.69 -4.91
CA TRP A 49 -4.55 -14.24 -6.26
C TRP A 49 -5.63 -13.32 -6.86
N TYR A 50 -6.82 -13.39 -6.34
CA TYR A 50 -7.94 -12.59 -6.83
C TYR A 50 -8.14 -11.34 -5.97
N ASP A 51 -7.11 -10.94 -5.25
CA ASP A 51 -7.24 -9.87 -4.27
C ASP A 51 -6.95 -8.49 -4.83
N ASN A 52 -6.29 -8.44 -5.98
CA ASN A 52 -5.87 -7.18 -6.61
C ASN A 52 -7.01 -6.16 -6.69
N THR A 53 -6.68 -4.93 -6.38
CA THR A 53 -7.65 -3.87 -6.29
C THR A 53 -6.99 -2.52 -6.62
N TRP A 54 -7.79 -1.47 -6.70
CA TRP A 54 -7.28 -0.14 -6.97
C TRP A 54 -7.11 0.61 -5.66
N GLU A 55 -5.97 1.20 -5.47
CA GLU A 55 -5.70 1.95 -4.27
C GLU A 55 -5.09 3.29 -4.62
N PRO A 56 -5.31 4.32 -3.76
CA PRO A 56 -4.80 5.67 -3.98
C PRO A 56 -3.28 5.77 -3.78
N GLU A 57 -2.71 6.89 -4.21
CA GLU A 57 -1.26 7.15 -4.19
C GLU A 57 -0.76 7.12 -2.76
N GLN A 58 -1.66 7.42 -1.85
CA GLN A 58 -1.41 7.47 -0.42
C GLN A 58 -0.89 6.12 0.08
N ASN A 59 -1.23 5.06 -0.62
CA ASN A 59 -0.81 3.73 -0.23
C ASN A 59 0.54 3.35 -0.78
N LEU A 60 1.02 4.06 -1.77
CA LEU A 60 2.21 3.62 -2.51
C LEU A 60 3.53 4.16 -2.03
N PHE A 61 3.55 4.68 -0.81
CA PHE A 61 4.76 5.28 -0.19
C PHE A 61 5.96 4.29 -0.20
N GLY A 62 5.65 3.00 -0.18
CA GLY A 62 6.67 1.99 -0.16
C GLY A 62 6.94 1.41 -1.54
N ALA A 63 5.97 1.54 -2.43
CA ALA A 63 5.96 0.92 -3.75
C ALA A 63 6.59 1.83 -4.77
N GLU A 64 7.54 2.60 -4.32
CA GLU A 64 8.26 3.55 -5.13
C GLU A 64 8.96 2.93 -6.34
N LYS A 65 9.58 1.75 -6.16
CA LYS A 65 10.26 1.09 -7.30
C LYS A 65 9.25 0.78 -8.40
N VAL A 66 8.21 0.08 -8.02
CA VAL A 66 7.19 -0.35 -8.96
C VAL A 66 6.37 0.79 -9.54
N LEU A 67 6.04 1.78 -8.71
CA LEU A 67 5.26 2.92 -9.14
C LEU A 67 6.04 3.78 -10.13
N LYS A 68 7.29 4.05 -9.80
CA LYS A 68 8.15 4.83 -10.65
C LYS A 68 8.46 4.11 -11.95
N LYS A 69 8.65 2.80 -11.87
CA LYS A 69 8.86 1.98 -13.07
C LYS A 69 7.64 2.08 -13.99
N TRP A 70 6.47 1.85 -13.39
CA TRP A 70 5.22 1.84 -14.10
C TRP A 70 4.96 3.15 -14.78
N LYS A 71 4.85 4.21 -14.00
CA LYS A 71 4.53 5.50 -14.54
C LYS A 71 5.61 6.04 -15.49
N LYS A 72 6.82 5.55 -15.34
CA LYS A 72 7.90 5.89 -16.25
C LYS A 72 7.52 5.37 -17.62
N ARG A 73 7.09 4.11 -17.67
CA ARG A 73 6.69 3.51 -18.95
C ARG A 73 5.25 3.89 -19.40
N LYS A 74 4.37 4.21 -18.47
CA LYS A 74 2.99 4.53 -18.80
C LYS A 74 2.55 5.81 -18.10
N LYS A 75 2.02 6.74 -18.86
CA LYS A 75 1.54 8.00 -18.33
C LYS A 75 0.10 7.83 -17.94
N ALA B 1 15.86 -14.34 -6.14
CA ALA B 1 14.80 -13.64 -5.41
C ALA B 1 14.70 -12.25 -5.96
N ARG B 2 13.61 -11.57 -5.70
CA ARG B 2 13.43 -10.21 -6.18
C ARG B 2 13.21 -9.34 -4.96
N THR B 3 13.60 -8.08 -5.05
CA THR B 3 13.30 -7.14 -4.00
C THR B 3 11.78 -6.90 -3.99
N LYS B 4 11.12 -7.44 -3.00
CA LYS B 4 9.71 -7.27 -2.90
C LYS B 4 9.38 -5.95 -2.23
N GLN B 5 8.48 -5.27 -2.83
CA GLN B 5 8.07 -3.98 -2.40
C GLN B 5 6.74 -4.11 -1.72
N THR B 6 6.40 -3.24 -0.79
CA THR B 6 5.14 -3.37 -0.11
C THR B 6 4.44 -1.98 -0.06
N ALA B 7 3.14 -1.98 0.16
CA ALA B 7 2.36 -0.76 0.25
C ALA B 7 1.23 -0.98 1.23
N ARG B 8 0.48 0.06 1.55
CA ARG B 8 -0.54 -0.03 2.62
C ARG B 8 -1.71 -1.06 2.39
N SER B 10 -4.63 0.28 2.68
CA SER B 10 -5.55 1.07 3.43
C SER B 10 -6.46 1.82 2.47
N THR B 11 -7.69 1.41 2.38
CA THR B 11 -8.61 2.00 1.47
C THR B 11 -9.21 3.25 2.12
N GLY B 12 -8.54 4.36 1.86
CA GLY B 12 -8.96 5.62 2.38
C GLY B 12 -9.30 6.55 1.26
N GLY B 13 -9.09 7.83 1.45
CA GLY B 13 -9.40 8.76 0.44
C GLY B 13 -8.75 10.09 0.66
N LYS B 14 -9.11 11.02 -0.19
CA LYS B 14 -8.61 12.38 -0.17
C LYS B 14 -9.09 13.09 1.09
N ALA B 15 -8.17 13.73 1.77
CA ALA B 15 -8.49 14.47 2.96
C ALA B 15 -9.19 15.79 2.59
N PRO B 16 -10.41 16.00 3.08
CA PRO B 16 -11.13 17.23 2.84
C PRO B 16 -10.88 18.23 3.97
N ARG B 17 -11.71 19.25 4.06
CA ARG B 17 -11.59 20.18 5.12
C ARG B 17 -12.63 20.03 6.18
N TYR B 18 -12.27 19.22 7.12
CA TYR B 18 -12.99 18.98 8.32
C TYR B 18 -11.90 18.92 9.37
N MET A 1 -22.84 0.46 31.09
CA MET A 1 -21.90 1.09 30.15
C MET A 1 -20.58 1.21 30.85
N VAL A 2 -19.54 1.53 30.12
CA VAL A 2 -18.20 1.69 30.68
C VAL A 2 -17.61 2.96 30.11
N SER A 3 -16.39 3.25 30.47
CA SER A 3 -15.73 4.41 29.97
C SER A 3 -14.70 3.98 28.91
N VAL A 4 -14.99 4.31 27.68
CA VAL A 4 -14.20 3.86 26.57
C VAL A 4 -13.17 4.91 26.26
N LYS A 5 -11.95 4.47 26.22
CA LYS A 5 -10.81 5.31 25.98
C LYS A 5 -10.25 4.98 24.61
N PRO A 6 -9.52 5.90 23.97
CA PRO A 6 -8.89 5.63 22.68
C PRO A 6 -7.87 4.50 22.78
N LEU A 7 -8.10 3.46 22.02
CA LEU A 7 -7.21 2.32 22.03
C LEU A 7 -6.45 2.24 20.72
N PRO A 8 -5.28 1.61 20.71
CA PRO A 8 -4.47 1.44 19.52
C PRO A 8 -4.69 0.08 18.83
N ASP A 9 -5.05 0.10 17.55
CA ASP A 9 -5.20 -1.14 16.79
C ASP A 9 -3.82 -1.55 16.32
N ILE A 10 -3.02 -0.55 16.03
CA ILE A 10 -1.62 -0.73 15.78
C ILE A 10 -0.89 -0.27 17.04
N ASP A 11 0.07 -1.04 17.49
CA ASP A 11 0.82 -0.72 18.70
C ASP A 11 1.77 0.46 18.43
N SER A 12 2.31 1.03 19.49
CA SER A 12 3.15 2.20 19.40
C SER A 12 4.64 1.81 19.41
N ASN A 13 4.91 0.58 19.79
CA ASN A 13 6.26 0.04 19.81
C ASN A 13 6.51 -0.64 18.46
N GLU A 14 7.74 -0.98 18.18
CA GLU A 14 8.08 -1.49 16.90
C GLU A 14 7.94 -3.00 16.93
N GLY A 15 7.17 -3.51 16.01
CA GLY A 15 6.92 -4.91 15.91
C GLY A 15 6.44 -5.25 14.54
N GLU A 16 5.16 -5.51 14.41
CA GLU A 16 4.60 -5.93 13.16
C GLU A 16 3.79 -4.79 12.56
N THR A 17 4.30 -4.22 11.49
CA THR A 17 3.63 -3.15 10.78
C THR A 17 2.68 -3.73 9.75
N ASP A 18 2.81 -5.03 9.58
CA ASP A 18 2.08 -5.89 8.63
C ASP A 18 0.59 -5.72 8.76
N ALA A 19 0.17 -5.36 9.97
CA ALA A 19 -1.23 -5.10 10.28
C ALA A 19 -1.83 -4.05 9.33
N ASP A 20 -1.02 -3.13 8.86
CA ASP A 20 -1.50 -2.13 7.94
C ASP A 20 -0.60 -2.06 6.71
N VAL A 21 0.12 -3.14 6.44
CA VAL A 21 0.97 -3.14 5.27
C VAL A 21 1.02 -4.52 4.59
N TYR A 22 0.60 -4.56 3.35
CA TYR A 22 0.67 -5.78 2.58
C TYR A 22 1.67 -5.58 1.47
N GLU A 23 2.15 -6.64 0.91
CA GLU A 23 3.08 -6.58 -0.16
C GLU A 23 2.48 -6.11 -1.43
N VAL A 24 3.23 -5.37 -2.10
CA VAL A 24 2.91 -4.93 -3.43
C VAL A 24 3.75 -5.69 -4.38
N GLU A 25 3.16 -6.56 -5.15
CA GLU A 25 3.95 -7.30 -6.10
C GLU A 25 4.33 -6.32 -7.22
N ASP A 26 3.31 -5.68 -7.83
CA ASP A 26 3.52 -4.67 -8.87
C ASP A 26 2.17 -4.15 -9.31
N ILE A 27 2.16 -3.23 -10.24
CA ILE A 27 0.94 -2.59 -10.69
C ILE A 27 0.45 -3.36 -11.91
N LEU A 28 -0.85 -3.49 -12.03
CA LEU A 28 -1.43 -4.19 -13.15
C LEU A 28 -2.07 -3.21 -14.15
N ALA A 29 -2.53 -2.07 -13.66
CA ALA A 29 -3.13 -1.02 -14.48
C ALA A 29 -3.37 0.20 -13.63
N ASP A 30 -3.86 1.27 -14.21
CA ASP A 30 -4.13 2.51 -13.48
C ASP A 30 -5.41 3.13 -13.96
N ARG A 31 -5.84 4.16 -13.25
CA ARG A 31 -6.95 4.99 -13.63
C ARG A 31 -6.86 6.26 -12.79
N VAL A 32 -7.53 7.30 -13.19
CA VAL A 32 -7.42 8.59 -12.51
C VAL A 32 -8.82 9.14 -12.29
N ASN A 33 -9.04 9.75 -11.14
CA ASN A 33 -10.33 10.37 -10.84
C ASN A 33 -10.38 11.75 -11.44
N LYS A 34 -11.50 12.42 -11.29
CA LYS A 34 -11.61 13.80 -11.73
C LYS A 34 -11.20 14.69 -10.56
N ASN A 35 -11.26 14.11 -9.37
CA ASN A 35 -10.94 14.80 -8.13
C ASN A 35 -9.47 15.09 -8.01
N GLY A 36 -8.65 14.36 -8.76
CA GLY A 36 -7.23 14.59 -8.72
C GLY A 36 -6.47 13.49 -8.02
N ILE A 37 -7.05 12.31 -7.94
CA ILE A 37 -6.37 11.20 -7.29
C ILE A 37 -6.09 10.18 -8.34
N ASN A 38 -4.87 9.68 -8.38
CA ASN A 38 -4.53 8.58 -9.26
C ASN A 38 -4.59 7.32 -8.41
N GLU A 39 -5.03 6.26 -8.99
CA GLU A 39 -5.14 5.01 -8.29
C GLU A 39 -4.81 3.89 -9.22
N TYR A 40 -4.32 2.81 -8.68
CA TYR A 40 -3.78 1.77 -9.52
C TYR A 40 -4.30 0.43 -9.10
N TYR A 41 -4.38 -0.47 -10.04
CA TYR A 41 -4.79 -1.82 -9.80
C TYR A 41 -3.56 -2.54 -9.24
N ILE A 42 -3.55 -2.72 -7.95
CA ILE A 42 -2.38 -3.24 -7.25
C ILE A 42 -2.49 -4.74 -7.06
N LYS A 43 -1.44 -5.47 -7.36
CA LYS A 43 -1.41 -6.86 -7.01
C LYS A 43 -0.74 -7.04 -5.68
N TRP A 44 -1.52 -7.22 -4.67
CA TRP A 44 -1.02 -7.41 -3.35
C TRP A 44 -0.47 -8.82 -3.20
N ALA A 45 0.75 -8.91 -2.81
CA ALA A 45 1.34 -10.18 -2.55
C ALA A 45 1.06 -10.52 -1.10
N GLY A 46 1.10 -11.77 -0.77
CA GLY A 46 0.80 -12.17 0.57
C GLY A 46 -0.67 -12.54 0.72
N TYR A 47 -1.51 -11.97 -0.14
CA TYR A 47 -2.90 -12.30 -0.11
C TYR A 47 -3.23 -13.19 -1.24
N ASP A 48 -4.48 -13.54 -1.26
CA ASP A 48 -5.05 -14.37 -2.33
C ASP A 48 -4.82 -13.77 -3.73
N TRP A 49 -4.70 -14.61 -4.71
CA TRP A 49 -4.41 -14.20 -6.08
C TRP A 49 -5.53 -13.34 -6.70
N TYR A 50 -6.74 -13.45 -6.19
CA TYR A 50 -7.87 -12.73 -6.70
C TYR A 50 -8.16 -11.46 -5.84
N ASP A 51 -7.15 -11.00 -5.11
CA ASP A 51 -7.36 -9.93 -4.14
C ASP A 51 -7.11 -8.56 -4.74
N ASN A 52 -6.44 -8.54 -5.88
CA ASN A 52 -6.06 -7.29 -6.55
C ASN A 52 -7.23 -6.33 -6.67
N THR A 53 -6.95 -5.10 -6.38
CA THR A 53 -7.93 -4.07 -6.33
C THR A 53 -7.26 -2.74 -6.61
N TRP A 54 -8.02 -1.70 -6.69
CA TRP A 54 -7.51 -0.38 -6.94
C TRP A 54 -7.23 0.27 -5.60
N GLU A 55 -6.10 0.91 -5.49
CA GLU A 55 -5.75 1.64 -4.30
C GLU A 55 -5.16 2.98 -4.79
N PRO A 56 -5.31 4.09 -4.05
CA PRO A 56 -4.75 5.37 -4.47
C PRO A 56 -3.25 5.45 -4.23
N GLU A 57 -2.62 6.38 -4.93
CA GLU A 57 -1.17 6.59 -4.87
C GLU A 57 -0.65 6.92 -3.47
N GLN A 58 -1.54 7.47 -2.65
CA GLN A 58 -1.21 7.81 -1.27
C GLN A 58 -0.75 6.58 -0.46
N ASN A 59 -1.18 5.38 -0.84
CA ASN A 59 -0.74 4.16 -0.16
C ASN A 59 0.56 3.61 -0.71
N LEU A 60 1.06 4.19 -1.76
CA LEU A 60 2.20 3.62 -2.52
C LEU A 60 3.55 4.06 -1.96
N PHE A 61 3.54 4.53 -0.72
CA PHE A 61 4.73 5.03 -0.01
C PHE A 61 5.93 4.03 -0.01
N GLY A 62 5.62 2.74 0.01
CA GLY A 62 6.66 1.73 0.02
C GLY A 62 6.88 1.15 -1.36
N ALA A 63 5.87 1.31 -2.16
CA ALA A 63 5.82 0.80 -3.52
C ALA A 63 6.11 1.94 -4.48
N GLU A 64 6.93 2.86 -4.02
CA GLU A 64 7.32 3.99 -4.81
C GLU A 64 8.14 3.51 -6.02
N LYS A 65 8.84 2.40 -5.83
CA LYS A 65 9.63 1.71 -6.84
C LYS A 65 8.74 1.22 -7.99
N VAL A 66 7.69 0.50 -7.65
CA VAL A 66 6.79 0.01 -8.67
C VAL A 66 6.02 1.16 -9.30
N LEU A 67 5.71 2.16 -8.48
CA LEU A 67 5.04 3.36 -8.92
C LEU A 67 5.88 4.12 -9.95
N LYS A 68 7.17 4.32 -9.65
CA LYS A 68 8.03 5.04 -10.56
C LYS A 68 8.21 4.28 -11.86
N LYS A 69 8.34 2.94 -11.81
CA LYS A 69 8.46 2.16 -13.05
C LYS A 69 7.24 2.39 -13.94
N TRP A 70 6.08 2.24 -13.33
CA TRP A 70 4.83 2.31 -14.00
C TRP A 70 4.56 3.71 -14.52
N LYS A 71 4.48 4.66 -13.62
CA LYS A 71 4.12 6.03 -13.94
C LYS A 71 5.15 6.70 -14.88
N LYS A 72 6.38 6.21 -14.88
CA LYS A 72 7.38 6.72 -15.80
C LYS A 72 7.08 6.17 -17.21
N ARG A 73 6.82 4.88 -17.32
CA ARG A 73 6.54 4.24 -18.63
C ARG A 73 5.12 4.49 -19.15
N LYS A 74 4.21 4.72 -18.26
CA LYS A 74 2.80 4.91 -18.60
C LYS A 74 2.34 6.30 -18.23
N LYS A 75 1.69 6.93 -19.16
CA LYS A 75 1.05 8.21 -18.94
C LYS A 75 -0.42 7.94 -18.85
N ALA B 1 17.45 -12.03 5.05
CA ALA B 1 16.07 -11.57 4.98
C ALA B 1 15.86 -10.91 3.64
N ARG B 2 14.63 -10.74 3.23
CA ARG B 2 14.32 -10.08 1.98
C ARG B 2 13.34 -8.98 2.18
N THR B 3 13.50 -7.95 1.40
CA THR B 3 12.62 -6.83 1.39
C THR B 3 11.93 -6.74 0.03
N LYS B 4 10.70 -6.29 0.04
CA LYS B 4 9.94 -6.08 -1.17
C LYS B 4 9.15 -4.80 -0.98
N GLN B 5 8.71 -4.22 -2.07
CA GLN B 5 7.81 -3.09 -2.06
C GLN B 5 6.48 -3.51 -1.44
N THR B 6 5.93 -2.70 -0.58
CA THR B 6 4.69 -3.02 0.06
C THR B 6 3.86 -1.71 0.17
N ALA B 7 2.56 -1.82 0.45
CA ALA B 7 1.73 -0.67 0.66
C ALA B 7 0.67 -1.01 1.71
N ARG B 8 -0.06 0.00 2.14
CA ARG B 8 -1.03 -0.18 3.23
C ARG B 8 -2.18 -1.15 2.94
N SER B 10 -5.96 0.47 1.99
CA SER B 10 -6.76 1.41 2.76
C SER B 10 -7.99 0.83 3.45
N THR B 11 -7.75 0.39 4.65
CA THR B 11 -8.74 -0.03 5.60
C THR B 11 -8.06 0.18 6.94
N GLY B 12 -8.76 0.69 7.92
CA GLY B 12 -8.15 0.94 9.21
C GLY B 12 -8.81 0.11 10.25
N GLY B 13 -8.05 -0.34 11.22
CA GLY B 13 -8.62 -1.20 12.22
C GLY B 13 -8.51 -2.63 11.76
N LYS B 14 -7.34 -2.99 11.21
CA LYS B 14 -7.16 -4.33 10.70
C LYS B 14 -6.84 -5.28 11.83
N ALA B 15 -7.86 -5.75 12.50
CA ALA B 15 -7.74 -6.65 13.60
C ALA B 15 -7.65 -8.09 13.11
N PRO B 16 -6.61 -8.83 13.53
CA PRO B 16 -6.46 -10.24 13.19
C PRO B 16 -7.62 -11.07 13.77
N ARG B 17 -8.00 -12.09 13.06
CA ARG B 17 -9.11 -12.92 13.47
C ARG B 17 -8.75 -14.37 13.22
N TYR B 18 -9.66 -15.23 13.60
CA TYR B 18 -9.59 -16.61 13.30
C TYR B 18 -10.70 -16.85 12.30
N MET A 1 17.11 31.11 16.42
CA MET A 1 15.90 31.64 17.07
C MET A 1 15.51 30.68 18.17
N VAL A 2 14.88 31.19 19.20
CA VAL A 2 14.42 30.35 20.27
C VAL A 2 12.99 29.90 19.97
N SER A 3 12.83 28.63 19.73
CA SER A 3 11.56 28.07 19.36
C SER A 3 11.53 26.61 19.82
N VAL A 4 10.36 26.12 20.13
CA VAL A 4 10.22 24.76 20.60
C VAL A 4 9.89 23.90 19.42
N LYS A 5 10.69 22.89 19.25
CA LYS A 5 10.58 21.99 18.14
C LYS A 5 10.10 20.64 18.65
N PRO A 6 9.52 19.80 17.81
CA PRO A 6 9.14 18.45 18.20
C PRO A 6 10.34 17.51 18.09
N LEU A 7 10.74 16.95 19.20
CA LEU A 7 11.84 16.01 19.23
C LEU A 7 11.30 14.58 19.22
N PRO A 8 12.08 13.59 18.76
CA PRO A 8 11.64 12.20 18.74
C PRO A 8 11.63 11.58 20.15
N ASP A 9 10.44 11.40 20.67
CA ASP A 9 10.23 10.72 21.95
C ASP A 9 10.19 9.22 21.69
N ILE A 10 9.64 8.90 20.54
CA ILE A 10 9.54 7.54 20.09
C ILE A 10 10.79 7.24 19.26
N ASP A 11 11.26 6.01 19.32
CA ASP A 11 12.45 5.56 18.60
C ASP A 11 12.20 5.62 17.07
N SER A 12 13.27 5.52 16.30
CA SER A 12 13.20 5.69 14.88
C SER A 12 13.12 4.34 14.14
N ASN A 13 13.38 3.24 14.83
CA ASN A 13 13.33 1.92 14.19
C ASN A 13 11.95 1.50 13.79
N GLU A 14 11.92 0.70 12.76
CA GLU A 14 10.73 0.31 12.10
C GLU A 14 10.16 -0.98 12.67
N GLY A 15 8.87 -0.99 12.85
CA GLY A 15 8.17 -2.18 13.25
C GLY A 15 7.40 -2.70 12.07
N GLU A 16 6.50 -3.61 12.25
CA GLU A 16 5.77 -4.08 11.11
C GLU A 16 4.36 -3.57 11.16
N THR A 17 3.94 -3.02 10.08
CA THR A 17 2.57 -2.67 9.89
C THR A 17 2.02 -3.61 8.80
N ASP A 18 2.87 -4.58 8.43
CA ASP A 18 2.70 -5.49 7.28
C ASP A 18 1.39 -6.28 7.40
N ALA A 19 0.99 -6.57 8.64
CA ALA A 19 -0.28 -7.23 8.92
C ALA A 19 -1.49 -6.48 8.30
N ASP A 20 -1.36 -5.16 8.14
CA ASP A 20 -2.40 -4.30 7.56
C ASP A 20 -1.80 -3.44 6.43
N VAL A 21 -0.63 -3.83 5.96
CA VAL A 21 0.04 -3.16 4.86
C VAL A 21 0.69 -4.25 4.06
N TYR A 22 0.25 -4.41 2.86
CA TYR A 22 0.53 -5.61 2.16
C TYR A 22 1.53 -5.43 1.08
N GLU A 23 2.07 -6.52 0.67
CA GLU A 23 3.14 -6.55 -0.25
C GLU A 23 2.68 -6.14 -1.61
N VAL A 24 3.50 -5.43 -2.27
CA VAL A 24 3.22 -5.05 -3.59
C VAL A 24 3.97 -5.99 -4.51
N GLU A 25 3.18 -6.82 -5.16
CA GLU A 25 3.71 -7.79 -6.09
C GLU A 25 4.16 -7.00 -7.29
N ASP A 26 3.23 -6.21 -7.85
CA ASP A 26 3.51 -5.23 -8.91
C ASP A 26 2.20 -4.55 -9.26
N ILE A 27 2.23 -3.61 -10.16
CA ILE A 27 1.05 -2.89 -10.56
C ILE A 27 0.49 -3.59 -11.79
N LEU A 28 -0.80 -3.64 -11.91
CA LEU A 28 -1.41 -4.31 -13.04
C LEU A 28 -1.97 -3.33 -14.05
N ALA A 29 -2.36 -2.15 -13.58
CA ALA A 29 -2.89 -1.09 -14.42
C ALA A 29 -3.03 0.17 -13.59
N ASP A 30 -3.46 1.24 -14.20
CA ASP A 30 -3.61 2.51 -13.52
C ASP A 30 -4.87 3.22 -13.94
N ARG A 31 -5.25 4.25 -13.19
CA ARG A 31 -6.48 4.99 -13.38
C ARG A 31 -6.35 6.32 -12.61
N VAL A 32 -7.29 7.21 -12.76
CA VAL A 32 -7.25 8.48 -12.11
C VAL A 32 -8.63 8.84 -11.56
N ASN A 33 -8.66 9.48 -10.39
CA ASN A 33 -9.93 9.92 -9.80
C ASN A 33 -10.34 11.22 -10.47
N LYS A 34 -11.49 11.73 -10.10
CA LYS A 34 -11.93 13.02 -10.60
C LYS A 34 -11.41 14.10 -9.67
N ASN A 35 -11.09 13.66 -8.46
CA ASN A 35 -10.62 14.53 -7.38
C ASN A 35 -9.21 15.06 -7.65
N GLY A 36 -8.48 14.37 -8.52
CA GLY A 36 -7.13 14.80 -8.85
C GLY A 36 -6.08 13.90 -8.24
N ILE A 37 -6.48 12.71 -7.85
CA ILE A 37 -5.57 11.75 -7.28
C ILE A 37 -5.47 10.60 -8.23
N ASN A 38 -4.30 10.07 -8.44
CA ASN A 38 -4.16 8.91 -9.29
C ASN A 38 -4.36 7.66 -8.46
N GLU A 39 -4.83 6.62 -9.08
CA GLU A 39 -5.10 5.35 -8.42
C GLU A 39 -4.64 4.23 -9.32
N TYR A 40 -4.24 3.13 -8.75
CA TYR A 40 -3.65 2.10 -9.55
C TYR A 40 -4.17 0.74 -9.13
N TYR A 41 -4.21 -0.16 -10.08
CA TYR A 41 -4.62 -1.53 -9.84
C TYR A 41 -3.42 -2.28 -9.27
N ILE A 42 -3.39 -2.42 -7.99
CA ILE A 42 -2.24 -2.99 -7.31
C ILE A 42 -2.49 -4.45 -7.04
N LYS A 43 -1.53 -5.29 -7.34
CA LYS A 43 -1.63 -6.66 -6.94
C LYS A 43 -0.86 -6.90 -5.68
N TRP A 44 -1.57 -7.01 -4.63
CA TRP A 44 -0.98 -7.25 -3.35
C TRP A 44 -0.53 -8.70 -3.24
N ALA A 45 0.70 -8.89 -2.92
CA ALA A 45 1.24 -10.19 -2.72
C ALA A 45 1.05 -10.57 -1.28
N GLY A 46 1.07 -11.84 -0.99
CA GLY A 46 0.87 -12.28 0.37
C GLY A 46 -0.58 -12.62 0.62
N TYR A 47 -1.47 -12.04 -0.14
CA TYR A 47 -2.87 -12.31 0.01
C TYR A 47 -3.32 -13.20 -1.08
N ASP A 48 -4.57 -13.49 -1.02
CA ASP A 48 -5.25 -14.31 -2.06
C ASP A 48 -5.06 -13.71 -3.46
N TRP A 49 -5.02 -14.55 -4.46
CA TRP A 49 -4.74 -14.16 -5.84
C TRP A 49 -5.79 -13.19 -6.42
N TYR A 50 -6.97 -13.20 -5.85
CA TYR A 50 -8.08 -12.37 -6.31
C TYR A 50 -8.20 -11.10 -5.46
N ASP A 51 -7.13 -10.72 -4.80
CA ASP A 51 -7.17 -9.65 -3.82
C ASP A 51 -6.87 -8.28 -4.39
N ASN A 52 -6.29 -8.25 -5.56
CA ASN A 52 -5.89 -7.01 -6.24
C ASN A 52 -7.02 -5.97 -6.27
N THR A 53 -6.66 -4.71 -6.10
CA THR A 53 -7.65 -3.66 -6.00
C THR A 53 -7.09 -2.40 -6.60
N TRP A 54 -7.92 -1.40 -6.71
CA TRP A 54 -7.46 -0.09 -7.09
C TRP A 54 -7.22 0.67 -5.82
N GLU A 55 -6.10 1.31 -5.73
CA GLU A 55 -5.80 2.08 -4.56
C GLU A 55 -5.19 3.41 -5.02
N PRO A 56 -5.35 4.52 -4.28
CA PRO A 56 -4.75 5.80 -4.64
C PRO A 56 -3.28 5.83 -4.25
N GLU A 57 -2.51 6.75 -4.85
CA GLU A 57 -1.05 6.84 -4.62
C GLU A 57 -0.70 7.07 -3.14
N GLN A 58 -1.63 7.66 -2.40
CA GLN A 58 -1.45 7.93 -0.98
C GLN A 58 -1.17 6.63 -0.19
N ASN A 59 -1.73 5.52 -0.65
CA ASN A 59 -1.52 4.23 -0.02
C ASN A 59 -0.25 3.54 -0.53
N LEU A 60 0.31 4.06 -1.61
CA LEU A 60 1.50 3.51 -2.28
C LEU A 60 2.76 4.14 -1.74
N PHE A 61 2.64 4.75 -0.57
CA PHE A 61 3.72 5.48 0.11
C PHE A 61 5.02 4.64 0.25
N GLY A 62 4.87 3.32 0.36
CA GLY A 62 6.02 2.47 0.47
C GLY A 62 6.47 1.94 -0.88
N ALA A 63 5.52 1.73 -1.76
CA ALA A 63 5.77 1.18 -3.06
C ALA A 63 6.02 2.25 -4.10
N GLU A 64 6.59 3.36 -3.67
CA GLU A 64 6.84 4.48 -4.52
C GLU A 64 7.72 4.17 -5.73
N LYS A 65 8.80 3.48 -5.49
CA LYS A 65 9.76 3.10 -6.51
C LYS A 65 9.07 2.23 -7.57
N VAL A 66 8.36 1.23 -7.09
CA VAL A 66 7.67 0.27 -7.92
C VAL A 66 6.57 0.95 -8.75
N LEU A 67 5.84 1.84 -8.13
CA LEU A 67 4.78 2.58 -8.79
C LEU A 67 5.33 3.56 -9.82
N LYS A 68 6.33 4.32 -9.43
CA LYS A 68 6.96 5.26 -10.33
C LYS A 68 7.59 4.55 -11.51
N LYS A 69 8.16 3.36 -11.27
CA LYS A 69 8.66 2.48 -12.34
C LYS A 69 7.52 2.21 -13.34
N TRP A 70 6.36 1.82 -12.80
CA TRP A 70 5.20 1.52 -13.62
C TRP A 70 4.81 2.72 -14.44
N LYS A 71 4.50 3.81 -13.78
CA LYS A 71 4.04 5.00 -14.45
C LYS A 71 5.10 5.62 -15.37
N LYS A 72 6.36 5.36 -15.10
CA LYS A 72 7.41 5.80 -15.98
C LYS A 72 7.28 5.03 -17.30
N ARG A 73 6.86 3.76 -17.21
CA ARG A 73 6.56 2.99 -18.42
C ARG A 73 5.16 3.26 -19.01
N LYS A 74 4.22 3.66 -18.17
CA LYS A 74 2.88 4.01 -18.63
C LYS A 74 2.45 5.30 -17.97
N LYS A 75 2.71 6.41 -18.60
CA LYS A 75 2.31 7.67 -18.04
C LYS A 75 0.80 7.84 -18.25
N ALA B 1 16.62 -11.98 -6.03
CA ALA B 1 15.57 -12.23 -5.03
C ALA B 1 14.64 -11.06 -5.05
N ARG B 2 13.45 -11.20 -4.49
CA ARG B 2 12.52 -10.10 -4.45
C ARG B 2 12.59 -9.41 -3.12
N THR B 3 13.15 -8.24 -3.10
CA THR B 3 13.08 -7.41 -1.95
C THR B 3 11.65 -6.88 -1.95
N LYS B 4 10.88 -7.15 -0.92
CA LYS B 4 9.49 -6.82 -1.01
C LYS B 4 9.19 -5.38 -0.67
N GLN B 5 8.58 -4.71 -1.60
CA GLN B 5 8.11 -3.38 -1.42
C GLN B 5 6.66 -3.55 -1.04
N THR B 6 6.14 -2.78 -0.14
CA THR B 6 4.78 -3.00 0.26
C THR B 6 4.04 -1.66 0.31
N ALA B 7 2.73 -1.72 0.35
CA ALA B 7 1.93 -0.54 0.40
C ALA B 7 0.69 -0.81 1.24
N ARG B 8 -0.05 0.22 1.50
CA ARG B 8 -1.16 0.22 2.46
C ARG B 8 -2.28 -0.79 2.17
N SER B 10 -6.25 0.08 1.37
CA SER B 10 -7.17 0.70 2.27
C SER B 10 -8.18 -0.34 2.78
N THR B 11 -7.96 -0.76 4.00
CA THR B 11 -8.79 -1.74 4.63
C THR B 11 -10.00 -1.03 5.24
N GLY B 12 -11.18 -1.36 4.75
CA GLY B 12 -12.37 -0.77 5.26
C GLY B 12 -13.49 -0.76 4.25
N GLY B 13 -13.19 -0.37 3.03
CA GLY B 13 -14.21 -0.30 2.04
C GLY B 13 -13.74 -0.74 0.68
N LYS B 14 -13.70 -2.03 0.48
CA LYS B 14 -13.34 -2.60 -0.82
C LYS B 14 -14.37 -3.65 -1.18
N ALA B 15 -15.46 -3.19 -1.79
CA ALA B 15 -16.55 -4.04 -2.19
C ALA B 15 -17.37 -3.29 -3.21
N PRO B 16 -18.08 -3.99 -4.12
CA PRO B 16 -18.95 -3.33 -5.10
C PRO B 16 -20.16 -2.73 -4.42
N ARG B 17 -20.15 -1.44 -4.25
CA ARG B 17 -21.22 -0.73 -3.63
C ARG B 17 -21.42 0.60 -4.32
N TYR B 18 -22.38 1.34 -3.85
CA TYR B 18 -22.60 2.68 -4.25
C TYR B 18 -22.46 3.50 -3.00
N MET A 1 10.96 32.64 15.51
CA MET A 1 9.89 32.43 16.50
C MET A 1 10.26 31.24 17.32
N VAL A 2 9.56 31.02 18.41
CA VAL A 2 9.81 29.85 19.22
C VAL A 2 9.00 28.69 18.62
N SER A 3 9.64 27.56 18.46
CA SER A 3 8.99 26.43 17.87
C SER A 3 9.52 25.14 18.51
N VAL A 4 8.64 24.41 19.13
CA VAL A 4 9.01 23.20 19.81
C VAL A 4 8.79 22.06 18.85
N LYS A 5 9.81 21.28 18.68
CA LYS A 5 9.79 20.20 17.74
C LYS A 5 9.77 18.88 18.50
N PRO A 6 9.30 17.79 17.89
CA PRO A 6 9.24 16.50 18.54
C PRO A 6 10.60 15.79 18.59
N LEU A 7 11.03 15.50 19.78
CA LEU A 7 12.26 14.74 19.97
C LEU A 7 11.92 13.26 19.88
N PRO A 8 12.90 12.39 19.56
CA PRO A 8 12.67 10.95 19.49
C PRO A 8 12.38 10.33 20.86
N ASP A 9 11.11 10.35 21.23
CA ASP A 9 10.61 9.69 22.46
C ASP A 9 10.34 8.24 22.16
N ILE A 10 9.90 8.01 20.94
CA ILE A 10 9.60 6.68 20.46
C ILE A 10 10.91 6.00 20.07
N ASP A 11 11.00 4.71 20.35
CA ASP A 11 12.19 3.90 20.06
C ASP A 11 12.56 3.90 18.55
N SER A 12 13.81 3.60 18.28
CA SER A 12 14.37 3.68 16.95
C SER A 12 14.18 2.39 16.14
N ASN A 13 13.74 1.30 16.76
CA ASN A 13 13.59 0.05 16.02
C ASN A 13 12.36 0.07 15.12
N GLU A 14 12.60 0.40 13.88
CA GLU A 14 11.56 0.41 12.87
C GLU A 14 11.52 -0.94 12.18
N GLY A 15 10.54 -1.14 11.33
CA GLY A 15 10.41 -2.39 10.66
C GLY A 15 9.41 -2.33 9.55
N GLU A 16 8.53 -3.30 9.53
CA GLU A 16 7.54 -3.42 8.49
C GLU A 16 6.15 -3.08 9.05
N THR A 17 5.30 -2.62 8.19
CA THR A 17 4.00 -2.12 8.53
C THR A 17 2.85 -3.06 8.13
N ASP A 18 3.15 -4.38 7.95
CA ASP A 18 2.19 -5.39 7.38
C ASP A 18 0.80 -5.39 8.04
N ALA A 19 0.73 -4.99 9.29
CA ALA A 19 -0.53 -4.97 10.06
C ALA A 19 -1.65 -4.17 9.36
N ASP A 20 -1.28 -3.13 8.62
CA ASP A 20 -2.25 -2.30 7.87
C ASP A 20 -1.74 -2.12 6.45
N VAL A 21 -0.78 -2.96 6.08
CA VAL A 21 -0.04 -2.78 4.85
C VAL A 21 0.30 -4.13 4.20
N TYR A 22 -0.13 -4.34 2.99
CA TYR A 22 0.14 -5.59 2.33
C TYR A 22 1.19 -5.40 1.26
N GLU A 23 1.79 -6.49 0.85
CA GLU A 23 2.89 -6.45 -0.08
C GLU A 23 2.42 -6.08 -1.46
N VAL A 24 3.20 -5.32 -2.13
CA VAL A 24 2.93 -4.94 -3.47
C VAL A 24 3.76 -5.81 -4.40
N GLU A 25 3.07 -6.69 -5.09
CA GLU A 25 3.68 -7.56 -6.06
C GLU A 25 4.07 -6.69 -7.26
N ASP A 26 3.07 -5.97 -7.81
CA ASP A 26 3.29 -4.97 -8.88
C ASP A 26 1.94 -4.35 -9.23
N ILE A 27 1.96 -3.39 -10.13
CA ILE A 27 0.77 -2.70 -10.55
C ILE A 27 0.27 -3.39 -11.81
N LEU A 28 -1.02 -3.49 -11.99
CA LEU A 28 -1.57 -4.14 -13.17
C LEU A 28 -2.08 -3.13 -14.18
N ALA A 29 -2.52 -1.98 -13.68
CA ALA A 29 -3.00 -0.87 -14.49
C ALA A 29 -3.22 0.30 -13.57
N ASP A 30 -3.59 1.45 -14.11
CA ASP A 30 -3.84 2.59 -13.28
C ASP A 30 -5.02 3.40 -13.75
N ARG A 31 -5.37 4.40 -12.98
CA ARG A 31 -6.49 5.27 -13.27
C ARG A 31 -6.32 6.52 -12.39
N VAL A 32 -7.14 7.51 -12.58
CA VAL A 32 -7.03 8.73 -11.84
C VAL A 32 -8.41 9.20 -11.40
N ASN A 33 -8.51 9.76 -10.20
CA ASN A 33 -9.79 10.26 -9.70
C ASN A 33 -10.02 11.62 -10.30
N LYS A 34 -11.17 12.20 -9.99
CA LYS A 34 -11.47 13.57 -10.41
C LYS A 34 -10.95 14.50 -9.33
N ASN A 35 -10.74 13.93 -8.15
CA ASN A 35 -10.31 14.65 -6.97
C ASN A 35 -8.87 15.11 -7.07
N GLY A 36 -8.10 14.46 -7.95
CA GLY A 36 -6.71 14.84 -8.13
C GLY A 36 -5.76 13.83 -7.53
N ILE A 37 -6.26 12.64 -7.28
CA ILE A 37 -5.45 11.57 -6.73
C ILE A 37 -5.38 10.48 -7.76
N ASN A 38 -4.24 9.86 -7.93
CA ASN A 38 -4.13 8.73 -8.83
C ASN A 38 -4.54 7.48 -8.08
N GLU A 39 -4.96 6.49 -8.79
CA GLU A 39 -5.34 5.22 -8.20
C GLU A 39 -4.81 4.11 -9.08
N TYR A 40 -4.51 2.99 -8.51
CA TYR A 40 -3.85 1.95 -9.27
C TYR A 40 -4.41 0.60 -8.96
N TYR A 41 -4.38 -0.27 -9.94
CA TYR A 41 -4.77 -1.65 -9.78
C TYR A 41 -3.57 -2.37 -9.18
N ILE A 42 -3.58 -2.56 -7.90
CA ILE A 42 -2.45 -3.14 -7.19
C ILE A 42 -2.66 -4.61 -6.99
N LYS A 43 -1.67 -5.39 -7.31
CA LYS A 43 -1.71 -6.78 -7.01
C LYS A 43 -0.96 -7.04 -5.74
N TRP A 44 -1.67 -7.25 -4.70
CA TRP A 44 -1.11 -7.45 -3.40
C TRP A 44 -0.51 -8.86 -3.29
N ALA A 45 0.72 -8.93 -2.92
CA ALA A 45 1.37 -10.18 -2.73
C ALA A 45 1.11 -10.60 -1.30
N GLY A 46 1.20 -11.87 -1.04
CA GLY A 46 0.92 -12.35 0.28
C GLY A 46 -0.52 -12.81 0.41
N TYR A 47 -1.39 -12.26 -0.41
CA TYR A 47 -2.78 -12.63 -0.37
C TYR A 47 -3.07 -13.52 -1.52
N ASP A 48 -4.30 -13.90 -1.58
CA ASP A 48 -4.82 -14.71 -2.69
C ASP A 48 -4.58 -14.02 -4.04
N TRP A 49 -4.38 -14.80 -5.08
CA TRP A 49 -4.03 -14.31 -6.40
C TRP A 49 -5.13 -13.43 -7.03
N TYR A 50 -6.36 -13.60 -6.57
CA TYR A 50 -7.50 -12.87 -7.09
C TYR A 50 -7.85 -11.68 -6.19
N ASP A 51 -6.89 -11.21 -5.40
CA ASP A 51 -7.16 -10.22 -4.37
C ASP A 51 -6.98 -8.78 -4.85
N ASN A 52 -6.28 -8.62 -5.96
CA ASN A 52 -5.91 -7.33 -6.51
C ASN A 52 -7.08 -6.32 -6.58
N THR A 53 -6.78 -5.06 -6.29
CA THR A 53 -7.80 -4.05 -6.19
C THR A 53 -7.26 -2.72 -6.65
N TRP A 54 -8.12 -1.74 -6.75
CA TRP A 54 -7.70 -0.39 -7.04
C TRP A 54 -7.51 0.33 -5.73
N GLU A 55 -6.43 1.02 -5.56
CA GLU A 55 -6.20 1.75 -4.36
C GLU A 55 -5.65 3.11 -4.77
N PRO A 56 -5.90 4.20 -4.01
CA PRO A 56 -5.33 5.49 -4.34
C PRO A 56 -3.83 5.54 -4.03
N GLU A 57 -3.17 6.48 -4.67
CA GLU A 57 -1.73 6.66 -4.59
C GLU A 57 -1.27 6.94 -3.15
N GLN A 58 -2.17 7.49 -2.34
CA GLN A 58 -1.90 7.80 -0.93
C GLN A 58 -1.55 6.52 -0.14
N ASN A 59 -2.04 5.38 -0.60
CA ASN A 59 -1.75 4.11 0.06
C ASN A 59 -0.45 3.49 -0.42
N LEU A 60 0.10 4.02 -1.50
CA LEU A 60 1.30 3.48 -2.18
C LEU A 60 2.58 4.10 -1.65
N PHE A 61 2.48 4.69 -0.47
CA PHE A 61 3.58 5.41 0.20
C PHE A 61 4.88 4.55 0.30
N GLY A 62 4.72 3.24 0.41
CA GLY A 62 5.86 2.37 0.51
C GLY A 62 6.27 1.82 -0.84
N ALA A 63 5.35 1.76 -1.76
CA ALA A 63 5.57 1.18 -3.04
C ALA A 63 5.85 2.22 -4.11
N GLU A 64 6.41 3.33 -3.72
CA GLU A 64 6.76 4.41 -4.63
C GLU A 64 7.75 3.96 -5.70
N LYS A 65 8.68 3.11 -5.31
CA LYS A 65 9.68 2.55 -6.23
C LYS A 65 8.98 1.79 -7.36
N VAL A 66 8.09 0.90 -6.95
CA VAL A 66 7.35 0.04 -7.85
C VAL A 66 6.35 0.84 -8.68
N LEU A 67 5.67 1.74 -8.03
CA LEU A 67 4.66 2.55 -8.65
C LEU A 67 5.24 3.49 -9.69
N LYS A 68 6.26 4.22 -9.32
CA LYS A 68 6.92 5.12 -10.21
C LYS A 68 7.55 4.37 -11.38
N LYS A 69 8.09 3.18 -11.10
CA LYS A 69 8.60 2.28 -12.13
C LYS A 69 7.50 2.02 -13.18
N TRP A 70 6.28 1.77 -12.71
CA TRP A 70 5.15 1.55 -13.60
C TRP A 70 4.87 2.79 -14.45
N LYS A 71 4.54 3.89 -13.79
CA LYS A 71 4.11 5.09 -14.47
C LYS A 71 5.20 5.72 -15.35
N LYS A 72 6.45 5.46 -15.03
CA LYS A 72 7.53 5.96 -15.83
C LYS A 72 7.72 5.09 -17.07
N ARG A 73 7.73 3.77 -16.89
CA ARG A 73 7.96 2.84 -17.98
C ARG A 73 6.74 2.57 -18.86
N LYS A 74 5.55 2.77 -18.34
CA LYS A 74 4.36 2.50 -19.12
C LYS A 74 4.00 3.76 -19.89
N LYS A 75 4.45 3.82 -21.10
CA LYS A 75 4.06 4.85 -22.02
C LYS A 75 3.09 4.26 -22.97
N ALA B 1 15.43 -12.07 -2.30
CA ALA B 1 15.42 -11.36 -1.01
C ALA B 1 13.99 -11.16 -0.58
N ARG B 2 13.77 -10.85 0.69
CA ARG B 2 12.42 -10.59 1.18
C ARG B 2 12.22 -9.13 1.51
N THR B 3 13.14 -8.32 1.04
CA THR B 3 13.01 -6.90 1.11
C THR B 3 11.90 -6.54 0.11
N LYS B 4 10.72 -6.39 0.60
CA LYS B 4 9.56 -6.28 -0.21
C LYS B 4 9.03 -4.87 -0.24
N GLN B 5 8.29 -4.55 -1.28
CA GLN B 5 7.68 -3.25 -1.37
C GLN B 5 6.26 -3.46 -0.99
N THR B 6 5.69 -2.61 -0.19
CA THR B 6 4.36 -2.85 0.25
C THR B 6 3.55 -1.53 0.23
N ALA B 7 2.23 -1.64 0.31
CA ALA B 7 1.35 -0.50 0.37
C ALA B 7 0.16 -0.87 1.23
N ARG B 8 -0.69 0.07 1.57
CA ARG B 8 -1.76 -0.21 2.56
C ARG B 8 -2.77 -1.32 2.21
N SER B 10 -6.54 -0.22 1.70
CA SER B 10 -7.31 0.53 2.64
C SER B 10 -8.43 -0.32 3.25
N THR B 11 -8.14 -0.86 4.40
CA THR B 11 -9.06 -1.66 5.14
C THR B 11 -9.92 -0.75 6.05
N GLY B 12 -10.78 -1.36 6.84
CA GLY B 12 -11.63 -0.62 7.73
C GLY B 12 -13.00 -0.39 7.13
N GLY B 13 -13.06 0.47 6.14
CA GLY B 13 -14.31 0.78 5.52
C GLY B 13 -14.15 1.00 4.04
N LYS B 14 -14.14 -0.08 3.30
CA LYS B 14 -14.02 -0.01 1.86
C LYS B 14 -14.79 -1.16 1.24
N ALA B 15 -15.97 -0.86 0.77
CA ALA B 15 -16.82 -1.85 0.14
C ALA B 15 -17.68 -1.17 -0.91
N PRO B 16 -17.84 -1.77 -2.10
CA PRO B 16 -18.68 -1.20 -3.15
C PRO B 16 -20.16 -1.38 -2.79
N ARG B 17 -20.87 -0.29 -2.72
CA ARG B 17 -22.27 -0.33 -2.40
C ARG B 17 -23.09 0.58 -3.25
N TYR B 18 -24.26 0.09 -3.54
CA TYR B 18 -25.30 0.83 -4.16
C TYR B 18 -26.53 0.42 -3.39
N MET A 1 9.48 29.13 32.23
CA MET A 1 9.02 28.50 33.47
C MET A 1 9.86 27.25 33.58
N VAL A 2 10.14 26.77 34.77
CA VAL A 2 10.95 25.57 34.92
C VAL A 2 10.02 24.38 34.94
N SER A 3 9.64 23.97 33.76
CA SER A 3 8.74 22.88 33.60
C SER A 3 9.42 21.74 32.86
N VAL A 4 9.92 20.79 33.61
CA VAL A 4 10.59 19.65 33.04
C VAL A 4 9.72 18.43 33.24
N LYS A 5 9.46 17.71 32.18
CA LYS A 5 8.64 16.53 32.27
C LYS A 5 9.55 15.31 32.08
N PRO A 6 9.10 14.08 32.46
CA PRO A 6 9.87 12.85 32.26
C PRO A 6 10.26 12.58 30.77
N LEU A 7 11.03 11.54 30.60
CA LEU A 7 11.61 11.14 29.33
C LEU A 7 10.58 10.37 28.50
N PRO A 8 10.79 10.23 27.13
CA PRO A 8 9.90 9.58 26.15
C PRO A 8 8.74 8.77 26.71
N ASP A 9 7.57 9.34 26.49
CA ASP A 9 6.29 8.86 27.00
C ASP A 9 5.76 7.77 26.08
N ILE A 10 6.39 7.64 24.93
CA ILE A 10 5.99 6.69 23.92
C ILE A 10 6.92 5.48 24.01
N ASP A 11 6.35 4.30 23.86
CA ASP A 11 7.09 3.04 23.91
C ASP A 11 7.98 2.89 22.64
N SER A 12 8.90 1.96 22.68
CA SER A 12 9.86 1.80 21.63
C SER A 12 9.49 0.63 20.67
N ASN A 13 8.55 -0.23 21.05
CA ASN A 13 8.23 -1.36 20.18
C ASN A 13 6.76 -1.40 19.80
N GLU A 14 6.52 -1.80 18.58
CA GLU A 14 5.19 -1.92 18.02
C GLU A 14 4.94 -3.36 17.60
N GLY A 15 3.72 -3.65 17.18
CA GLY A 15 3.38 -5.00 16.80
C GLY A 15 3.66 -5.27 15.33
N GLU A 16 2.69 -5.80 14.62
CA GLU A 16 2.88 -6.09 13.21
C GLU A 16 2.04 -5.06 12.43
N THR A 17 2.48 -4.73 11.24
CA THR A 17 1.87 -3.66 10.50
C THR A 17 1.04 -4.12 9.26
N ASP A 18 0.88 -5.45 9.05
CA ASP A 18 0.16 -6.00 7.82
C ASP A 18 -1.22 -5.36 7.65
N ALA A 19 -1.87 -5.05 8.77
CA ALA A 19 -3.19 -4.42 8.79
C ALA A 19 -3.21 -3.12 7.98
N ASP A 20 -2.07 -2.47 7.88
CA ASP A 20 -2.02 -1.26 7.14
C ASP A 20 -0.85 -1.26 6.16
N VAL A 21 -0.27 -2.44 5.93
CA VAL A 21 0.80 -2.61 4.93
C VAL A 21 0.77 -4.03 4.33
N TYR A 22 0.48 -4.13 3.06
CA TYR A 22 0.60 -5.39 2.36
C TYR A 22 1.70 -5.34 1.32
N GLU A 23 2.17 -6.48 0.89
CA GLU A 23 3.26 -6.57 -0.05
C GLU A 23 2.78 -6.17 -1.46
N VAL A 24 3.57 -5.44 -2.17
CA VAL A 24 3.24 -5.05 -3.53
C VAL A 24 4.07 -5.84 -4.50
N GLU A 25 3.43 -6.73 -5.21
CA GLU A 25 4.13 -7.50 -6.22
C GLU A 25 4.45 -6.57 -7.40
N ASP A 26 3.42 -5.91 -7.94
CA ASP A 26 3.60 -4.96 -9.06
C ASP A 26 2.24 -4.35 -9.41
N ILE A 27 2.22 -3.41 -10.32
CA ILE A 27 1.02 -2.70 -10.71
C ILE A 27 0.46 -3.40 -11.94
N LEU A 28 -0.83 -3.45 -12.03
CA LEU A 28 -1.50 -4.07 -13.15
C LEU A 28 -2.08 -3.03 -14.10
N ALA A 29 -2.44 -1.85 -13.55
CA ALA A 29 -2.99 -0.76 -14.34
C ALA A 29 -3.09 0.49 -13.47
N ASP A 30 -3.53 1.59 -14.04
CA ASP A 30 -3.63 2.87 -13.35
C ASP A 30 -4.90 3.57 -13.74
N ARG A 31 -5.27 4.58 -12.95
CA ARG A 31 -6.38 5.46 -13.27
C ARG A 31 -6.36 6.66 -12.32
N VAL A 32 -7.18 7.66 -12.60
CA VAL A 32 -7.25 8.87 -11.80
C VAL A 32 -8.72 9.19 -11.53
N ASN A 33 -9.01 9.63 -10.32
CA ASN A 33 -10.38 9.98 -9.94
C ASN A 33 -10.65 11.39 -10.36
N LYS A 34 -11.85 11.85 -10.11
CA LYS A 34 -12.19 13.23 -10.41
C LYS A 34 -11.96 14.07 -9.17
N ASN A 35 -11.91 13.37 -8.04
CA ASN A 35 -11.67 13.95 -6.73
C ASN A 35 -10.23 14.46 -6.60
N GLY A 36 -9.35 13.93 -7.44
CA GLY A 36 -7.97 14.39 -7.43
C GLY A 36 -7.03 13.36 -6.85
N ILE A 37 -7.42 12.11 -6.85
CA ILE A 37 -6.56 11.07 -6.35
C ILE A 37 -6.19 10.15 -7.50
N ASN A 38 -4.93 9.76 -7.55
CA ASN A 38 -4.47 8.79 -8.53
C ASN A 38 -4.61 7.43 -7.89
N GLU A 39 -4.96 6.43 -8.66
CA GLU A 39 -5.30 5.10 -8.14
C GLU A 39 -4.65 4.07 -9.05
N TYR A 40 -4.20 2.96 -8.51
CA TYR A 40 -3.58 1.94 -9.33
C TYR A 40 -4.11 0.59 -8.97
N TYR A 41 -4.15 -0.29 -9.94
CA TYR A 41 -4.58 -1.66 -9.76
C TYR A 41 -3.38 -2.43 -9.21
N ILE A 42 -3.36 -2.67 -7.92
CA ILE A 42 -2.20 -3.27 -7.26
C ILE A 42 -2.38 -4.77 -7.06
N LYS A 43 -1.35 -5.53 -7.39
CA LYS A 43 -1.33 -6.94 -7.10
C LYS A 43 -0.55 -7.17 -5.81
N TRP A 44 -1.27 -7.37 -4.75
CA TRP A 44 -0.73 -7.55 -3.43
C TRP A 44 -0.17 -8.95 -3.27
N ALA A 45 1.04 -9.03 -2.89
CA ALA A 45 1.66 -10.29 -2.65
C ALA A 45 1.38 -10.69 -1.22
N GLY A 46 1.44 -11.96 -0.95
CA GLY A 46 1.15 -12.42 0.38
C GLY A 46 -0.30 -12.79 0.55
N TYR A 47 -1.17 -12.20 -0.26
CA TYR A 47 -2.59 -12.46 -0.15
C TYR A 47 -3.03 -13.37 -1.25
N ASP A 48 -4.30 -13.64 -1.19
CA ASP A 48 -5.05 -14.45 -2.15
C ASP A 48 -4.89 -13.92 -3.54
N TRP A 49 -4.96 -14.80 -4.52
CA TRP A 49 -4.90 -14.41 -5.95
C TRP A 49 -6.06 -13.45 -6.34
N TYR A 50 -7.06 -13.42 -5.48
CA TYR A 50 -8.28 -12.65 -5.67
C TYR A 50 -8.15 -11.29 -4.92
N ASP A 51 -6.94 -10.87 -4.67
CA ASP A 51 -6.64 -9.72 -3.82
C ASP A 51 -6.56 -8.40 -4.57
N ASN A 52 -6.33 -8.44 -5.88
CA ASN A 52 -6.12 -7.23 -6.64
C ASN A 52 -7.24 -6.22 -6.49
N THR A 53 -6.86 -4.99 -6.28
CA THR A 53 -7.78 -3.93 -6.12
C THR A 53 -7.09 -2.64 -6.51
N TRP A 54 -7.82 -1.57 -6.51
CA TRP A 54 -7.28 -0.28 -6.75
C TRP A 54 -6.86 0.30 -5.42
N GLU A 55 -5.74 0.95 -5.41
CA GLU A 55 -5.16 1.54 -4.24
C GLU A 55 -4.76 2.95 -4.63
N PRO A 56 -4.79 3.92 -3.71
CA PRO A 56 -4.38 5.27 -4.04
C PRO A 56 -2.88 5.45 -4.02
N GLU A 57 -2.42 6.48 -4.72
CA GLU A 57 -1.01 6.81 -4.80
C GLU A 57 -0.44 7.16 -3.42
N GLN A 58 -1.31 7.69 -2.58
CA GLN A 58 -0.96 8.07 -1.21
C GLN A 58 -0.45 6.86 -0.42
N ASN A 59 -0.96 5.68 -0.74
CA ASN A 59 -0.60 4.48 -0.03
C ASN A 59 0.65 3.80 -0.62
N LEU A 60 1.15 4.33 -1.73
CA LEU A 60 2.27 3.72 -2.48
C LEU A 60 3.63 4.21 -2.02
N PHE A 61 3.68 4.77 -0.82
CA PHE A 61 4.90 5.36 -0.24
C PHE A 61 6.10 4.35 -0.26
N GLY A 62 5.81 3.05 -0.15
CA GLY A 62 6.87 2.06 -0.17
C GLY A 62 7.09 1.51 -1.56
N ALA A 63 6.08 1.62 -2.40
CA ALA A 63 6.16 1.10 -3.75
C ALA A 63 6.43 2.24 -4.73
N GLU A 64 7.13 3.24 -4.26
CA GLU A 64 7.43 4.45 -5.02
C GLU A 64 8.32 4.10 -6.23
N LYS A 65 9.26 3.19 -6.01
CA LYS A 65 10.15 2.73 -7.06
C LYS A 65 9.36 2.12 -8.22
N VAL A 66 8.43 1.24 -7.87
CA VAL A 66 7.56 0.58 -8.84
C VAL A 66 6.57 1.57 -9.45
N LEU A 67 6.16 2.54 -8.66
CA LEU A 67 5.28 3.63 -9.10
C LEU A 67 5.93 4.36 -10.28
N LYS A 68 7.20 4.73 -10.12
CA LYS A 68 7.96 5.32 -11.21
C LYS A 68 8.11 4.36 -12.37
N LYS A 69 8.37 3.09 -12.06
CA LYS A 69 8.51 2.04 -13.07
C LYS A 69 7.28 1.96 -13.96
N TRP A 70 6.12 1.93 -13.33
CA TRP A 70 4.89 1.84 -14.03
C TRP A 70 4.65 3.06 -14.87
N LYS A 71 4.58 4.22 -14.25
CA LYS A 71 4.28 5.46 -14.94
C LYS A 71 5.34 5.87 -15.99
N LYS A 72 6.54 5.36 -15.85
CA LYS A 72 7.52 5.58 -16.89
C LYS A 72 7.34 4.65 -18.07
N ARG A 73 6.94 3.42 -17.83
CA ARG A 73 6.66 2.52 -18.94
C ARG A 73 5.27 2.73 -19.53
N LYS A 74 4.37 3.26 -18.75
CA LYS A 74 3.04 3.58 -19.19
C LYS A 74 2.71 4.95 -18.71
N LYS A 75 2.75 5.92 -19.58
CA LYS A 75 2.44 7.28 -19.21
C LYS A 75 0.96 7.59 -19.52
N ALA B 1 11.88 -7.62 -8.98
CA ALA B 1 12.93 -6.69 -8.53
C ALA B 1 13.72 -7.37 -7.45
N ARG B 2 14.91 -6.84 -7.11
CA ARG B 2 15.73 -7.43 -6.02
C ARG B 2 15.25 -6.91 -4.67
N THR B 3 14.25 -6.10 -4.73
CA THR B 3 13.62 -5.53 -3.60
C THR B 3 12.15 -5.87 -3.65
N LYS B 4 11.54 -6.08 -2.53
CA LYS B 4 10.13 -6.30 -2.51
C LYS B 4 9.46 -5.16 -1.77
N GLN B 5 8.92 -4.28 -2.55
CA GLN B 5 8.20 -3.11 -2.12
C GLN B 5 6.82 -3.49 -1.58
N THR B 6 6.33 -2.72 -0.65
CA THR B 6 5.03 -2.97 -0.07
C THR B 6 4.26 -1.62 0.01
N ALA B 7 2.95 -1.67 0.23
CA ALA B 7 2.12 -0.47 0.35
C ALA B 7 1.05 -0.73 1.39
N ARG B 8 0.29 0.27 1.73
CA ARG B 8 -0.71 0.18 2.81
C ARG B 8 -1.83 -0.87 2.58
N SER B 10 -5.57 0.36 1.17
CA SER B 10 -6.68 1.12 1.61
C SER B 10 -7.94 0.24 1.60
N THR B 11 -8.20 -0.41 2.70
CA THR B 11 -9.35 -1.25 2.84
C THR B 11 -9.87 -1.14 4.26
N GLY B 12 -11.14 -0.79 4.40
CA GLY B 12 -11.72 -0.67 5.70
C GLY B 12 -11.52 0.71 6.24
N GLY B 13 -10.81 0.81 7.34
CA GLY B 13 -10.56 2.08 7.93
C GLY B 13 -9.19 2.12 8.53
N LYS B 14 -8.40 3.08 8.12
CA LYS B 14 -7.07 3.28 8.65
C LYS B 14 -6.70 4.75 8.67
N ALA B 15 -7.20 5.44 9.66
CA ALA B 15 -6.98 6.84 9.84
C ALA B 15 -6.99 7.12 11.33
N PRO B 16 -6.25 8.14 11.80
CA PRO B 16 -6.21 8.50 13.21
C PRO B 16 -7.47 9.27 13.63
N ARG B 17 -7.60 9.54 14.90
CA ARG B 17 -8.73 10.27 15.39
C ARG B 17 -8.47 11.74 15.36
N TYR B 18 -8.89 12.34 14.32
CA TYR B 18 -8.94 13.75 14.21
C TYR B 18 -10.43 14.05 14.21
N MET A 1 43.70 -15.20 20.84
CA MET A 1 42.48 -15.48 20.08
C MET A 1 41.54 -14.34 20.30
N VAL A 2 40.50 -14.25 19.51
CA VAL A 2 39.52 -13.21 19.63
C VAL A 2 38.24 -13.71 19.01
N SER A 3 37.13 -13.20 19.43
CA SER A 3 35.85 -13.56 18.90
C SER A 3 34.94 -12.37 19.12
N VAL A 4 33.95 -12.21 18.28
CA VAL A 4 33.04 -11.11 18.38
C VAL A 4 31.73 -11.47 17.70
N LYS A 5 30.64 -11.14 18.33
CA LYS A 5 29.34 -11.36 17.77
C LYS A 5 28.77 -10.03 17.38
N PRO A 6 27.80 -9.98 16.45
CA PRO A 6 27.11 -8.73 16.12
C PRO A 6 26.37 -8.16 17.34
N LEU A 7 26.19 -6.87 17.32
CA LEU A 7 25.54 -6.14 18.37
C LEU A 7 24.19 -5.70 17.85
N PRO A 8 23.24 -5.30 18.69
CA PRO A 8 22.03 -4.72 18.19
C PRO A 8 22.32 -3.33 17.64
N ASP A 9 22.80 -3.30 16.39
CA ASP A 9 23.11 -2.08 15.66
C ASP A 9 21.86 -1.60 14.96
N ILE A 10 20.88 -2.49 14.94
CA ILE A 10 19.60 -2.24 14.37
C ILE A 10 18.73 -1.66 15.50
N ASP A 11 17.77 -0.83 15.16
CA ASP A 11 16.91 -0.19 16.15
C ASP A 11 16.04 -1.25 16.87
N SER A 12 15.42 -0.87 17.96
CA SER A 12 14.65 -1.79 18.74
C SER A 12 13.19 -1.83 18.27
N ASN A 13 12.77 -0.84 17.50
CA ASN A 13 11.41 -0.80 17.02
C ASN A 13 11.27 -1.60 15.73
N GLU A 14 11.32 -2.90 15.88
CA GLU A 14 11.13 -3.84 14.81
C GLU A 14 9.78 -4.52 15.02
N GLY A 15 9.14 -4.90 13.95
CA GLY A 15 7.86 -5.52 14.10
C GLY A 15 7.30 -6.00 12.79
N GLU A 16 6.03 -6.29 12.79
CA GLU A 16 5.35 -6.78 11.62
C GLU A 16 4.46 -5.62 11.14
N THR A 17 4.66 -5.17 9.91
CA THR A 17 3.87 -4.07 9.42
C THR A 17 2.88 -4.48 8.31
N ASP A 18 3.05 -5.68 7.77
CA ASP A 18 2.24 -6.19 6.66
C ASP A 18 0.76 -6.26 6.99
N ALA A 19 0.48 -6.50 8.26
CA ALA A 19 -0.89 -6.56 8.78
C ALA A 19 -1.74 -5.33 8.40
N ASP A 20 -1.10 -4.16 8.25
CA ASP A 20 -1.82 -2.92 7.88
C ASP A 20 -1.11 -2.23 6.69
N VAL A 21 -0.20 -2.95 6.08
CA VAL A 21 0.51 -2.49 4.89
C VAL A 21 0.82 -3.72 4.10
N TYR A 22 0.30 -3.90 2.95
CA TYR A 22 0.48 -5.17 2.32
C TYR A 22 1.44 -5.08 1.20
N GLU A 23 1.96 -6.20 0.84
CA GLU A 23 2.99 -6.29 -0.13
C GLU A 23 2.47 -6.03 -1.52
N VAL A 24 3.23 -5.30 -2.24
CA VAL A 24 2.94 -4.99 -3.58
C VAL A 24 3.79 -5.85 -4.45
N GLU A 25 3.17 -6.75 -5.12
CA GLU A 25 3.86 -7.57 -6.08
C GLU A 25 4.25 -6.65 -7.24
N ASP A 26 3.25 -5.95 -7.81
CA ASP A 26 3.48 -4.94 -8.86
C ASP A 26 2.13 -4.34 -9.25
N ILE A 27 2.13 -3.40 -10.18
CA ILE A 27 0.92 -2.70 -10.57
C ILE A 27 0.33 -3.41 -11.79
N LEU A 28 -0.97 -3.51 -11.87
CA LEU A 28 -1.61 -4.19 -12.99
C LEU A 28 -2.20 -3.20 -13.99
N ALA A 29 -2.59 -2.04 -13.49
CA ALA A 29 -3.18 -0.98 -14.30
C ALA A 29 -3.32 0.24 -13.43
N ASP A 30 -3.79 1.32 -13.99
CA ASP A 30 -3.92 2.57 -13.25
C ASP A 30 -5.23 3.23 -13.59
N ARG A 31 -5.52 4.28 -12.89
CA ARG A 31 -6.70 5.05 -13.08
C ARG A 31 -6.50 6.40 -12.41
N VAL A 32 -7.26 7.37 -12.82
CA VAL A 32 -7.22 8.69 -12.26
C VAL A 32 -8.67 9.14 -12.09
N ASN A 33 -8.96 9.82 -11.00
CA ASN A 33 -10.29 10.37 -10.80
C ASN A 33 -10.35 11.72 -11.48
N LYS A 34 -11.49 12.36 -11.46
CA LYS A 34 -11.58 13.69 -12.02
C LYS A 34 -11.25 14.71 -10.93
N ASN A 35 -11.34 14.24 -9.69
CA ASN A 35 -11.02 15.02 -8.52
C ASN A 35 -9.51 15.30 -8.40
N GLY A 36 -8.69 14.48 -9.07
CA GLY A 36 -7.26 14.70 -9.04
C GLY A 36 -6.51 13.65 -8.23
N ILE A 37 -7.09 12.49 -8.06
CA ILE A 37 -6.44 11.43 -7.31
C ILE A 37 -6.13 10.29 -8.27
N ASN A 38 -4.91 9.78 -8.20
CA ASN A 38 -4.51 8.64 -9.02
C ASN A 38 -4.72 7.39 -8.19
N GLU A 39 -5.10 6.31 -8.84
CA GLU A 39 -5.40 5.04 -8.19
C GLU A 39 -4.84 3.93 -9.04
N TYR A 40 -4.43 2.83 -8.46
CA TYR A 40 -3.79 1.79 -9.25
C TYR A 40 -4.29 0.45 -8.86
N TYR A 41 -4.27 -0.46 -9.80
CA TYR A 41 -4.62 -1.82 -9.55
C TYR A 41 -3.40 -2.46 -8.91
N ILE A 42 -3.44 -2.62 -7.63
CA ILE A 42 -2.31 -3.13 -6.90
C ILE A 42 -2.46 -4.61 -6.73
N LYS A 43 -1.44 -5.36 -7.09
CA LYS A 43 -1.48 -6.76 -6.88
C LYS A 43 -0.84 -7.09 -5.55
N TRP A 44 -1.69 -7.31 -4.57
CA TRP A 44 -1.25 -7.56 -3.22
C TRP A 44 -0.69 -8.95 -3.09
N ALA A 45 0.53 -9.02 -2.69
CA ALA A 45 1.16 -10.25 -2.38
C ALA A 45 0.92 -10.50 -0.91
N GLY A 46 0.98 -11.73 -0.51
CA GLY A 46 0.74 -12.06 0.88
C GLY A 46 -0.71 -12.39 1.12
N TYR A 47 -1.59 -11.87 0.28
CA TYR A 47 -2.99 -12.18 0.41
C TYR A 47 -3.37 -13.12 -0.63
N ASP A 48 -4.62 -13.45 -0.61
CA ASP A 48 -5.18 -14.32 -1.67
C ASP A 48 -4.95 -13.68 -3.03
N TRP A 49 -4.69 -14.51 -4.00
CA TRP A 49 -4.33 -14.09 -5.33
C TRP A 49 -5.43 -13.32 -6.04
N TYR A 50 -6.67 -13.54 -5.65
CA TYR A 50 -7.78 -12.85 -6.29
C TYR A 50 -8.26 -11.67 -5.45
N ASP A 51 -7.43 -11.26 -4.51
CA ASP A 51 -7.77 -10.17 -3.60
C ASP A 51 -7.25 -8.84 -4.08
N ASN A 52 -6.29 -8.91 -5.03
CA ASN A 52 -5.71 -7.70 -5.62
C ASN A 52 -6.78 -6.71 -6.08
N THR A 53 -6.58 -5.44 -5.78
CA THR A 53 -7.59 -4.43 -6.02
C THR A 53 -6.95 -3.05 -6.22
N TRP A 54 -7.77 -2.05 -6.46
CA TRP A 54 -7.32 -0.69 -6.74
C TRP A 54 -7.28 0.15 -5.47
N GLU A 55 -6.20 0.88 -5.24
CA GLU A 55 -6.16 1.84 -4.14
C GLU A 55 -5.48 3.14 -4.62
N PRO A 56 -5.73 4.31 -3.96
CA PRO A 56 -5.12 5.57 -4.38
C PRO A 56 -3.60 5.66 -4.12
N GLU A 57 -2.97 6.57 -4.85
CA GLU A 57 -1.50 6.80 -4.88
C GLU A 57 -0.91 7.17 -3.52
N GLN A 58 -1.74 7.74 -2.67
CA GLN A 58 -1.32 8.18 -1.34
C GLN A 58 -0.79 7.03 -0.48
N ASN A 59 -1.30 5.86 -0.73
CA ASN A 59 -0.98 4.67 0.03
C ASN A 59 0.26 3.93 -0.50
N LEU A 60 0.81 4.41 -1.61
CA LEU A 60 1.90 3.74 -2.34
C LEU A 60 3.29 4.17 -1.85
N PHE A 61 3.34 4.75 -0.66
CA PHE A 61 4.58 5.29 -0.05
C PHE A 61 5.73 4.25 -0.01
N GLY A 62 5.40 2.98 0.13
CA GLY A 62 6.42 1.95 0.19
C GLY A 62 6.69 1.36 -1.16
N ALA A 63 5.75 1.54 -2.05
CA ALA A 63 5.79 1.01 -3.39
C ALA A 63 6.19 2.10 -4.36
N GLU A 64 7.01 3.02 -3.86
CA GLU A 64 7.54 4.11 -4.66
C GLU A 64 8.38 3.55 -5.83
N LYS A 65 9.05 2.43 -5.57
CA LYS A 65 9.88 1.77 -6.58
C LYS A 65 9.02 1.42 -7.81
N VAL A 66 7.96 0.66 -7.54
CA VAL A 66 7.03 0.25 -8.57
C VAL A 66 6.19 1.39 -9.13
N LEU A 67 5.83 2.34 -8.28
CA LEU A 67 5.04 3.50 -8.68
C LEU A 67 5.78 4.33 -9.72
N LYS A 68 7.01 4.67 -9.40
CA LYS A 68 7.83 5.41 -10.32
C LYS A 68 8.16 4.61 -11.56
N LYS A 69 8.41 3.31 -11.39
CA LYS A 69 8.66 2.43 -12.54
C LYS A 69 7.48 2.48 -13.51
N TRP A 70 6.27 2.30 -12.95
CA TRP A 70 5.04 2.31 -13.68
C TRP A 70 4.83 3.63 -14.40
N LYS A 71 4.77 4.72 -13.66
CA LYS A 71 4.57 6.04 -14.23
C LYS A 71 5.69 6.48 -15.17
N LYS A 72 6.85 5.92 -15.01
CA LYS A 72 7.92 6.17 -15.95
C LYS A 72 7.59 5.54 -17.30
N ARG A 73 7.12 4.29 -17.29
CA ARG A 73 6.76 3.60 -18.53
C ARG A 73 5.38 3.98 -19.07
N LYS A 74 4.48 4.41 -18.22
CA LYS A 74 3.11 4.72 -18.62
C LYS A 74 2.75 6.12 -18.16
N LYS A 75 2.10 6.87 -19.03
CA LYS A 75 1.63 8.21 -18.71
C LYS A 75 0.14 8.13 -18.48
N ALA B 1 18.17 -10.32 0.05
CA ALA B 1 16.86 -10.38 0.72
C ALA B 1 15.87 -9.68 -0.17
N ARG B 2 14.59 -9.89 0.06
CA ARG B 2 13.58 -9.23 -0.73
C ARG B 2 13.26 -7.86 -0.17
N THR B 3 13.93 -6.86 -0.69
CA THR B 3 13.64 -5.50 -0.37
C THR B 3 12.38 -5.13 -1.14
N LYS B 4 11.27 -5.39 -0.52
CA LYS B 4 10.01 -5.31 -1.18
C LYS B 4 9.39 -3.93 -1.25
N GLN B 5 8.45 -3.84 -2.11
CA GLN B 5 7.60 -2.73 -2.27
C GLN B 5 6.27 -3.12 -1.65
N THR B 6 5.68 -2.26 -0.87
CA THR B 6 4.43 -2.57 -0.23
C THR B 6 3.60 -1.28 -0.21
N ALA B 7 2.31 -1.38 -0.03
CA ALA B 7 1.47 -0.21 0.05
C ALA B 7 0.46 -0.47 1.14
N ARG B 8 -0.30 0.52 1.52
CA ARG B 8 -1.22 0.35 2.67
C ARG B 8 -2.28 -0.72 2.45
N SER B 10 -5.90 0.70 1.34
CA SER B 10 -6.92 1.56 1.84
C SER B 10 -8.24 0.81 1.89
N THR B 11 -8.58 0.36 3.06
CA THR B 11 -9.73 -0.41 3.28
C THR B 11 -10.94 0.49 3.48
N GLY B 12 -11.68 0.64 2.41
CA GLY B 12 -12.87 1.42 2.41
C GLY B 12 -13.64 1.12 1.16
N GLY B 13 -12.95 1.21 0.03
CA GLY B 13 -13.55 0.86 -1.22
C GLY B 13 -14.14 2.06 -1.92
N LYS B 14 -14.80 1.83 -3.02
CA LYS B 14 -15.44 2.85 -3.78
C LYS B 14 -16.65 2.25 -4.46
N ALA B 15 -17.79 2.81 -4.20
CA ALA B 15 -19.03 2.35 -4.78
C ALA B 15 -19.88 3.57 -5.06
N PRO B 16 -20.76 3.51 -6.08
CA PRO B 16 -21.67 4.62 -6.37
C PRO B 16 -22.68 4.82 -5.25
N ARG B 17 -22.44 5.81 -4.43
CA ARG B 17 -23.29 6.11 -3.33
C ARG B 17 -23.79 7.52 -3.40
N TYR B 18 -25.02 7.62 -3.75
CA TYR B 18 -25.72 8.85 -3.67
C TYR B 18 -26.87 8.50 -2.77
N MET A 1 -17.16 -9.06 26.20
CA MET A 1 -17.55 -7.66 26.00
C MET A 1 -16.39 -6.95 25.36
N VAL A 2 -16.65 -6.01 24.49
CA VAL A 2 -15.59 -5.28 23.82
C VAL A 2 -15.25 -4.05 24.66
N SER A 3 -14.01 -3.64 24.62
CA SER A 3 -13.56 -2.48 25.34
C SER A 3 -12.36 -1.88 24.61
N VAL A 4 -12.46 -0.64 24.22
CA VAL A 4 -11.39 0.01 23.50
C VAL A 4 -10.52 0.80 24.46
N LYS A 5 -9.24 0.76 24.22
CA LYS A 5 -8.30 1.48 25.03
C LYS A 5 -7.72 2.62 24.19
N PRO A 6 -7.18 3.67 24.82
CA PRO A 6 -6.50 4.73 24.07
C PRO A 6 -5.26 4.15 23.39
N LEU A 7 -5.23 4.21 22.09
CA LEU A 7 -4.17 3.60 21.36
C LEU A 7 -3.11 4.64 20.94
N PRO A 8 -1.87 4.19 20.72
CA PRO A 8 -0.78 5.04 20.24
C PRO A 8 -0.88 5.25 18.73
N ASP A 9 -0.87 6.50 18.32
CA ASP A 9 -0.95 6.81 16.89
C ASP A 9 0.46 6.65 16.33
N ILE A 10 1.42 7.01 17.14
CA ILE A 10 2.77 6.64 16.89
C ILE A 10 3.12 5.56 17.87
N ASP A 11 3.55 4.44 17.37
CA ASP A 11 3.86 3.32 18.22
C ASP A 11 5.18 3.57 18.95
N SER A 12 5.24 3.12 20.17
CA SER A 12 6.40 3.27 20.99
C SER A 12 7.17 1.94 21.05
N ASN A 13 6.53 0.89 20.59
CA ASN A 13 7.08 -0.44 20.61
C ASN A 13 7.42 -0.84 19.18
N GLU A 14 8.13 -1.92 19.01
CA GLU A 14 8.44 -2.40 17.70
C GLU A 14 7.40 -3.41 17.22
N GLY A 15 7.26 -3.53 15.93
CA GLY A 15 6.34 -4.46 15.38
C GLY A 15 6.44 -4.45 13.88
N GLU A 16 5.52 -5.11 13.25
CA GLU A 16 5.45 -5.14 11.81
C GLU A 16 4.24 -4.31 11.40
N THR A 17 4.29 -3.75 10.23
CA THR A 17 3.27 -2.85 9.78
C THR A 17 2.28 -3.55 8.83
N ASP A 18 2.38 -4.87 8.79
CA ASP A 18 1.60 -5.73 7.86
C ASP A 18 0.09 -5.53 8.05
N ALA A 19 -0.29 -5.23 9.28
CA ALA A 19 -1.68 -5.00 9.66
C ALA A 19 -2.38 -3.93 8.82
N ASP A 20 -1.63 -2.97 8.32
CA ASP A 20 -2.21 -1.91 7.50
C ASP A 20 -1.36 -1.73 6.23
N VAL A 21 -0.50 -2.73 5.96
CA VAL A 21 0.42 -2.67 4.82
C VAL A 21 0.69 -4.06 4.23
N TYR A 22 0.32 -4.28 3.01
CA TYR A 22 0.59 -5.54 2.34
C TYR A 22 1.60 -5.36 1.23
N GLU A 23 2.21 -6.44 0.80
CA GLU A 23 3.25 -6.39 -0.20
C GLU A 23 2.67 -6.10 -1.59
N VAL A 24 3.38 -5.33 -2.35
CA VAL A 24 3.03 -4.99 -3.70
C VAL A 24 3.90 -5.79 -4.63
N GLU A 25 3.31 -6.71 -5.32
CA GLU A 25 4.03 -7.47 -6.31
C GLU A 25 4.34 -6.53 -7.48
N ASP A 26 3.27 -5.91 -8.03
CA ASP A 26 3.42 -4.96 -9.14
C ASP A 26 2.05 -4.40 -9.49
N ILE A 27 1.99 -3.49 -10.45
CA ILE A 27 0.77 -2.79 -10.82
C ILE A 27 0.17 -3.46 -12.05
N LEU A 28 -1.13 -3.53 -12.13
CA LEU A 28 -1.77 -4.14 -13.30
C LEU A 28 -2.32 -3.08 -14.24
N ALA A 29 -2.71 -1.93 -13.68
CA ALA A 29 -3.22 -0.81 -14.45
C ALA A 29 -3.39 0.39 -13.53
N ASP A 30 -3.80 1.50 -14.09
CA ASP A 30 -3.97 2.74 -13.33
C ASP A 30 -5.22 3.45 -13.78
N ARG A 31 -5.57 4.46 -13.02
CA ARG A 31 -6.67 5.34 -13.33
C ARG A 31 -6.55 6.58 -12.46
N VAL A 32 -7.21 7.64 -12.85
CA VAL A 32 -7.12 8.90 -12.14
C VAL A 32 -8.54 9.41 -11.95
N ASN A 33 -8.83 9.98 -10.80
CA ASN A 33 -10.14 10.55 -10.56
C ASN A 33 -10.16 11.96 -11.11
N LYS A 34 -11.28 12.63 -11.03
CA LYS A 34 -11.35 14.01 -11.48
C LYS A 34 -10.99 14.92 -10.32
N ASN A 35 -11.08 14.35 -9.14
CA ASN A 35 -10.77 15.04 -7.88
C ASN A 35 -9.27 15.29 -7.75
N GLY A 36 -8.46 14.54 -8.49
CA GLY A 36 -7.03 14.74 -8.44
C GLY A 36 -6.31 13.62 -7.71
N ILE A 37 -6.92 12.47 -7.63
CA ILE A 37 -6.30 11.34 -6.95
C ILE A 37 -6.02 10.28 -7.98
N ASN A 38 -4.83 9.73 -7.94
CA ASN A 38 -4.46 8.63 -8.82
C ASN A 38 -4.67 7.36 -8.03
N GLU A 39 -5.10 6.31 -8.68
CA GLU A 39 -5.31 5.03 -8.03
C GLU A 39 -4.95 3.90 -8.98
N TYR A 40 -4.42 2.81 -8.45
CA TYR A 40 -3.82 1.79 -9.29
C TYR A 40 -4.27 0.43 -8.88
N TYR A 41 -4.27 -0.48 -9.83
CA TYR A 41 -4.59 -1.85 -9.57
C TYR A 41 -3.36 -2.49 -8.97
N ILE A 42 -3.36 -2.70 -7.69
CA ILE A 42 -2.23 -3.22 -6.99
C ILE A 42 -2.37 -4.72 -6.85
N LYS A 43 -1.37 -5.46 -7.27
CA LYS A 43 -1.42 -6.87 -7.06
C LYS A 43 -0.71 -7.21 -5.78
N TRP A 44 -1.52 -7.44 -4.76
CA TRP A 44 -1.04 -7.69 -3.42
C TRP A 44 -0.48 -9.06 -3.31
N ALA A 45 0.75 -9.11 -2.95
CA ALA A 45 1.40 -10.36 -2.70
C ALA A 45 1.18 -10.69 -1.24
N GLY A 46 1.26 -11.94 -0.93
CA GLY A 46 1.04 -12.35 0.43
C GLY A 46 -0.40 -12.75 0.66
N TYR A 47 -1.30 -12.21 -0.15
CA TYR A 47 -2.69 -12.56 -0.02
C TYR A 47 -3.07 -13.47 -1.09
N ASP A 48 -4.31 -13.82 -1.05
CA ASP A 48 -4.89 -14.63 -2.12
C ASP A 48 -4.72 -13.91 -3.47
N TRP A 49 -4.48 -14.69 -4.49
CA TRP A 49 -4.15 -14.18 -5.81
C TRP A 49 -5.29 -13.40 -6.46
N TYR A 50 -6.54 -13.67 -6.08
CA TYR A 50 -7.65 -12.93 -6.65
C TYR A 50 -8.16 -11.82 -5.73
N ASP A 51 -7.34 -11.48 -4.75
CA ASP A 51 -7.71 -10.47 -3.76
C ASP A 51 -7.20 -9.10 -4.16
N ASN A 52 -6.27 -9.11 -5.10
CA ASN A 52 -5.67 -7.89 -5.67
C ASN A 52 -6.75 -6.87 -6.09
N THR A 53 -6.51 -5.59 -5.79
CA THR A 53 -7.50 -4.56 -6.02
C THR A 53 -6.84 -3.18 -6.21
N TRP A 54 -7.65 -2.17 -6.46
CA TRP A 54 -7.20 -0.81 -6.73
C TRP A 54 -7.18 0.03 -5.45
N GLU A 55 -6.09 0.75 -5.21
CA GLU A 55 -6.07 1.69 -4.10
C GLU A 55 -5.39 3.01 -4.55
N PRO A 56 -5.65 4.15 -3.86
CA PRO A 56 -5.06 5.43 -4.23
C PRO A 56 -3.55 5.52 -3.97
N GLU A 57 -2.92 6.47 -4.66
CA GLU A 57 -1.48 6.70 -4.67
C GLU A 57 -0.91 7.02 -3.28
N GLN A 58 -1.74 7.60 -2.43
CA GLN A 58 -1.34 8.00 -1.07
C GLN A 58 -0.89 6.79 -0.26
N ASN A 59 -1.40 5.66 -0.62
CA ASN A 59 -1.14 4.44 0.08
C ASN A 59 0.11 3.71 -0.44
N LEU A 60 0.67 4.21 -1.52
CA LEU A 60 1.80 3.56 -2.22
C LEU A 60 3.16 4.00 -1.71
N PHE A 61 3.18 4.55 -0.51
CA PHE A 61 4.41 5.10 0.13
C PHE A 61 5.61 4.11 0.14
N GLY A 62 5.33 2.82 0.18
CA GLY A 62 6.37 1.80 0.17
C GLY A 62 6.64 1.28 -1.24
N ALA A 63 5.67 1.48 -2.10
CA ALA A 63 5.67 0.99 -3.45
C ALA A 63 6.27 2.02 -4.40
N GLU A 64 7.22 2.77 -3.87
CA GLU A 64 7.94 3.85 -4.57
C GLU A 64 8.57 3.31 -5.86
N LYS A 65 9.21 2.16 -5.73
CA LYS A 65 9.90 1.50 -6.82
C LYS A 65 8.95 1.21 -8.00
N VAL A 66 7.89 0.48 -7.71
CA VAL A 66 6.96 0.07 -8.74
C VAL A 66 6.15 1.24 -9.30
N LEU A 67 5.76 2.17 -8.42
CA LEU A 67 4.95 3.31 -8.81
C LEU A 67 5.67 4.14 -9.83
N LYS A 68 6.90 4.49 -9.54
CA LYS A 68 7.69 5.25 -10.45
C LYS A 68 8.04 4.48 -11.71
N LYS A 69 8.31 3.18 -11.56
CA LYS A 69 8.57 2.32 -12.73
C LYS A 69 7.39 2.39 -13.71
N TRP A 70 6.19 2.17 -13.17
CA TRP A 70 4.97 2.16 -13.94
C TRP A 70 4.69 3.52 -14.54
N LYS A 71 4.60 4.51 -13.68
CA LYS A 71 4.19 5.86 -14.06
C LYS A 71 5.20 6.51 -15.03
N LYS A 72 6.44 6.04 -15.01
CA LYS A 72 7.44 6.52 -15.94
C LYS A 72 7.28 5.80 -17.31
N ARG A 73 7.01 4.49 -17.25
CA ARG A 73 6.85 3.65 -18.47
C ARG A 73 5.48 3.78 -19.14
N LYS A 74 4.49 4.14 -18.39
CA LYS A 74 3.16 4.29 -18.90
C LYS A 74 2.70 5.70 -18.65
N LYS A 75 2.11 6.30 -19.66
CA LYS A 75 1.56 7.63 -19.58
C LYS A 75 0.08 7.52 -19.40
N ALA B 1 16.18 -9.89 -4.68
CA ALA B 1 16.46 -9.09 -3.48
C ALA B 1 15.23 -9.10 -2.61
N ARG B 2 15.37 -8.74 -1.34
CA ARG B 2 14.22 -8.70 -0.44
C ARG B 2 13.62 -7.30 -0.38
N THR B 3 14.14 -6.42 -1.21
CA THR B 3 13.69 -5.06 -1.29
C THR B 3 12.33 -4.99 -2.03
N LYS B 4 11.30 -5.32 -1.32
CA LYS B 4 9.95 -5.41 -1.84
C LYS B 4 9.27 -4.07 -1.87
N GLN B 5 8.20 -4.02 -2.60
CA GLN B 5 7.31 -2.91 -2.63
C GLN B 5 6.20 -3.29 -1.74
N THR B 6 5.72 -2.42 -0.94
CA THR B 6 4.56 -2.75 -0.19
C THR B 6 3.69 -1.48 -0.13
N ALA B 7 2.43 -1.62 0.09
CA ALA B 7 1.54 -0.48 0.17
C ALA B 7 0.49 -0.80 1.18
N ARG B 8 -0.32 0.15 1.51
CA ARG B 8 -1.30 -0.04 2.58
C ARG B 8 -2.31 -1.16 2.37
N SER B 10 -5.84 0.25 1.58
CA SER B 10 -6.69 1.16 2.26
C SER B 10 -8.05 0.54 2.52
N THR B 11 -8.23 0.06 3.72
CA THR B 11 -9.46 -0.49 4.12
C THR B 11 -10.36 0.64 4.61
N GLY B 12 -11.29 1.02 3.76
CA GLY B 12 -12.20 2.07 4.07
C GLY B 12 -13.20 2.22 2.95
N GLY B 13 -13.13 3.31 2.24
CA GLY B 13 -14.04 3.54 1.15
C GLY B 13 -13.68 4.78 0.40
N LYS B 14 -14.47 5.07 -0.61
CA LYS B 14 -14.31 6.24 -1.44
C LYS B 14 -15.61 6.45 -2.17
N ALA B 15 -15.81 7.63 -2.72
CA ALA B 15 -16.99 7.91 -3.52
C ALA B 15 -17.06 6.94 -4.72
N PRO B 16 -18.14 6.16 -4.82
CA PRO B 16 -18.32 5.22 -5.90
C PRO B 16 -19.12 5.84 -7.06
N ARG B 17 -19.68 4.99 -7.90
CA ARG B 17 -20.47 5.41 -9.02
C ARG B 17 -21.62 4.45 -9.17
N TYR B 18 -22.48 4.75 -10.09
CA TYR B 18 -23.52 3.86 -10.47
C TYR B 18 -23.19 3.49 -11.90
N MET A 1 32.01 -5.41 39.25
CA MET A 1 32.58 -4.05 39.27
C MET A 1 31.48 -3.09 38.94
N VAL A 2 31.71 -1.81 39.13
CA VAL A 2 30.72 -0.82 38.76
C VAL A 2 30.73 -0.65 37.26
N SER A 3 29.58 -0.68 36.66
CA SER A 3 29.45 -0.58 35.23
C SER A 3 28.09 0.01 34.94
N VAL A 4 27.96 0.73 33.86
CA VAL A 4 26.71 1.32 33.49
C VAL A 4 26.00 0.41 32.49
N LYS A 5 24.73 0.21 32.69
CA LYS A 5 23.96 -0.62 31.81
C LYS A 5 22.99 0.25 31.03
N PRO A 6 22.52 -0.19 29.86
CA PRO A 6 21.50 0.53 29.12
C PRO A 6 20.11 0.02 29.52
N LEU A 7 19.30 0.89 30.06
CA LEU A 7 17.97 0.50 30.47
C LEU A 7 16.95 1.01 29.46
N PRO A 8 15.78 0.37 29.36
CA PRO A 8 14.74 0.84 28.51
C PRO A 8 13.65 1.58 29.30
N ASP A 9 13.82 2.87 29.44
CA ASP A 9 12.83 3.70 30.13
C ASP A 9 11.76 4.03 29.12
N ILE A 10 12.21 4.20 27.90
CA ILE A 10 11.34 4.33 26.77
C ILE A 10 11.44 3.03 26.02
N ASP A 11 10.34 2.55 25.49
CA ASP A 11 10.38 1.31 24.74
C ASP A 11 11.05 1.53 23.39
N SER A 12 11.90 0.62 23.06
CA SER A 12 12.66 0.67 21.84
C SER A 12 12.07 -0.30 20.82
N ASN A 13 11.17 -1.15 21.27
CA ASN A 13 10.60 -2.17 20.41
C ASN A 13 9.52 -1.61 19.49
N GLU A 14 9.87 -1.43 18.25
CA GLU A 14 8.91 -1.00 17.26
C GLU A 14 8.33 -2.23 16.60
N GLY A 15 7.23 -2.06 15.92
CA GLY A 15 6.58 -3.20 15.33
C GLY A 15 6.60 -3.16 13.84
N GLU A 16 5.63 -3.76 13.24
CA GLU A 16 5.50 -3.83 11.82
C GLU A 16 4.37 -2.95 11.35
N THR A 17 4.43 -2.52 10.13
CA THR A 17 3.36 -1.75 9.59
C THR A 17 2.46 -2.68 8.76
N ASP A 18 2.91 -3.93 8.62
CA ASP A 18 2.29 -4.98 7.80
C ASP A 18 0.83 -5.27 8.18
N ALA A 19 0.49 -5.06 9.43
CA ALA A 19 -0.91 -5.15 9.89
C ALA A 19 -1.84 -4.25 9.05
N ASP A 20 -1.30 -3.16 8.53
CA ASP A 20 -2.05 -2.23 7.71
C ASP A 20 -1.36 -2.07 6.33
N VAL A 21 -0.45 -2.99 6.03
CA VAL A 21 0.38 -2.92 4.80
C VAL A 21 0.64 -4.32 4.22
N TYR A 22 0.23 -4.52 2.99
CA TYR A 22 0.40 -5.79 2.33
C TYR A 22 1.46 -5.64 1.25
N GLU A 23 2.01 -6.74 0.81
CA GLU A 23 3.02 -6.71 -0.21
C GLU A 23 2.52 -6.36 -1.55
N VAL A 24 3.31 -5.64 -2.21
CA VAL A 24 3.07 -5.21 -3.57
C VAL A 24 3.95 -6.00 -4.50
N GLU A 25 3.35 -6.84 -5.28
CA GLU A 25 4.09 -7.61 -6.25
C GLU A 25 4.53 -6.64 -7.38
N ASP A 26 3.55 -5.93 -7.98
CA ASP A 26 3.80 -4.94 -9.05
C ASP A 26 2.43 -4.31 -9.45
N ILE A 27 2.42 -3.37 -10.38
CA ILE A 27 1.21 -2.62 -10.73
C ILE A 27 0.59 -3.22 -12.01
N LEU A 28 -0.73 -3.22 -12.10
CA LEU A 28 -1.41 -3.76 -13.26
C LEU A 28 -1.94 -2.66 -14.19
N ALA A 29 -2.28 -1.49 -13.63
CA ALA A 29 -2.83 -0.37 -14.42
C ALA A 29 -2.93 0.88 -13.57
N ASP A 30 -3.38 1.97 -14.17
CA ASP A 30 -3.50 3.28 -13.52
C ASP A 30 -4.87 3.85 -13.78
N ARG A 31 -5.30 4.78 -12.94
CA ARG A 31 -6.54 5.52 -13.17
C ARG A 31 -6.58 6.75 -12.28
N VAL A 32 -7.47 7.70 -12.62
CA VAL A 32 -7.62 8.93 -11.86
C VAL A 32 -9.12 9.26 -11.72
N ASN A 33 -9.50 9.71 -10.54
CA ASN A 33 -10.89 10.10 -10.25
C ASN A 33 -11.11 11.51 -10.73
N LYS A 34 -12.31 11.98 -10.56
CA LYS A 34 -12.62 13.37 -10.86
C LYS A 34 -12.45 14.19 -9.60
N ASN A 35 -12.49 13.49 -8.47
CA ASN A 35 -12.35 14.07 -7.14
C ASN A 35 -10.92 14.57 -6.90
N GLY A 36 -9.98 14.05 -7.67
CA GLY A 36 -8.60 14.48 -7.53
C GLY A 36 -7.71 13.43 -6.91
N ILE A 37 -8.14 12.19 -6.96
CA ILE A 37 -7.34 11.09 -6.42
C ILE A 37 -6.93 10.20 -7.57
N ASN A 38 -5.68 9.83 -7.62
CA ASN A 38 -5.20 8.85 -8.55
C ASN A 38 -5.07 7.50 -7.85
N GLU A 39 -5.36 6.44 -8.57
CA GLU A 39 -5.20 5.10 -8.04
C GLU A 39 -4.64 4.18 -9.08
N TYR A 40 -4.13 3.07 -8.64
CA TYR A 40 -3.51 2.13 -9.52
C TYR A 40 -3.98 0.76 -9.16
N TYR A 41 -4.00 -0.09 -10.15
CA TYR A 41 -4.41 -1.45 -9.96
C TYR A 41 -3.22 -2.17 -9.35
N ILE A 42 -3.30 -2.46 -8.08
CA ILE A 42 -2.18 -3.03 -7.36
C ILE A 42 -2.34 -4.54 -7.30
N LYS A 43 -1.27 -5.24 -7.59
CA LYS A 43 -1.23 -6.66 -7.51
C LYS A 43 -0.62 -7.04 -6.16
N TRP A 44 -1.48 -7.35 -5.22
CA TRP A 44 -1.09 -7.64 -3.85
C TRP A 44 -0.54 -9.04 -3.68
N ALA A 45 0.64 -9.11 -3.15
CA ALA A 45 1.19 -10.36 -2.77
C ALA A 45 0.80 -10.59 -1.31
N GLY A 46 0.76 -11.83 -0.90
CA GLY A 46 0.42 -12.11 0.48
C GLY A 46 -1.05 -12.39 0.66
N TYR A 47 -1.88 -11.87 -0.23
CA TYR A 47 -3.28 -12.14 -0.14
C TYR A 47 -3.64 -13.12 -1.18
N ASP A 48 -4.87 -13.45 -1.19
CA ASP A 48 -5.41 -14.32 -2.25
C ASP A 48 -5.20 -13.68 -3.63
N TRP A 49 -4.93 -14.49 -4.61
CA TRP A 49 -4.58 -14.03 -5.95
C TRP A 49 -5.72 -13.27 -6.66
N TYR A 50 -6.94 -13.42 -6.19
CA TYR A 50 -8.09 -12.77 -6.79
C TYR A 50 -8.44 -11.50 -6.00
N ASP A 51 -7.49 -10.99 -5.25
CA ASP A 51 -7.74 -9.86 -4.35
C ASP A 51 -7.44 -8.52 -5.00
N ASN A 52 -6.67 -8.57 -6.07
CA ASN A 52 -6.09 -7.38 -6.70
C ASN A 52 -7.14 -6.31 -6.94
N THR A 53 -6.78 -5.09 -6.62
CA THR A 53 -7.70 -3.99 -6.67
C THR A 53 -6.95 -2.69 -6.89
N TRP A 54 -7.68 -1.62 -7.05
CA TRP A 54 -7.13 -0.31 -7.26
C TRP A 54 -7.01 0.39 -5.91
N GLU A 55 -5.87 0.99 -5.64
CA GLU A 55 -5.68 1.74 -4.41
C GLU A 55 -4.97 3.03 -4.77
N PRO A 56 -5.20 4.12 -4.00
CA PRO A 56 -4.63 5.44 -4.31
C PRO A 56 -3.11 5.49 -4.12
N GLU A 57 -2.46 6.49 -4.74
CA GLU A 57 -0.98 6.65 -4.67
C GLU A 57 -0.52 6.86 -3.24
N GLN A 58 -1.41 7.39 -2.42
CA GLN A 58 -1.16 7.65 -1.01
C GLN A 58 -0.77 6.37 -0.26
N ASN A 59 -1.18 5.22 -0.78
CA ASN A 59 -0.86 3.94 -0.16
C ASN A 59 0.50 3.42 -0.59
N LEU A 60 1.06 4.00 -1.61
CA LEU A 60 2.21 3.44 -2.29
C LEU A 60 3.55 3.90 -1.74
N PHE A 61 3.54 4.42 -0.52
CA PHE A 61 4.76 4.94 0.15
C PHE A 61 5.91 3.89 0.16
N GLY A 62 5.57 2.62 0.24
CA GLY A 62 6.57 1.56 0.24
C GLY A 62 6.81 1.02 -1.15
N ALA A 63 5.83 1.23 -2.01
CA ALA A 63 5.83 0.78 -3.38
C ALA A 63 6.20 1.91 -4.29
N GLU A 64 7.01 2.81 -3.78
CA GLU A 64 7.54 3.93 -4.54
C GLU A 64 8.45 3.34 -5.62
N LYS A 65 9.06 2.22 -5.28
CA LYS A 65 9.99 1.51 -6.15
C LYS A 65 9.26 1.16 -7.47
N VAL A 66 8.16 0.44 -7.33
CA VAL A 66 7.30 0.10 -8.46
C VAL A 66 6.59 1.28 -9.02
N LEU A 67 6.27 2.26 -8.17
CA LEU A 67 5.58 3.47 -8.59
C LEU A 67 6.36 4.16 -9.70
N LYS A 68 7.66 4.40 -9.48
CA LYS A 68 8.48 4.95 -10.52
C LYS A 68 8.67 3.99 -11.68
N LYS A 69 8.80 2.68 -11.40
CA LYS A 69 8.95 1.70 -12.53
C LYS A 69 7.71 1.75 -13.44
N TRP A 70 6.57 1.78 -12.80
CA TRP A 70 5.28 1.83 -13.45
C TRP A 70 5.10 3.09 -14.27
N LYS A 71 5.31 4.24 -13.66
CA LYS A 71 5.13 5.50 -14.37
C LYS A 71 6.13 5.61 -15.52
N LYS A 72 7.26 4.93 -15.38
CA LYS A 72 8.27 4.82 -16.42
C LYS A 72 7.69 4.07 -17.62
N ARG A 73 6.86 3.07 -17.34
CA ARG A 73 6.25 2.28 -18.40
C ARG A 73 5.11 3.05 -19.02
N LYS A 74 4.53 3.94 -18.25
CA LYS A 74 3.35 4.66 -18.68
C LYS A 74 3.61 5.83 -19.53
N LYS A 75 2.93 5.80 -20.62
CA LYS A 75 2.79 6.92 -21.47
C LYS A 75 1.37 7.38 -21.24
N ALA B 1 17.05 -7.72 4.81
CA ALA B 1 15.91 -6.77 4.82
C ALA B 1 15.05 -7.06 3.63
N ARG B 2 13.81 -6.58 3.63
CA ARG B 2 12.92 -6.80 2.49
C ARG B 2 13.12 -5.73 1.46
N THR B 3 13.83 -6.05 0.41
CA THR B 3 14.00 -5.15 -0.70
C THR B 3 12.84 -5.37 -1.68
N LYS B 4 11.66 -5.14 -1.19
CA LYS B 4 10.46 -5.40 -1.91
C LYS B 4 9.52 -4.25 -1.66
N GLN B 5 8.53 -4.12 -2.46
CA GLN B 5 7.56 -3.08 -2.33
C GLN B 5 6.32 -3.59 -1.65
N THR B 6 5.76 -2.77 -0.79
CA THR B 6 4.57 -3.10 -0.07
C THR B 6 3.74 -1.80 0.02
N ALA B 7 2.44 -1.90 0.24
CA ALA B 7 1.62 -0.71 0.35
C ALA B 7 0.48 -0.95 1.33
N ARG B 8 -0.23 0.10 1.68
CA ARG B 8 -1.30 0.03 2.68
C ARG B 8 -2.46 -0.91 2.34
N SER B 10 -6.06 0.61 1.47
CA SER B 10 -7.05 1.25 2.23
C SER B 10 -8.43 0.89 1.72
N THR B 11 -8.92 -0.19 2.23
CA THR B 11 -10.16 -0.70 1.78
C THR B 11 -11.05 -0.89 2.99
N GLY B 12 -12.27 -0.42 2.91
CA GLY B 12 -13.22 -0.63 3.98
C GLY B 12 -13.06 0.40 5.06
N GLY B 13 -12.16 0.15 5.97
CA GLY B 13 -11.96 1.06 7.08
C GLY B 13 -10.51 1.21 7.44
N LYS B 14 -9.63 0.84 6.52
CA LYS B 14 -8.21 1.00 6.77
C LYS B 14 -7.77 2.40 6.36
N ALA B 15 -8.20 3.38 7.12
CA ALA B 15 -7.92 4.76 6.83
C ALA B 15 -7.75 5.54 8.12
N PRO B 16 -6.82 6.51 8.15
CA PRO B 16 -6.64 7.35 9.31
C PRO B 16 -7.59 8.55 9.27
N ARG B 17 -7.32 9.55 10.09
CA ARG B 17 -8.15 10.72 10.09
C ARG B 17 -7.40 11.97 9.76
N TYR B 18 -8.18 12.96 9.53
CA TYR B 18 -7.81 14.29 9.23
C TYR B 18 -9.00 15.08 9.74
N MET A 1 -13.63 -15.29 41.90
CA MET A 1 -12.59 -14.28 42.18
C MET A 1 -12.29 -13.59 40.89
N VAL A 2 -11.56 -12.50 40.95
CA VAL A 2 -11.18 -11.76 39.77
C VAL A 2 -9.74 -12.15 39.46
N SER A 3 -9.35 -12.08 38.21
CA SER A 3 -8.03 -12.43 37.81
C SER A 3 -7.58 -11.42 36.75
N VAL A 4 -6.39 -11.58 36.26
CA VAL A 4 -5.84 -10.66 35.29
C VAL A 4 -5.94 -11.24 33.88
N LYS A 5 -6.31 -10.40 32.95
CA LYS A 5 -6.40 -10.81 31.57
C LYS A 5 -5.15 -10.28 30.87
N PRO A 6 -4.70 -10.90 29.74
CA PRO A 6 -3.61 -10.36 28.94
C PRO A 6 -3.88 -8.89 28.54
N LEU A 7 -3.01 -8.04 28.98
CA LEU A 7 -3.06 -6.63 28.71
C LEU A 7 -1.88 -6.30 27.82
N PRO A 8 -1.88 -5.15 27.10
CA PRO A 8 -0.75 -4.78 26.25
C PRO A 8 0.48 -4.43 27.09
N ASP A 9 1.47 -5.30 27.01
CA ASP A 9 2.75 -5.13 27.70
C ASP A 9 3.70 -4.37 26.80
N ILE A 10 3.46 -4.50 25.51
CA ILE A 10 4.26 -3.84 24.51
C ILE A 10 4.03 -2.34 24.53
N ASP A 11 5.12 -1.61 24.44
CA ASP A 11 5.14 -0.15 24.42
C ASP A 11 4.43 0.43 23.17
N SER A 12 4.16 1.72 23.21
CA SER A 12 3.42 2.43 22.19
C SER A 12 4.27 2.72 20.92
N ASN A 13 5.60 2.51 21.00
CA ASN A 13 6.49 2.73 19.84
C ASN A 13 6.06 1.91 18.61
N GLU A 14 6.59 2.26 17.47
CA GLU A 14 6.18 1.68 16.24
C GLU A 14 7.03 0.47 15.85
N GLY A 15 6.34 -0.61 15.60
CA GLY A 15 6.96 -1.83 15.16
C GLY A 15 6.66 -2.06 13.70
N GLU A 16 5.79 -2.97 13.41
CA GLU A 16 5.39 -3.19 12.06
C GLU A 16 3.96 -2.73 11.85
N THR A 17 3.66 -2.35 10.67
CA THR A 17 2.29 -2.09 10.30
C THR A 17 1.86 -3.17 9.29
N ASP A 18 2.71 -4.20 9.17
CA ASP A 18 2.63 -5.24 8.12
C ASP A 18 1.29 -5.96 8.15
N ALA A 19 0.75 -6.10 9.36
CA ALA A 19 -0.57 -6.72 9.57
C ALA A 19 -1.68 -6.02 8.73
N ASP A 20 -1.50 -4.74 8.46
CA ASP A 20 -2.47 -3.92 7.73
C ASP A 20 -1.75 -3.19 6.56
N VAL A 21 -0.62 -3.75 6.14
CA VAL A 21 0.16 -3.23 5.03
C VAL A 21 0.71 -4.43 4.26
N TYR A 22 0.28 -4.58 3.03
CA TYR A 22 0.54 -5.79 2.29
C TYR A 22 1.50 -5.55 1.15
N GLU A 23 2.08 -6.61 0.66
CA GLU A 23 3.06 -6.54 -0.38
C GLU A 23 2.53 -6.12 -1.69
N VAL A 24 3.34 -5.40 -2.34
CA VAL A 24 3.10 -4.97 -3.68
C VAL A 24 3.94 -5.79 -4.60
N GLU A 25 3.29 -6.63 -5.37
CA GLU A 25 3.98 -7.43 -6.34
C GLU A 25 4.36 -6.51 -7.48
N ASP A 26 3.35 -5.81 -8.03
CA ASP A 26 3.56 -4.78 -9.05
C ASP A 26 2.20 -4.20 -9.41
N ILE A 27 2.19 -3.24 -10.30
CA ILE A 27 0.97 -2.56 -10.68
C ILE A 27 0.40 -3.26 -11.91
N LEU A 28 -0.91 -3.36 -11.99
CA LEU A 28 -1.55 -4.02 -13.11
C LEU A 28 -2.17 -3.01 -14.08
N ALA A 29 -2.57 -1.85 -13.55
CA ALA A 29 -3.16 -0.77 -14.35
C ALA A 29 -3.29 0.45 -13.49
N ASP A 30 -3.77 1.53 -14.06
CA ASP A 30 -3.91 2.79 -13.35
C ASP A 30 -5.20 3.48 -13.69
N ARG A 31 -5.50 4.54 -12.97
CA ARG A 31 -6.63 5.37 -13.22
C ARG A 31 -6.39 6.66 -12.46
N VAL A 32 -7.07 7.70 -12.85
CA VAL A 32 -6.98 8.97 -12.18
C VAL A 32 -8.40 9.44 -11.98
N ASN A 33 -8.69 10.02 -10.86
CA ASN A 33 -10.03 10.52 -10.62
C ASN A 33 -10.11 11.94 -11.14
N LYS A 34 -11.28 12.54 -11.06
CA LYS A 34 -11.43 13.92 -11.50
C LYS A 34 -11.11 14.85 -10.34
N ASN A 35 -11.22 14.29 -9.14
CA ASN A 35 -10.95 15.00 -7.92
C ASN A 35 -9.42 15.27 -7.78
N GLY A 36 -8.60 14.51 -8.50
CA GLY A 36 -7.16 14.73 -8.42
C GLY A 36 -6.42 13.64 -7.68
N ILE A 37 -7.00 12.46 -7.60
CA ILE A 37 -6.36 11.36 -6.92
C ILE A 37 -6.01 10.31 -7.94
N ASN A 38 -4.81 9.79 -7.89
CA ASN A 38 -4.40 8.71 -8.77
C ASN A 38 -4.68 7.42 -8.03
N GLU A 39 -5.09 6.40 -8.73
CA GLU A 39 -5.44 5.13 -8.13
C GLU A 39 -4.94 4.05 -9.06
N TYR A 40 -4.49 2.95 -8.54
CA TYR A 40 -3.91 1.95 -9.39
C TYR A 40 -4.40 0.59 -9.02
N TYR A 41 -4.43 -0.28 -9.99
CA TYR A 41 -4.82 -1.64 -9.79
C TYR A 41 -3.57 -2.36 -9.24
N ILE A 42 -3.55 -2.57 -7.97
CA ILE A 42 -2.37 -3.09 -7.29
C ILE A 42 -2.50 -4.60 -7.15
N LYS A 43 -1.45 -5.32 -7.48
CA LYS A 43 -1.45 -6.74 -7.24
C LYS A 43 -0.74 -7.02 -5.94
N TRP A 44 -1.52 -7.26 -4.92
CA TRP A 44 -0.98 -7.49 -3.60
C TRP A 44 -0.41 -8.89 -3.49
N ALA A 45 0.82 -8.95 -3.10
CA ALA A 45 1.44 -10.20 -2.82
C ALA A 45 1.19 -10.51 -1.37
N GLY A 46 1.26 -11.76 -1.01
CA GLY A 46 1.01 -12.13 0.36
C GLY A 46 -0.44 -12.50 0.58
N TYR A 47 -1.32 -11.98 -0.25
CA TYR A 47 -2.71 -12.31 -0.15
C TYR A 47 -3.08 -13.24 -1.23
N ASP A 48 -4.32 -13.59 -1.21
CA ASP A 48 -4.92 -14.44 -2.25
C ASP A 48 -4.73 -13.80 -3.64
N TRP A 49 -4.57 -14.63 -4.66
CA TRP A 49 -4.27 -14.18 -6.01
C TRP A 49 -5.39 -13.32 -6.64
N TYR A 50 -6.61 -13.47 -6.16
CA TYR A 50 -7.74 -12.69 -6.67
C TYR A 50 -8.07 -11.48 -5.81
N ASP A 51 -7.11 -11.02 -5.02
CA ASP A 51 -7.36 -9.95 -4.05
C ASP A 51 -7.10 -8.57 -4.64
N ASN A 52 -6.36 -8.55 -5.72
CA ASN A 52 -5.92 -7.33 -6.39
C ASN A 52 -7.07 -6.35 -6.61
N THR A 53 -6.81 -5.10 -6.32
CA THR A 53 -7.82 -4.07 -6.35
C THR A 53 -7.19 -2.71 -6.62
N TRP A 54 -8.01 -1.70 -6.76
CA TRP A 54 -7.55 -0.34 -6.99
C TRP A 54 -7.31 0.34 -5.65
N GLU A 55 -6.18 1.00 -5.51
CA GLU A 55 -5.84 1.71 -4.29
C GLU A 55 -5.23 3.05 -4.73
N PRO A 56 -5.38 4.16 -3.96
CA PRO A 56 -4.77 5.44 -4.32
C PRO A 56 -3.25 5.47 -4.11
N GLU A 57 -2.61 6.42 -4.78
CA GLU A 57 -1.15 6.62 -4.74
C GLU A 57 -0.65 6.88 -3.32
N GLN A 58 -1.54 7.41 -2.50
CA GLN A 58 -1.26 7.72 -1.11
C GLN A 58 -0.82 6.49 -0.30
N ASN A 59 -1.31 5.31 -0.69
CA ASN A 59 -0.96 4.08 0.04
C ASN A 59 0.34 3.44 -0.47
N LEU A 60 0.89 3.95 -1.55
CA LEU A 60 2.07 3.37 -2.25
C LEU A 60 3.38 3.90 -1.71
N PHE A 61 3.34 4.47 -0.52
CA PHE A 61 4.51 5.09 0.15
C PHE A 61 5.74 4.14 0.19
N GLY A 62 5.51 2.83 0.27
CA GLY A 62 6.62 1.92 0.32
C GLY A 62 6.98 1.42 -1.07
N ALA A 63 5.98 1.19 -1.88
CA ALA A 63 6.15 0.71 -3.23
C ALA A 63 6.21 1.84 -4.23
N GLU A 64 6.71 2.97 -3.78
CA GLU A 64 6.85 4.18 -4.59
C GLU A 64 7.73 3.91 -5.82
N LYS A 65 8.74 3.09 -5.61
CA LYS A 65 9.70 2.73 -6.65
C LYS A 65 8.96 1.94 -7.73
N VAL A 66 8.21 0.95 -7.28
CA VAL A 66 7.45 0.05 -8.13
C VAL A 66 6.41 0.82 -8.94
N LEU A 67 5.69 1.68 -8.24
CA LEU A 67 4.69 2.53 -8.84
C LEU A 67 5.32 3.44 -9.89
N LYS A 68 6.42 4.04 -9.53
CA LYS A 68 7.15 4.88 -10.44
C LYS A 68 7.64 4.14 -11.67
N LYS A 69 8.06 2.86 -11.51
CA LYS A 69 8.43 2.03 -12.69
C LYS A 69 7.26 2.04 -13.65
N TRP A 70 6.08 1.74 -13.11
CA TRP A 70 4.85 1.70 -13.90
C TRP A 70 4.56 3.06 -14.50
N LYS A 71 4.45 4.05 -13.66
CA LYS A 71 4.06 5.40 -14.03
C LYS A 71 5.06 6.05 -15.01
N LYS A 72 6.29 5.57 -15.01
CA LYS A 72 7.25 6.00 -16.00
C LYS A 72 7.14 5.29 -17.33
N ARG A 73 6.84 4.00 -17.30
CA ARG A 73 6.64 3.25 -18.54
C ARG A 73 5.26 3.46 -19.15
N LYS A 74 4.34 3.81 -18.30
CA LYS A 74 2.99 4.08 -18.65
C LYS A 74 2.57 5.44 -18.12
N LYS A 75 2.47 6.37 -19.02
CA LYS A 75 2.01 7.69 -18.71
C LYS A 75 0.58 7.86 -19.22
N ALA B 1 19.31 -8.00 4.18
CA ALA B 1 18.15 -8.45 4.94
C ALA B 1 17.03 -8.67 3.97
N ARG B 2 15.99 -9.38 4.37
CA ARG B 2 14.84 -9.57 3.51
C ARG B 2 13.96 -8.35 3.62
N THR B 3 13.54 -7.82 2.52
CA THR B 3 12.74 -6.64 2.52
C THR B 3 11.62 -6.78 1.49
N LYS B 4 10.42 -6.49 1.90
CA LYS B 4 9.27 -6.56 1.03
C LYS B 4 9.06 -5.19 0.40
N GLN B 5 8.40 -5.11 -0.75
CA GLN B 5 7.93 -3.83 -1.18
C GLN B 5 6.48 -3.88 -0.88
N THR B 6 5.93 -2.90 -0.26
CA THR B 6 4.57 -3.00 0.14
C THR B 6 3.86 -1.65 0.05
N ALA B 7 2.57 -1.70 0.15
CA ALA B 7 1.77 -0.52 0.24
C ALA B 7 0.74 -0.85 1.27
N ARG B 8 -0.04 0.11 1.71
CA ARG B 8 -0.98 -0.17 2.78
C ARG B 8 -2.04 -1.21 2.46
N SER B 10 -5.97 0.06 1.98
CA SER B 10 -6.76 0.79 2.90
C SER B 10 -7.83 -0.05 3.58
N THR B 11 -7.77 -0.09 4.89
CA THR B 11 -8.75 -0.78 5.66
C THR B 11 -9.91 0.20 5.84
N GLY B 12 -10.85 0.08 4.93
CA GLY B 12 -11.90 1.01 4.85
C GLY B 12 -11.41 2.16 4.03
N GLY B 13 -11.55 3.37 4.53
CA GLY B 13 -10.96 4.49 3.83
C GLY B 13 -11.86 5.02 2.78
N LYS B 14 -13.11 4.68 2.90
CA LYS B 14 -14.11 5.03 1.93
C LYS B 14 -15.26 5.58 2.74
N ALA B 15 -15.79 6.69 2.33
CA ALA B 15 -16.85 7.34 3.06
C ALA B 15 -17.87 7.88 2.08
N PRO B 16 -19.15 7.98 2.50
CA PRO B 16 -20.21 8.55 1.67
C PRO B 16 -19.89 10.01 1.30
N ARG B 17 -19.82 10.27 0.03
CA ARG B 17 -19.49 11.58 -0.46
C ARG B 17 -20.30 11.86 -1.70
N TYR B 18 -20.07 13.00 -2.27
CA TYR B 18 -20.61 13.36 -3.53
C TYR B 18 -19.40 13.52 -4.43
N MET A 1 -16.89 5.67 39.90
CA MET A 1 -15.55 6.09 39.46
C MET A 1 -14.94 4.92 38.74
N VAL A 2 -13.84 5.14 38.06
CA VAL A 2 -13.18 4.07 37.33
C VAL A 2 -11.92 3.67 38.06
N SER A 3 -11.32 2.58 37.65
CA SER A 3 -10.10 2.13 38.25
C SER A 3 -9.16 1.68 37.15
N VAL A 4 -8.24 2.52 36.79
CA VAL A 4 -7.29 2.20 35.75
C VAL A 4 -6.00 1.69 36.41
N LYS A 5 -5.31 0.81 35.72
CA LYS A 5 -4.00 0.35 36.16
C LYS A 5 -2.98 0.91 35.20
N PRO A 6 -1.70 1.05 35.59
CA PRO A 6 -0.69 1.57 34.69
C PRO A 6 -0.38 0.60 33.54
N LEU A 7 -0.65 1.04 32.36
CA LEU A 7 -0.39 0.26 31.17
C LEU A 7 0.71 0.94 30.38
N PRO A 8 1.45 0.21 29.53
CA PRO A 8 2.45 0.80 28.66
C PRO A 8 1.78 1.51 27.48
N ASP A 9 2.06 2.78 27.32
CA ASP A 9 1.50 3.57 26.23
C ASP A 9 2.37 3.37 25.00
N ILE A 10 3.65 3.22 25.23
CA ILE A 10 4.58 2.89 24.20
C ILE A 10 4.95 1.43 24.38
N ASP A 11 5.01 0.69 23.29
CA ASP A 11 5.36 -0.72 23.35
C ASP A 11 6.86 -0.83 23.61
N SER A 12 7.30 -1.96 24.05
CA SER A 12 8.67 -2.19 24.39
C SER A 12 9.37 -2.97 23.28
N ASN A 13 8.59 -3.54 22.39
CA ASN A 13 9.08 -4.33 21.29
C ASN A 13 8.50 -3.77 19.99
N GLU A 14 9.00 -4.19 18.88
CA GLU A 14 8.57 -3.68 17.62
C GLU A 14 7.43 -4.54 17.12
N GLY A 15 6.33 -3.90 16.82
CA GLY A 15 5.15 -4.61 16.36
C GLY A 15 5.11 -4.73 14.86
N GLU A 16 3.98 -5.12 14.34
CA GLU A 16 3.80 -5.36 12.93
C GLU A 16 2.98 -4.24 12.34
N THR A 17 3.38 -3.75 11.21
CA THR A 17 2.58 -2.76 10.49
C THR A 17 2.01 -3.47 9.25
N ASP A 18 2.53 -4.64 9.03
CA ASP A 18 2.23 -5.55 7.94
C ASP A 18 0.76 -5.91 7.94
N ALA A 19 0.18 -5.90 9.14
CA ALA A 19 -1.23 -6.20 9.34
C ALA A 19 -2.13 -5.32 8.48
N ASP A 20 -1.69 -4.08 8.22
CA ASP A 20 -2.47 -3.16 7.40
C ASP A 20 -1.62 -2.63 6.26
N VAL A 21 -0.51 -3.33 5.96
CA VAL A 21 0.42 -2.96 4.89
C VAL A 21 0.92 -4.24 4.21
N TYR A 22 0.59 -4.42 2.96
CA TYR A 22 0.88 -5.65 2.26
C TYR A 22 1.90 -5.42 1.17
N GLU A 23 2.52 -6.48 0.70
CA GLU A 23 3.54 -6.38 -0.34
C GLU A 23 2.99 -6.02 -1.66
N VAL A 24 3.70 -5.21 -2.31
CA VAL A 24 3.37 -4.74 -3.63
C VAL A 24 4.25 -5.39 -4.68
N GLU A 25 3.67 -6.26 -5.48
CA GLU A 25 4.40 -6.89 -6.57
C GLU A 25 4.60 -5.88 -7.73
N ASP A 26 3.51 -5.35 -8.27
CA ASP A 26 3.55 -4.38 -9.37
C ASP A 26 2.12 -3.98 -9.70
N ILE A 27 1.97 -3.06 -10.62
CA ILE A 27 0.69 -2.53 -11.01
C ILE A 27 0.23 -3.12 -12.34
N LEU A 28 -1.06 -3.19 -12.50
CA LEU A 28 -1.67 -3.73 -13.71
C LEU A 28 -2.24 -2.63 -14.59
N ALA A 29 -2.67 -1.52 -13.97
CA ALA A 29 -3.20 -0.35 -14.71
C ALA A 29 -3.39 0.80 -13.73
N ASP A 30 -3.80 1.95 -14.26
CA ASP A 30 -3.95 3.16 -13.44
C ASP A 30 -5.18 3.94 -13.84
N ARG A 31 -5.46 4.96 -13.07
CA ARG A 31 -6.49 5.90 -13.33
C ARG A 31 -6.22 7.12 -12.44
N VAL A 32 -6.79 8.24 -12.80
CA VAL A 32 -6.66 9.46 -12.04
C VAL A 32 -8.04 10.08 -11.93
N ASN A 33 -8.37 10.61 -10.77
CA ASN A 33 -9.64 11.28 -10.56
C ASN A 33 -9.50 12.73 -10.97
N LYS A 34 -10.60 13.46 -10.89
CA LYS A 34 -10.54 14.89 -11.14
C LYS A 34 -10.22 15.61 -9.84
N ASN A 35 -10.43 14.89 -8.76
CA ASN A 35 -10.16 15.41 -7.43
C ASN A 35 -8.68 15.50 -7.11
N GLY A 36 -7.87 14.76 -7.85
CA GLY A 36 -6.44 14.79 -7.61
C GLY A 36 -5.92 13.54 -6.95
N ILE A 37 -6.65 12.45 -7.08
CA ILE A 37 -6.22 11.19 -6.52
C ILE A 37 -5.95 10.26 -7.65
N ASN A 38 -4.83 9.60 -7.62
CA ASN A 38 -4.53 8.54 -8.58
C ASN A 38 -4.86 7.21 -7.90
N GLU A 39 -5.28 6.23 -8.65
CA GLU A 39 -5.45 4.88 -8.12
C GLU A 39 -4.96 3.87 -9.11
N TYR A 40 -4.50 2.74 -8.63
CA TYR A 40 -3.85 1.76 -9.48
C TYR A 40 -4.31 0.39 -9.16
N TYR A 41 -4.29 -0.44 -10.15
CA TYR A 41 -4.58 -1.84 -9.99
C TYR A 41 -3.31 -2.50 -9.42
N ILE A 42 -3.27 -2.71 -8.13
CA ILE A 42 -2.08 -3.22 -7.46
C ILE A 42 -2.19 -4.72 -7.26
N LYS A 43 -1.12 -5.45 -7.57
CA LYS A 43 -1.09 -6.87 -7.31
C LYS A 43 -0.40 -7.10 -5.97
N TRP A 44 -1.19 -7.32 -4.95
CA TRP A 44 -0.69 -7.48 -3.61
C TRP A 44 -0.10 -8.86 -3.40
N ALA A 45 1.12 -8.88 -2.98
CA ALA A 45 1.75 -10.11 -2.63
C ALA A 45 1.49 -10.34 -1.14
N GLY A 46 1.53 -11.56 -0.71
CA GLY A 46 1.29 -11.84 0.69
C GLY A 46 -0.16 -12.19 0.95
N TYR A 47 -1.05 -11.76 0.09
CA TYR A 47 -2.46 -12.05 0.25
C TYR A 47 -2.84 -13.10 -0.71
N ASP A 48 -4.09 -13.40 -0.68
CA ASP A 48 -4.70 -14.34 -1.61
C ASP A 48 -4.40 -13.89 -3.03
N TRP A 49 -4.09 -14.83 -3.91
CA TRP A 49 -3.68 -14.53 -5.29
C TRP A 49 -4.77 -13.82 -6.11
N TYR A 50 -5.98 -13.92 -5.63
CA TYR A 50 -7.14 -13.33 -6.27
C TYR A 50 -7.52 -12.00 -5.62
N ASP A 51 -6.60 -11.39 -4.89
CA ASP A 51 -6.94 -10.21 -4.09
C ASP A 51 -6.71 -8.90 -4.81
N ASN A 52 -5.87 -8.93 -5.85
CA ASN A 52 -5.44 -7.72 -6.53
C ASN A 52 -6.61 -6.81 -6.91
N THR A 53 -6.44 -5.54 -6.65
CA THR A 53 -7.51 -4.59 -6.79
C THR A 53 -6.93 -3.20 -7.02
N TRP A 54 -7.80 -2.25 -7.24
CA TRP A 54 -7.42 -0.86 -7.40
C TRP A 54 -7.34 -0.22 -6.02
N GLU A 55 -6.27 0.48 -5.76
CA GLU A 55 -6.08 1.12 -4.48
C GLU A 55 -5.54 2.53 -4.79
N PRO A 56 -5.81 3.56 -3.95
CA PRO A 56 -5.30 4.90 -4.23
C PRO A 56 -3.81 5.08 -3.94
N GLU A 57 -3.24 6.08 -4.60
CA GLU A 57 -1.79 6.40 -4.57
C GLU A 57 -1.32 6.77 -3.16
N GLN A 58 -2.23 7.27 -2.37
CA GLN A 58 -1.93 7.72 -1.02
C GLN A 58 -1.43 6.57 -0.12
N ASN A 59 -1.92 5.36 -0.35
CA ASN A 59 -1.48 4.22 0.43
C ASN A 59 -0.23 3.57 -0.15
N LEU A 60 0.19 4.04 -1.32
CA LEU A 60 1.33 3.49 -2.10
C LEU A 60 2.65 4.15 -1.71
N PHE A 61 2.66 4.78 -0.54
CA PHE A 61 3.81 5.54 -0.01
C PHE A 61 5.15 4.73 -0.01
N GLY A 62 5.06 3.42 0.17
CA GLY A 62 6.24 2.58 0.19
C GLY A 62 6.54 2.02 -1.19
N ALA A 63 5.52 2.00 -2.00
CA ALA A 63 5.56 1.44 -3.33
C ALA A 63 5.90 2.52 -4.34
N GLU A 64 6.66 3.51 -3.88
CA GLU A 64 7.15 4.62 -4.71
C GLU A 64 7.96 4.06 -5.88
N LYS A 65 8.65 2.97 -5.62
CA LYS A 65 9.42 2.25 -6.60
C LYS A 65 8.54 1.65 -7.69
N VAL A 66 7.46 0.95 -7.31
CA VAL A 66 6.57 0.35 -8.31
C VAL A 66 5.83 1.43 -9.07
N LEU A 67 5.58 2.52 -8.37
CA LEU A 67 4.95 3.68 -8.92
C LEU A 67 5.77 4.20 -10.10
N LYS A 68 7.09 4.25 -9.88
CA LYS A 68 8.03 4.62 -10.91
C LYS A 68 8.00 3.61 -12.05
N LYS A 69 8.01 2.30 -11.71
CA LYS A 69 7.97 1.23 -12.72
C LYS A 69 6.74 1.38 -13.63
N TRP A 70 5.61 1.54 -13.00
CA TRP A 70 4.37 1.66 -13.71
C TRP A 70 4.26 2.95 -14.51
N LYS A 71 4.45 4.09 -13.88
CA LYS A 71 4.34 5.36 -14.59
C LYS A 71 5.39 5.52 -15.71
N LYS A 72 6.46 4.75 -15.60
CA LYS A 72 7.41 4.59 -16.68
C LYS A 72 6.73 3.81 -17.83
N ARG A 73 6.01 2.78 -17.47
CA ARG A 73 5.41 1.85 -18.42
C ARG A 73 4.12 2.41 -19.06
N LYS A 74 3.44 3.26 -18.36
CA LYS A 74 2.27 3.96 -18.88
C LYS A 74 2.46 5.37 -18.45
N LYS A 75 2.42 6.29 -19.36
CA LYS A 75 2.65 7.65 -18.98
C LYS A 75 1.61 8.22 -18.08
N ALA B 1 14.46 -14.07 3.44
CA ALA B 1 13.72 -13.90 2.17
C ALA B 1 13.94 -12.49 1.72
N ARG B 2 13.67 -12.20 0.45
CA ARG B 2 13.82 -10.85 -0.04
C ARG B 2 12.50 -10.13 -0.01
N THR B 3 12.40 -9.17 0.86
CA THR B 3 11.24 -8.36 1.02
C THR B 3 11.18 -7.34 -0.13
N LYS B 4 9.99 -7.02 -0.56
CA LYS B 4 9.77 -6.11 -1.65
C LYS B 4 9.00 -4.91 -1.11
N GLN B 5 8.95 -3.84 -1.88
CA GLN B 5 8.21 -2.65 -1.52
C GLN B 5 6.75 -2.98 -1.22
N THR B 6 6.16 -2.27 -0.29
CA THR B 6 4.85 -2.59 0.15
C THR B 6 4.01 -1.31 0.23
N ALA B 7 2.70 -1.45 0.33
CA ALA B 7 1.82 -0.33 0.49
C ALA B 7 0.71 -0.75 1.42
N ARG B 8 -0.10 0.19 1.86
CA ARG B 8 -1.15 -0.13 2.82
C ARG B 8 -2.19 -1.11 2.33
N SER B 10 -6.04 0.27 1.43
CA SER B 10 -7.14 0.79 2.19
C SER B 10 -8.31 -0.22 2.26
N THR B 11 -8.28 -1.05 3.29
CA THR B 11 -9.26 -2.07 3.48
C THR B 11 -10.03 -1.81 4.76
N GLY B 12 -11.34 -1.86 4.69
CA GLY B 12 -12.15 -1.67 5.86
C GLY B 12 -13.52 -1.22 5.47
N GLY B 13 -14.26 -0.73 6.43
CA GLY B 13 -15.59 -0.24 6.17
C GLY B 13 -15.85 1.00 6.98
N LYS B 14 -14.76 1.63 7.38
CA LYS B 14 -14.71 2.85 8.17
C LYS B 14 -13.36 3.45 7.90
N ALA B 15 -13.22 4.73 8.13
CA ALA B 15 -11.97 5.40 7.92
C ALA B 15 -11.78 6.39 9.06
N PRO B 16 -10.58 6.45 9.66
CA PRO B 16 -10.30 7.38 10.74
C PRO B 16 -10.21 8.82 10.21
N ARG B 17 -11.28 9.52 10.30
CA ARG B 17 -11.36 10.88 9.88
C ARG B 17 -12.24 11.61 10.87
N TYR B 18 -12.22 12.89 10.85
CA TYR B 18 -13.08 13.70 11.64
C TYR B 18 -13.97 14.39 10.65
N MET A 1 -7.94 26.37 24.93
CA MET A 1 -6.62 26.30 25.56
C MET A 1 -6.11 24.91 25.37
N VAL A 2 -4.85 24.69 25.64
CA VAL A 2 -4.25 23.38 25.48
C VAL A 2 -3.43 23.06 26.71
N SER A 3 -3.44 21.83 27.11
CA SER A 3 -2.66 21.38 28.23
C SER A 3 -1.55 20.48 27.74
N VAL A 4 -0.31 20.86 27.96
CA VAL A 4 0.79 20.10 27.44
C VAL A 4 1.27 19.11 28.49
N LYS A 5 1.30 17.89 28.08
CA LYS A 5 1.67 16.77 28.90
C LYS A 5 2.99 16.24 28.35
N PRO A 6 3.77 15.49 29.13
CA PRO A 6 4.95 14.84 28.59
C PRO A 6 4.51 13.77 27.60
N LEU A 7 4.88 13.93 26.36
CA LEU A 7 4.43 13.03 25.33
C LEU A 7 5.59 12.23 24.79
N PRO A 8 5.32 11.04 24.22
CA PRO A 8 6.31 10.23 23.56
C PRO A 8 6.40 10.56 22.06
N ASP A 9 7.58 10.91 21.61
CA ASP A 9 7.79 11.24 20.20
C ASP A 9 7.98 9.94 19.44
N ILE A 10 8.61 9.00 20.09
CA ILE A 10 8.74 7.66 19.59
C ILE A 10 7.78 6.79 20.38
N ASP A 11 7.10 5.89 19.70
CA ASP A 11 6.16 4.99 20.37
C ASP A 11 6.95 3.92 21.12
N SER A 12 6.28 3.21 22.00
CA SER A 12 6.91 2.23 22.81
C SER A 12 6.96 0.87 22.09
N ASN A 13 6.08 0.66 21.13
CA ASN A 13 6.07 -0.61 20.42
C ASN A 13 6.16 -0.43 18.92
N GLU A 14 6.86 -1.34 18.29
CA GLU A 14 6.96 -1.40 16.86
C GLU A 14 7.03 -2.89 16.56
N GLY A 15 6.75 -3.30 15.36
CA GLY A 15 6.74 -4.70 15.07
C GLY A 15 6.50 -4.96 13.61
N GLU A 16 5.29 -5.36 13.32
CA GLU A 16 4.91 -5.69 11.97
C GLU A 16 3.99 -4.59 11.47
N THR A 17 4.46 -3.79 10.54
CA THR A 17 3.66 -2.72 9.99
C THR A 17 2.67 -3.33 8.96
N ASP A 18 2.93 -4.58 8.64
CA ASP A 18 2.21 -5.42 7.69
C ASP A 18 0.73 -5.54 8.05
N ALA A 19 0.42 -5.32 9.31
CA ALA A 19 -0.95 -5.32 9.80
C ALA A 19 -1.85 -4.34 9.00
N ASP A 20 -1.25 -3.30 8.46
CA ASP A 20 -1.96 -2.28 7.67
C ASP A 20 -1.23 -2.10 6.32
N VAL A 21 -0.36 -3.05 6.01
CA VAL A 21 0.49 -2.97 4.82
C VAL A 21 0.68 -4.36 4.20
N TYR A 22 0.27 -4.51 2.97
CA TYR A 22 0.39 -5.78 2.29
C TYR A 22 1.46 -5.72 1.22
N GLU A 23 1.91 -6.87 0.79
CA GLU A 23 3.00 -7.01 -0.14
C GLU A 23 2.59 -6.57 -1.53
N VAL A 24 3.44 -5.85 -2.20
CA VAL A 24 3.19 -5.42 -3.54
C VAL A 24 3.92 -6.33 -4.50
N GLU A 25 3.14 -7.12 -5.20
CA GLU A 25 3.66 -7.99 -6.24
C GLU A 25 4.07 -7.12 -7.42
N ASP A 26 3.12 -6.31 -7.90
CA ASP A 26 3.32 -5.41 -9.05
C ASP A 26 2.07 -4.61 -9.30
N ILE A 27 2.16 -3.69 -10.24
CA ILE A 27 1.04 -2.87 -10.65
C ILE A 27 0.52 -3.46 -11.97
N LEU A 28 -0.78 -3.46 -12.17
CA LEU A 28 -1.33 -3.98 -13.43
C LEU A 28 -1.82 -2.87 -14.33
N ALA A 29 -2.26 -1.77 -13.74
CA ALA A 29 -2.80 -0.65 -14.47
C ALA A 29 -2.99 0.50 -13.53
N ASP A 30 -3.45 1.60 -14.05
CA ASP A 30 -3.67 2.79 -13.26
C ASP A 30 -4.95 3.48 -13.67
N ARG A 31 -5.32 4.49 -12.94
CA ARG A 31 -6.54 5.22 -13.15
C ARG A 31 -6.41 6.55 -12.42
N VAL A 32 -7.22 7.51 -12.81
CA VAL A 32 -7.24 8.81 -12.23
C VAL A 32 -8.69 9.17 -12.01
N ASN A 33 -9.00 9.80 -10.90
CA ASN A 33 -10.35 10.24 -10.64
C ASN A 33 -10.55 11.63 -11.20
N LYS A 34 -11.76 12.15 -11.08
CA LYS A 34 -12.01 13.53 -11.49
C LYS A 34 -11.71 14.43 -10.31
N ASN A 35 -11.76 13.82 -9.13
CA ASN A 35 -11.53 14.52 -7.87
C ASN A 35 -10.07 14.91 -7.70
N GLY A 36 -9.18 14.24 -8.43
CA GLY A 36 -7.78 14.58 -8.32
C GLY A 36 -6.97 13.53 -7.60
N ILE A 37 -7.47 12.30 -7.58
CA ILE A 37 -6.75 11.22 -6.92
C ILE A 37 -6.34 10.23 -7.97
N ASN A 38 -5.11 9.81 -7.94
CA ASN A 38 -4.66 8.75 -8.82
C ASN A 38 -4.72 7.46 -8.03
N GLU A 39 -5.03 6.40 -8.68
CA GLU A 39 -5.14 5.12 -8.04
C GLU A 39 -4.63 4.07 -8.97
N TYR A 40 -4.09 3.01 -8.44
CA TYR A 40 -3.47 2.02 -9.28
C TYR A 40 -3.94 0.63 -8.91
N TYR A 41 -3.97 -0.25 -9.89
CA TYR A 41 -4.38 -1.63 -9.73
C TYR A 41 -3.21 -2.42 -9.16
N ILE A 42 -3.21 -2.63 -7.87
CA ILE A 42 -2.10 -3.26 -7.18
C ILE A 42 -2.39 -4.74 -6.95
N LYS A 43 -1.42 -5.60 -7.25
CA LYS A 43 -1.54 -7.01 -6.91
C LYS A 43 -0.92 -7.26 -5.56
N TRP A 44 -1.74 -7.37 -4.57
CA TRP A 44 -1.28 -7.60 -3.23
C TRP A 44 -0.89 -9.05 -3.05
N ALA A 45 0.33 -9.26 -2.71
CA ALA A 45 0.79 -10.57 -2.44
C ALA A 45 0.58 -10.84 -0.97
N GLY A 46 0.52 -12.08 -0.60
CA GLY A 46 0.24 -12.41 0.77
C GLY A 46 -1.24 -12.68 0.97
N TYR A 47 -2.06 -12.11 0.10
CA TYR A 47 -3.48 -12.36 0.16
C TYR A 47 -3.81 -13.29 -0.94
N ASP A 48 -5.05 -13.60 -1.02
CA ASP A 48 -5.54 -14.41 -2.13
C ASP A 48 -5.23 -13.73 -3.46
N TRP A 49 -4.88 -14.50 -4.44
CA TRP A 49 -4.42 -14.00 -5.73
C TRP A 49 -5.49 -13.22 -6.52
N TYR A 50 -6.73 -13.37 -6.13
CA TYR A 50 -7.82 -12.68 -6.77
C TYR A 50 -8.23 -11.43 -5.98
N ASP A 51 -7.33 -10.95 -5.14
CA ASP A 51 -7.66 -9.85 -4.22
C ASP A 51 -7.34 -8.49 -4.80
N ASN A 52 -6.49 -8.47 -5.83
CA ASN A 52 -5.94 -7.24 -6.38
C ASN A 52 -7.01 -6.19 -6.67
N THR A 53 -6.70 -4.97 -6.32
CA THR A 53 -7.67 -3.91 -6.36
C THR A 53 -6.95 -2.57 -6.58
N TRP A 54 -7.73 -1.53 -6.74
CA TRP A 54 -7.21 -0.21 -6.98
C TRP A 54 -7.08 0.51 -5.65
N GLU A 55 -5.95 1.11 -5.41
CA GLU A 55 -5.73 1.87 -4.21
C GLU A 55 -5.09 3.20 -4.58
N PRO A 56 -5.31 4.26 -3.78
CA PRO A 56 -4.79 5.60 -4.06
C PRO A 56 -3.28 5.72 -3.81
N GLU A 57 -2.73 6.83 -4.26
CA GLU A 57 -1.28 7.13 -4.20
C GLU A 57 -0.78 7.11 -2.77
N GLN A 58 -1.66 7.48 -1.86
CA GLN A 58 -1.37 7.55 -0.44
C GLN A 58 -0.95 6.18 0.12
N ASN A 59 -1.39 5.12 -0.52
CA ASN A 59 -1.06 3.79 -0.04
C ASN A 59 0.27 3.30 -0.58
N LEU A 60 0.76 3.97 -1.59
CA LEU A 60 1.98 3.55 -2.30
C LEU A 60 3.23 4.19 -1.76
N PHE A 61 3.16 4.70 -0.54
CA PHE A 61 4.28 5.41 0.12
C PHE A 61 5.60 4.60 0.10
N GLY A 62 5.52 3.28 0.13
CA GLY A 62 6.71 2.46 0.07
C GLY A 62 7.03 2.06 -1.36
N ALA A 63 5.99 1.89 -2.15
CA ALA A 63 6.12 1.44 -3.52
C ALA A 63 6.26 2.62 -4.47
N GLU A 64 6.85 3.68 -3.96
CA GLU A 64 7.15 4.90 -4.70
C GLU A 64 8.08 4.57 -5.87
N LYS A 65 9.01 3.68 -5.61
CA LYS A 65 10.02 3.29 -6.57
C LYS A 65 9.37 2.55 -7.74
N VAL A 66 8.62 1.50 -7.42
CA VAL A 66 7.97 0.68 -8.42
C VAL A 66 6.86 1.43 -9.15
N LEU A 67 6.21 2.35 -8.45
CA LEU A 67 5.18 3.18 -9.03
C LEU A 67 5.76 4.05 -10.13
N LYS A 68 6.90 4.65 -9.84
CA LYS A 68 7.59 5.46 -10.82
C LYS A 68 8.06 4.63 -11.98
N LYS A 69 8.51 3.42 -11.72
CA LYS A 69 8.89 2.50 -12.78
C LYS A 69 7.69 2.25 -13.72
N TRP A 70 6.53 1.93 -13.10
CA TRP A 70 5.30 1.74 -13.83
C TRP A 70 4.96 2.99 -14.63
N LYS A 71 4.88 4.13 -13.95
CA LYS A 71 4.52 5.39 -14.59
C LYS A 71 5.52 5.83 -15.64
N LYS A 72 6.74 5.37 -15.51
CA LYS A 72 7.73 5.67 -16.48
C LYS A 72 7.38 4.98 -17.78
N ARG A 73 6.94 3.72 -17.70
CA ARG A 73 6.45 3.03 -18.90
C ARG A 73 5.00 3.36 -19.25
N LYS A 74 4.20 3.70 -18.28
CA LYS A 74 2.82 4.04 -18.47
C LYS A 74 2.43 5.28 -17.68
N LYS A 75 2.56 6.40 -18.31
CA LYS A 75 2.11 7.63 -17.73
C LYS A 75 0.66 7.84 -18.07
N ALA B 1 17.77 -12.41 0.98
CA ALA B 1 16.53 -12.72 1.70
C ALA B 1 15.39 -12.54 0.74
N ARG B 2 14.24 -13.08 1.07
CA ARG B 2 13.06 -12.96 0.21
C ARG B 2 12.35 -11.69 0.64
N THR B 3 12.42 -10.66 -0.16
CA THR B 3 11.82 -9.41 0.20
C THR B 3 11.27 -8.71 -1.05
N LYS B 4 10.18 -8.00 -0.87
CA LYS B 4 9.53 -7.24 -1.93
C LYS B 4 9.08 -5.95 -1.31
N GLN B 5 8.72 -5.00 -2.14
CA GLN B 5 8.20 -3.75 -1.65
C GLN B 5 6.73 -3.96 -1.27
N THR B 6 6.23 -3.23 -0.31
CA THR B 6 4.89 -3.43 0.14
C THR B 6 4.17 -2.04 0.27
N ALA B 7 2.85 -2.04 0.36
CA ALA B 7 2.06 -0.81 0.45
C ALA B 7 0.82 -1.06 1.30
N ARG B 8 0.05 -0.02 1.64
CA ARG B 8 -1.06 -0.20 2.61
C ARG B 8 -2.17 -1.19 2.21
N SER B 10 -5.93 0.13 1.65
CA SER B 10 -6.79 0.71 2.60
C SER B 10 -8.05 -0.12 2.73
N THR B 11 -7.99 -1.06 3.63
CA THR B 11 -9.09 -1.92 3.89
C THR B 11 -10.00 -1.21 4.87
N GLY B 12 -10.79 -0.33 4.33
CA GLY B 12 -11.62 0.52 5.11
C GLY B 12 -10.99 1.90 5.18
N GLY B 13 -11.74 2.86 5.64
CA GLY B 13 -11.19 4.20 5.78
C GLY B 13 -11.38 5.02 4.52
N LYS B 14 -12.28 4.58 3.67
CA LYS B 14 -12.59 5.25 2.45
C LYS B 14 -14.02 4.93 2.07
N ALA B 15 -14.79 5.94 1.77
CA ALA B 15 -16.18 5.79 1.43
C ALA B 15 -16.61 6.97 0.57
N PRO B 16 -17.53 6.77 -0.37
CA PRO B 16 -18.05 7.84 -1.20
C PRO B 16 -18.93 8.80 -0.39
N ARG B 17 -18.72 10.08 -0.56
CA ARG B 17 -19.50 11.05 0.14
C ARG B 17 -20.55 11.65 -0.75
N TYR B 18 -21.72 11.17 -0.58
CA TYR B 18 -22.88 11.75 -1.16
C TYR B 18 -23.68 12.19 0.05
N MET A 1 8.71 -31.57 9.86
CA MET A 1 9.94 -30.92 9.39
C MET A 1 11.10 -31.71 9.93
N VAL A 2 12.15 -31.81 9.17
CA VAL A 2 13.37 -32.49 9.60
C VAL A 2 14.50 -31.51 9.39
N SER A 3 14.67 -30.66 10.35
CA SER A 3 15.63 -29.63 10.29
C SER A 3 16.04 -29.23 11.70
N VAL A 4 16.93 -28.29 11.80
CA VAL A 4 17.34 -27.76 13.07
C VAL A 4 16.50 -26.52 13.30
N LYS A 5 16.20 -26.21 14.54
CA LYS A 5 15.36 -25.08 14.80
C LYS A 5 16.22 -23.89 15.17
N PRO A 6 15.73 -22.66 14.98
CA PRO A 6 16.47 -21.46 15.34
C PRO A 6 16.35 -21.14 16.83
N LEU A 7 17.46 -20.84 17.44
CA LEU A 7 17.48 -20.43 18.81
C LEU A 7 17.27 -18.91 18.89
N PRO A 8 16.78 -18.38 20.02
CA PRO A 8 16.55 -16.96 20.15
C PRO A 8 17.83 -16.15 20.34
N ASP A 9 18.44 -15.81 19.23
CA ASP A 9 19.60 -14.89 19.20
C ASP A 9 19.04 -13.49 18.97
N ILE A 10 18.00 -13.46 18.17
CA ILE A 10 17.24 -12.28 17.91
C ILE A 10 15.96 -12.46 18.72
N ASP A 11 15.32 -11.37 19.12
CA ASP A 11 14.08 -11.46 19.89
C ASP A 11 12.99 -12.12 19.06
N SER A 12 12.04 -12.71 19.72
CA SER A 12 10.98 -13.45 19.10
C SER A 12 9.90 -12.55 18.48
N ASN A 13 9.80 -11.31 18.92
CA ASN A 13 8.76 -10.45 18.44
C ASN A 13 9.22 -9.56 17.30
N GLU A 14 8.85 -9.94 16.11
CA GLU A 14 8.97 -9.09 14.97
C GLU A 14 7.61 -8.43 14.93
N GLY A 15 7.55 -7.14 14.68
CA GLY A 15 6.28 -6.48 14.88
C GLY A 15 5.39 -6.57 13.70
N GLU A 16 4.14 -6.30 13.93
CA GLU A 16 3.15 -6.48 12.95
C GLU A 16 2.69 -5.11 12.46
N THR A 17 3.17 -4.73 11.33
CA THR A 17 2.72 -3.52 10.70
C THR A 17 1.91 -3.89 9.46
N ASP A 18 2.02 -5.17 9.12
CA ASP A 18 1.41 -5.75 7.92
C ASP A 18 -0.10 -5.64 7.90
N ALA A 19 -0.68 -5.55 9.08
CA ALA A 19 -2.11 -5.38 9.26
C ALA A 19 -2.64 -4.18 8.47
N ASP A 20 -1.80 -3.17 8.32
CA ASP A 20 -2.20 -1.97 7.59
C ASP A 20 -1.19 -1.67 6.49
N VAL A 21 -0.32 -2.67 6.18
CA VAL A 21 0.71 -2.54 5.12
C VAL A 21 0.95 -3.93 4.50
N TYR A 22 0.64 -4.09 3.26
CA TYR A 22 0.85 -5.35 2.60
C TYR A 22 1.92 -5.23 1.54
N GLU A 23 2.46 -6.35 1.14
CA GLU A 23 3.44 -6.40 0.12
C GLU A 23 2.88 -6.11 -1.25
N VAL A 24 3.66 -5.46 -2.00
CA VAL A 24 3.36 -5.11 -3.35
C VAL A 24 4.14 -5.98 -4.31
N GLU A 25 3.44 -6.85 -5.03
CA GLU A 25 4.08 -7.66 -6.06
C GLU A 25 4.48 -6.74 -7.21
N ASP A 26 3.48 -6.03 -7.77
CA ASP A 26 3.71 -5.06 -8.86
C ASP A 26 2.36 -4.44 -9.24
N ILE A 27 2.38 -3.52 -10.21
CA ILE A 27 1.18 -2.79 -10.62
C ILE A 27 0.65 -3.43 -11.90
N LEU A 28 -0.64 -3.48 -12.06
CA LEU A 28 -1.23 -4.07 -13.26
C LEU A 28 -1.89 -3.05 -14.19
N ALA A 29 -2.36 -1.93 -13.63
CA ALA A 29 -3.07 -0.90 -14.41
C ALA A 29 -3.28 0.33 -13.53
N ASP A 30 -3.88 1.36 -14.07
CA ASP A 30 -4.08 2.60 -13.32
C ASP A 30 -5.49 3.17 -13.51
N ARG A 31 -5.77 4.22 -12.79
CA ARG A 31 -7.07 4.89 -12.79
C ARG A 31 -6.85 6.27 -12.17
N VAL A 32 -7.73 7.19 -12.43
CA VAL A 32 -7.65 8.48 -11.85
C VAL A 32 -9.05 8.95 -11.45
N ASN A 33 -9.16 9.61 -10.31
CA ASN A 33 -10.43 10.16 -9.88
C ASN A 33 -10.65 11.49 -10.54
N LYS A 34 -11.78 12.10 -10.29
CA LYS A 34 -12.04 13.43 -10.77
C LYS A 34 -11.62 14.43 -9.71
N ASN A 35 -11.48 13.91 -8.50
CA ASN A 35 -11.07 14.70 -7.33
C ASN A 35 -9.60 15.13 -7.45
N GLY A 36 -8.85 14.42 -8.29
CA GLY A 36 -7.46 14.77 -8.50
C GLY A 36 -6.50 13.80 -7.87
N ILE A 37 -6.96 12.59 -7.60
CA ILE A 37 -6.11 11.57 -7.04
C ILE A 37 -5.98 10.46 -8.05
N ASN A 38 -4.78 9.98 -8.29
CA ASN A 38 -4.61 8.84 -9.16
C ASN A 38 -4.48 7.57 -8.36
N GLU A 39 -4.89 6.48 -8.94
CA GLU A 39 -4.98 5.20 -8.26
C GLU A 39 -4.48 4.13 -9.17
N TYR A 40 -4.13 2.99 -8.63
CA TYR A 40 -3.57 1.96 -9.47
C TYR A 40 -4.06 0.59 -9.04
N TYR A 41 -4.11 -0.32 -9.99
CA TYR A 41 -4.51 -1.70 -9.77
C TYR A 41 -3.30 -2.45 -9.22
N ILE A 42 -3.29 -2.68 -7.93
CA ILE A 42 -2.14 -3.25 -7.25
C ILE A 42 -2.30 -4.75 -7.05
N LYS A 43 -1.26 -5.51 -7.35
CA LYS A 43 -1.22 -6.90 -7.01
C LYS A 43 -0.53 -7.06 -5.68
N TRP A 44 -1.33 -7.26 -4.68
CA TRP A 44 -0.86 -7.41 -3.34
C TRP A 44 -0.27 -8.79 -3.12
N ALA A 45 0.93 -8.81 -2.65
CA ALA A 45 1.59 -10.03 -2.37
C ALA A 45 1.16 -10.47 -0.99
N GLY A 46 1.26 -11.75 -0.74
CA GLY A 46 0.86 -12.27 0.54
C GLY A 46 -0.59 -12.69 0.55
N TYR A 47 -1.40 -12.10 -0.32
CA TYR A 47 -2.79 -12.43 -0.34
C TYR A 47 -3.12 -13.28 -1.50
N ASP A 48 -4.36 -13.64 -1.51
CA ASP A 48 -4.97 -14.44 -2.58
C ASP A 48 -4.80 -13.76 -3.95
N TRP A 49 -4.71 -14.56 -4.99
CA TRP A 49 -4.47 -14.07 -6.34
C TRP A 49 -5.60 -13.17 -6.87
N TYR A 50 -6.80 -13.31 -6.33
CA TYR A 50 -7.97 -12.56 -6.77
C TYR A 50 -8.23 -11.34 -5.87
N ASP A 51 -7.20 -10.90 -5.18
CA ASP A 51 -7.32 -9.84 -4.16
C ASP A 51 -7.08 -8.44 -4.73
N ASN A 52 -6.49 -8.42 -5.90
CA ASN A 52 -6.00 -7.20 -6.57
C ASN A 52 -7.09 -6.14 -6.57
N THR A 53 -6.71 -4.94 -6.28
CA THR A 53 -7.67 -3.89 -6.24
C THR A 53 -6.97 -2.57 -6.55
N TRP A 54 -7.75 -1.54 -6.69
CA TRP A 54 -7.26 -0.23 -6.99
C TRP A 54 -7.12 0.53 -5.69
N GLU A 55 -6.01 1.17 -5.47
CA GLU A 55 -5.93 2.03 -4.32
C GLU A 55 -5.25 3.33 -4.72
N PRO A 56 -5.54 4.44 -4.02
CA PRO A 56 -4.91 5.71 -4.32
C PRO A 56 -3.40 5.69 -4.06
N GLU A 57 -2.74 6.64 -4.69
CA GLU A 57 -1.29 6.80 -4.70
C GLU A 57 -0.70 7.00 -3.28
N GLN A 58 -1.50 7.53 -2.38
CA GLN A 58 -1.07 7.87 -1.02
C GLN A 58 -0.57 6.67 -0.24
N ASN A 59 -1.09 5.52 -0.54
CA ASN A 59 -0.74 4.32 0.22
C ASN A 59 0.49 3.63 -0.34
N LEU A 60 0.89 4.05 -1.52
CA LEU A 60 1.99 3.44 -2.26
C LEU A 60 3.32 4.08 -1.96
N PHE A 61 3.38 4.78 -0.84
CA PHE A 61 4.58 5.51 -0.39
C PHE A 61 5.85 4.61 -0.38
N GLY A 62 5.65 3.31 -0.15
CA GLY A 62 6.76 2.39 -0.12
C GLY A 62 6.99 1.75 -1.48
N ALA A 63 5.93 1.67 -2.27
CA ALA A 63 6.03 1.09 -3.59
C ALA A 63 6.11 2.18 -4.65
N GLU A 64 6.64 3.33 -4.29
CA GLU A 64 6.81 4.44 -5.22
C GLU A 64 7.89 4.11 -6.25
N LYS A 65 8.85 3.31 -5.84
CA LYS A 65 9.90 2.82 -6.73
C LYS A 65 9.28 1.97 -7.88
N VAL A 66 8.46 1.01 -7.52
CA VAL A 66 7.77 0.16 -8.48
C VAL A 66 6.75 0.99 -9.27
N LEU A 67 6.18 1.94 -8.58
CA LEU A 67 5.24 2.86 -9.14
C LEU A 67 5.94 3.74 -10.19
N LYS A 68 7.16 4.21 -9.88
CA LYS A 68 7.99 4.97 -10.83
C LYS A 68 8.19 4.17 -12.09
N LYS A 69 8.48 2.87 -11.93
CA LYS A 69 8.64 1.97 -13.07
C LYS A 69 7.36 1.97 -13.91
N TRP A 70 6.24 1.76 -13.22
CA TRP A 70 4.92 1.71 -13.85
C TRP A 70 4.62 3.02 -14.57
N LYS A 71 4.71 4.11 -13.85
CA LYS A 71 4.40 5.43 -14.38
C LYS A 71 5.32 5.82 -15.54
N LYS A 72 6.48 5.21 -15.61
CA LYS A 72 7.38 5.41 -16.71
C LYS A 72 6.94 4.58 -17.94
N ARG A 73 6.38 3.42 -17.69
CA ARG A 73 5.85 2.58 -18.75
C ARG A 73 4.46 3.05 -19.19
N LYS A 74 3.81 3.76 -18.32
CA LYS A 74 2.46 4.25 -18.47
C LYS A 74 2.27 5.32 -19.54
N LYS A 75 1.19 5.16 -20.24
CA LYS A 75 0.61 6.18 -21.05
C LYS A 75 -0.59 6.67 -20.28
N ALA B 1 10.88 -10.74 8.58
CA ALA B 1 11.26 -11.82 7.69
C ALA B 1 10.47 -11.72 6.37
N ARG B 2 10.03 -10.53 6.03
CA ARG B 2 9.29 -10.28 4.80
C ARG B 2 9.99 -9.12 4.11
N THR B 3 10.31 -9.25 2.85
CA THR B 3 11.05 -8.22 2.16
C THR B 3 10.63 -8.11 0.68
N LYS B 4 9.72 -7.23 0.43
CA LYS B 4 9.25 -6.85 -0.89
C LYS B 4 8.89 -5.40 -0.82
N GLN B 5 8.69 -4.77 -1.96
CA GLN B 5 8.19 -3.41 -1.99
C GLN B 5 6.79 -3.49 -1.37
N THR B 6 6.40 -2.59 -0.52
CA THR B 6 5.10 -2.75 0.10
C THR B 6 4.34 -1.43 0.10
N ALA B 7 3.05 -1.50 0.35
CA ALA B 7 2.20 -0.34 0.43
C ALA B 7 1.12 -0.62 1.45
N ARG B 8 0.32 0.37 1.80
CA ARG B 8 -0.69 0.20 2.85
C ARG B 8 -1.75 -0.88 2.53
N SER B 10 -5.31 0.44 1.29
CA SER B 10 -6.40 1.20 1.81
C SER B 10 -7.74 0.47 1.62
N THR B 11 -8.08 -0.32 2.59
CA THR B 11 -9.27 -1.09 2.54
C THR B 11 -10.39 -0.35 3.29
N GLY B 12 -11.16 0.41 2.56
CA GLY B 12 -12.24 1.14 3.15
C GLY B 12 -13.15 1.70 2.10
N GLY B 13 -14.36 2.02 2.47
CA GLY B 13 -15.31 2.55 1.54
C GLY B 13 -16.39 3.32 2.25
N LYS B 14 -17.38 3.74 1.49
CA LYS B 14 -18.56 4.44 1.98
C LYS B 14 -19.73 3.97 1.15
N ALA B 15 -20.88 3.87 1.74
CA ALA B 15 -22.06 3.41 1.06
C ALA B 15 -23.26 4.21 1.53
N PRO B 16 -24.15 4.60 0.60
CA PRO B 16 -25.36 5.33 0.96
C PRO B 16 -26.34 4.44 1.73
N ARG B 17 -26.63 4.82 2.94
CA ARG B 17 -27.53 4.08 3.79
C ARG B 17 -28.35 5.03 4.62
N TYR B 18 -29.09 4.46 5.50
CA TYR B 18 -29.89 5.12 6.46
C TYR B 18 -29.67 4.29 7.69
N MET A 1 26.23 -0.22 -10.65
CA MET A 1 26.27 0.82 -11.69
C MET A 1 27.02 1.96 -11.11
N VAL A 2 27.39 2.94 -11.91
CA VAL A 2 28.06 4.11 -11.37
C VAL A 2 26.98 5.07 -10.90
N SER A 3 26.52 4.81 -9.71
CA SER A 3 25.45 5.54 -9.11
C SER A 3 25.61 5.45 -7.61
N VAL A 4 24.69 6.01 -6.89
CA VAL A 4 24.69 5.92 -5.45
C VAL A 4 23.78 4.77 -5.09
N LYS A 5 24.24 3.92 -4.19
CA LYS A 5 23.44 2.80 -3.78
C LYS A 5 22.55 3.26 -2.61
N PRO A 6 21.44 2.55 -2.36
CA PRO A 6 20.55 2.88 -1.24
C PRO A 6 21.25 2.77 0.13
N LEU A 7 20.85 3.63 1.01
CA LEU A 7 21.28 3.65 2.38
C LEU A 7 20.06 3.27 3.21
N PRO A 8 20.21 2.83 4.48
CA PRO A 8 19.06 2.46 5.32
C PRO A 8 18.10 3.63 5.57
N ASP A 9 17.03 3.67 4.81
CA ASP A 9 15.98 4.67 4.95
C ASP A 9 14.90 4.10 5.87
N ILE A 10 14.71 2.81 5.78
CA ILE A 10 13.78 2.10 6.61
C ILE A 10 14.48 1.77 7.93
N ASP A 11 13.74 1.89 9.02
CA ASP A 11 14.28 1.61 10.35
C ASP A 11 14.53 0.10 10.52
N SER A 12 15.25 -0.27 11.54
CA SER A 12 15.62 -1.63 11.76
C SER A 12 14.52 -2.39 12.49
N ASN A 13 13.63 -1.68 13.16
CA ASN A 13 12.56 -2.35 13.89
C ASN A 13 11.32 -2.50 13.04
N GLU A 14 11.30 -3.57 12.30
CA GLU A 14 10.15 -3.96 11.52
C GLU A 14 9.62 -5.26 12.13
N GLY A 15 8.37 -5.53 11.92
CA GLY A 15 7.76 -6.70 12.49
C GLY A 15 6.45 -6.97 11.80
N GLU A 16 5.37 -6.75 12.49
CA GLU A 16 4.11 -6.95 11.89
C GLU A 16 3.48 -5.60 11.63
N THR A 17 3.58 -5.17 10.42
CA THR A 17 2.94 -3.97 9.95
C THR A 17 1.80 -4.33 9.02
N ASP A 18 1.60 -5.65 8.88
CA ASP A 18 0.63 -6.27 7.94
C ASP A 18 -0.76 -5.68 8.09
N ALA A 19 -1.10 -5.32 9.33
CA ALA A 19 -2.43 -4.83 9.66
C ALA A 19 -2.85 -3.63 8.82
N ASP A 20 -1.90 -2.81 8.45
CA ASP A 20 -2.20 -1.70 7.58
C ASP A 20 -1.21 -1.61 6.45
N VAL A 21 -0.44 -2.68 6.22
CA VAL A 21 0.59 -2.68 5.15
C VAL A 21 0.76 -4.09 4.55
N TYR A 22 0.44 -4.25 3.29
CA TYR A 22 0.63 -5.50 2.58
C TYR A 22 1.68 -5.36 1.48
N GLU A 23 2.19 -6.47 1.02
CA GLU A 23 3.18 -6.48 -0.05
C GLU A 23 2.61 -6.13 -1.38
N VAL A 24 3.40 -5.45 -2.10
CA VAL A 24 3.11 -5.06 -3.45
C VAL A 24 3.88 -5.95 -4.40
N GLU A 25 3.16 -6.79 -5.09
CA GLU A 25 3.72 -7.70 -6.07
C GLU A 25 4.14 -6.83 -7.27
N ASP A 26 3.17 -6.06 -7.81
CA ASP A 26 3.40 -5.05 -8.85
C ASP A 26 2.06 -4.38 -9.21
N ILE A 27 2.07 -3.45 -10.13
CA ILE A 27 0.91 -2.67 -10.50
C ILE A 27 0.29 -3.33 -11.73
N LEU A 28 -1.02 -3.34 -11.82
CA LEU A 28 -1.69 -3.96 -12.96
C LEU A 28 -2.21 -2.92 -13.93
N ALA A 29 -2.54 -1.74 -13.43
CA ALA A 29 -3.10 -0.66 -14.23
C ALA A 29 -3.17 0.60 -13.38
N ASP A 30 -3.63 1.68 -13.96
CA ASP A 30 -3.76 2.95 -13.26
C ASP A 30 -5.06 3.60 -13.64
N ARG A 31 -5.44 4.62 -12.89
CA ARG A 31 -6.64 5.37 -13.16
C ARG A 31 -6.55 6.68 -12.40
N VAL A 32 -7.33 7.65 -12.81
CA VAL A 32 -7.36 8.94 -12.16
C VAL A 32 -8.82 9.30 -11.99
N ASN A 33 -9.17 9.88 -10.86
CA ASN A 33 -10.54 10.30 -10.64
C ASN A 33 -10.74 11.71 -11.14
N LYS A 34 -11.95 12.21 -11.04
CA LYS A 34 -12.22 13.59 -11.42
C LYS A 34 -12.00 14.47 -10.19
N ASN A 35 -12.08 13.84 -9.04
CA ASN A 35 -11.89 14.49 -7.74
C ASN A 35 -10.44 14.90 -7.51
N GLY A 36 -9.52 14.28 -8.26
CA GLY A 36 -8.12 14.64 -8.10
C GLY A 36 -7.31 13.56 -7.41
N ILE A 37 -7.79 12.34 -7.44
CA ILE A 37 -7.07 11.26 -6.80
C ILE A 37 -6.61 10.30 -7.87
N ASN A 38 -5.35 9.90 -7.79
CA ASN A 38 -4.80 8.91 -8.70
C ASN A 38 -4.89 7.58 -8.00
N GLU A 39 -5.15 6.55 -8.75
CA GLU A 39 -5.30 5.20 -8.21
C GLU A 39 -4.65 4.22 -9.10
N TYR A 40 -4.16 3.16 -8.52
CA TYR A 40 -3.49 2.16 -9.28
C TYR A 40 -4.00 0.82 -8.87
N TYR A 41 -4.00 -0.10 -9.78
CA TYR A 41 -4.42 -1.43 -9.52
C TYR A 41 -3.25 -2.15 -8.87
N ILE A 42 -3.33 -2.34 -7.59
CA ILE A 42 -2.24 -2.94 -6.85
C ILE A 42 -2.48 -4.42 -6.72
N LYS A 43 -1.51 -5.20 -7.12
CA LYS A 43 -1.57 -6.61 -6.95
C LYS A 43 -0.81 -6.94 -5.67
N TRP A 44 -1.53 -7.22 -4.64
CA TRP A 44 -0.97 -7.50 -3.35
C TRP A 44 -0.34 -8.89 -3.28
N ALA A 45 0.89 -8.92 -2.90
CA ALA A 45 1.57 -10.16 -2.67
C ALA A 45 1.31 -10.54 -1.23
N GLY A 46 1.41 -11.80 -0.92
CA GLY A 46 1.17 -12.23 0.44
C GLY A 46 -0.28 -12.62 0.67
N TYR A 47 -1.18 -12.05 -0.12
CA TYR A 47 -2.58 -12.39 0.03
C TYR A 47 -2.96 -13.29 -1.08
N ASP A 48 -4.19 -13.65 -1.05
CA ASP A 48 -4.78 -14.47 -2.11
C ASP A 48 -4.61 -13.81 -3.48
N TRP A 49 -4.47 -14.62 -4.50
CA TRP A 49 -4.18 -14.16 -5.85
C TRP A 49 -5.30 -13.29 -6.44
N TYR A 50 -6.50 -13.44 -5.94
CA TYR A 50 -7.66 -12.72 -6.44
C TYR A 50 -7.96 -11.50 -5.57
N ASP A 51 -6.97 -11.04 -4.81
CA ASP A 51 -7.21 -9.98 -3.82
C ASP A 51 -6.96 -8.59 -4.37
N ASN A 52 -6.23 -8.53 -5.47
CA ASN A 52 -5.79 -7.28 -6.07
C ASN A 52 -6.90 -6.26 -6.25
N THR A 53 -6.60 -5.02 -5.92
CA THR A 53 -7.57 -3.98 -5.93
C THR A 53 -6.88 -2.63 -6.21
N TRP A 54 -7.66 -1.59 -6.34
CA TRP A 54 -7.15 -0.26 -6.62
C TRP A 54 -6.86 0.47 -5.32
N GLU A 55 -5.76 1.20 -5.31
CA GLU A 55 -5.38 2.02 -4.18
C GLU A 55 -4.97 3.38 -4.70
N PRO A 56 -5.14 4.42 -3.90
CA PRO A 56 -4.73 5.77 -4.26
C PRO A 56 -3.20 5.96 -4.17
N GLU A 57 -2.73 7.10 -4.70
CA GLU A 57 -1.29 7.47 -4.77
C GLU A 57 -0.67 7.44 -3.35
N GLN A 58 -1.53 7.69 -2.36
CA GLN A 58 -1.19 7.72 -0.94
C GLN A 58 -0.60 6.41 -0.45
N ASN A 59 -0.94 5.35 -1.12
CA ASN A 59 -0.52 4.03 -0.73
C ASN A 59 0.82 3.64 -1.27
N LEU A 60 1.33 4.38 -2.20
CA LEU A 60 2.54 3.97 -2.89
C LEU A 60 3.80 4.47 -2.23
N PHE A 61 3.69 4.87 -0.97
CA PHE A 61 4.82 5.38 -0.17
C PHE A 61 5.98 4.36 -0.11
N GLY A 62 5.65 3.07 -0.11
CA GLY A 62 6.65 2.02 -0.04
C GLY A 62 6.91 1.38 -1.37
N ALA A 63 5.94 1.50 -2.25
CA ALA A 63 6.00 0.96 -3.57
C ALA A 63 6.33 2.04 -4.57
N GLU A 64 7.10 3.01 -4.13
CA GLU A 64 7.45 4.13 -4.97
C GLU A 64 8.31 3.68 -6.15
N LYS A 65 9.19 2.73 -5.91
CA LYS A 65 10.07 2.19 -6.94
C LYS A 65 9.26 1.51 -8.05
N VAL A 66 8.35 0.63 -7.67
CA VAL A 66 7.52 -0.09 -8.62
C VAL A 66 6.54 0.86 -9.33
N LEU A 67 6.12 1.89 -8.61
CA LEU A 67 5.24 2.91 -9.15
C LEU A 67 5.97 3.74 -10.20
N LYS A 68 7.18 4.15 -9.87
CA LYS A 68 8.03 4.92 -10.78
C LYS A 68 8.25 4.18 -12.06
N LYS A 69 8.60 2.90 -11.96
CA LYS A 69 8.84 2.12 -13.14
C LYS A 69 7.56 1.99 -13.97
N TRP A 70 6.41 1.82 -13.27
CA TRP A 70 5.13 1.75 -13.93
C TRP A 70 4.85 3.03 -14.69
N LYS A 71 4.76 4.15 -14.00
CA LYS A 71 4.41 5.43 -14.61
C LYS A 71 5.44 5.92 -15.64
N LYS A 72 6.66 5.46 -15.51
CA LYS A 72 7.68 5.80 -16.48
C LYS A 72 7.40 5.05 -17.79
N ARG A 73 7.00 3.78 -17.67
CA ARG A 73 6.61 3.00 -18.86
C ARG A 73 5.18 3.25 -19.33
N LYS A 74 4.35 3.68 -18.42
CA LYS A 74 2.97 3.96 -18.67
C LYS A 74 2.58 5.29 -18.06
N LYS A 75 2.67 6.28 -18.86
CA LYS A 75 2.25 7.59 -18.50
C LYS A 75 0.93 7.90 -19.20
N ALA B 1 14.03 -13.51 -4.26
CA ALA B 1 14.86 -12.40 -3.78
C ALA B 1 14.35 -11.99 -2.44
N ARG B 2 15.13 -11.23 -1.67
CA ARG B 2 14.68 -10.77 -0.35
C ARG B 2 14.07 -9.39 -0.46
N THR B 3 14.06 -8.89 -1.66
CA THR B 3 13.53 -7.61 -1.99
C THR B 3 12.02 -7.75 -2.18
N LYS B 4 11.26 -6.91 -1.51
CA LYS B 4 9.83 -6.89 -1.63
C LYS B 4 9.37 -5.45 -1.47
N GLN B 5 8.42 -5.04 -2.25
CA GLN B 5 7.88 -3.72 -2.16
C GLN B 5 6.55 -3.83 -1.46
N THR B 6 6.11 -2.83 -0.72
CA THR B 6 4.85 -2.96 -0.02
C THR B 6 4.05 -1.63 -0.08
N ALA B 7 2.76 -1.69 0.24
CA ALA B 7 1.90 -0.52 0.32
C ALA B 7 0.88 -0.76 1.43
N ARG B 8 0.10 0.24 1.79
CA ARG B 8 -0.84 0.08 2.90
C ARG B 8 -1.94 -0.98 2.69
N SER B 10 -5.86 0.36 1.74
CA SER B 10 -6.69 1.31 2.44
C SER B 10 -7.95 0.66 3.02
N THR B 11 -7.82 0.18 4.22
CA THR B 11 -8.90 -0.39 4.94
C THR B 11 -9.61 0.67 5.80
N GLY B 12 -10.38 1.50 5.14
CA GLY B 12 -11.11 2.54 5.80
C GLY B 12 -11.69 3.48 4.78
N GLY B 13 -12.58 4.34 5.21
CA GLY B 13 -13.20 5.27 4.30
C GLY B 13 -13.68 6.50 4.99
N LYS B 14 -12.80 7.13 5.72
CA LYS B 14 -13.11 8.36 6.42
C LYS B 14 -11.85 9.13 6.64
N ALA B 15 -11.93 10.43 6.56
CA ALA B 15 -10.81 11.30 6.84
C ALA B 15 -10.76 11.53 8.35
N PRO B 16 -9.56 11.59 8.95
CA PRO B 16 -9.44 11.81 10.38
C PRO B 16 -9.71 13.27 10.76
N ARG B 17 -10.96 13.61 10.84
CA ARG B 17 -11.38 14.91 11.25
C ARG B 17 -12.60 14.88 12.11
N TYR B 18 -12.55 15.72 13.10
CA TYR B 18 -13.61 16.04 13.99
C TYR B 18 -13.40 17.50 14.29
N MET A 1 16.63 -13.59 42.22
CA MET A 1 18.08 -13.72 42.43
C MET A 1 18.71 -12.50 41.83
N VAL A 2 19.93 -12.17 42.18
CA VAL A 2 20.62 -11.06 41.55
C VAL A 2 21.07 -11.48 40.15
N SER A 3 20.27 -11.16 39.19
CA SER A 3 20.51 -11.55 37.84
C SER A 3 20.19 -10.37 36.95
N VAL A 4 21.07 -10.07 36.03
CA VAL A 4 20.88 -8.97 35.13
C VAL A 4 20.25 -9.48 33.85
N LYS A 5 19.17 -8.89 33.47
CA LYS A 5 18.48 -9.26 32.27
C LYS A 5 18.64 -8.17 31.22
N PRO A 6 18.51 -8.49 29.93
CA PRO A 6 18.52 -7.49 28.89
C PRO A 6 17.25 -6.64 28.97
N LEU A 7 17.41 -5.35 28.91
CA LEU A 7 16.29 -4.45 28.98
C LEU A 7 15.89 -4.05 27.56
N PRO A 8 14.64 -3.65 27.34
CA PRO A 8 14.17 -3.25 26.03
C PRO A 8 14.51 -1.80 25.66
N ASP A 9 15.21 -1.65 24.56
CA ASP A 9 15.52 -0.35 23.98
C ASP A 9 14.33 0.06 23.12
N ILE A 10 13.73 -0.95 22.51
CA ILE A 10 12.50 -0.85 21.74
C ILE A 10 11.33 -0.63 22.72
N ASP A 11 10.29 0.06 22.28
CA ASP A 11 9.15 0.36 23.15
C ASP A 11 8.38 -0.91 23.57
N SER A 12 7.68 -0.82 24.69
CA SER A 12 6.95 -1.93 25.25
C SER A 12 5.76 -2.30 24.35
N ASN A 13 5.18 -1.32 23.69
CA ASN A 13 4.10 -1.58 22.78
C ASN A 13 4.36 -0.98 21.41
N GLU A 14 5.28 -1.60 20.73
CA GLU A 14 5.68 -1.18 19.41
C GLU A 14 5.23 -2.27 18.44
N GLY A 15 5.36 -2.06 17.16
CA GLY A 15 4.92 -3.04 16.20
C GLY A 15 5.47 -2.74 14.84
N GLU A 16 5.03 -3.49 13.87
CA GLU A 16 5.50 -3.39 12.52
C GLU A 16 4.42 -2.76 11.66
N THR A 17 4.81 -2.10 10.59
CA THR A 17 3.86 -1.46 9.73
C THR A 17 3.20 -2.46 8.79
N ASP A 18 3.77 -3.64 8.75
CA ASP A 18 3.27 -4.76 7.94
C ASP A 18 1.84 -5.11 8.33
N ALA A 19 1.53 -4.90 9.60
CA ALA A 19 0.19 -5.14 10.16
C ALA A 19 -0.91 -4.36 9.42
N ASP A 20 -0.55 -3.23 8.83
CA ASP A 20 -1.51 -2.35 8.14
C ASP A 20 -1.05 -2.13 6.68
N VAL A 21 -0.12 -2.97 6.25
CA VAL A 21 0.51 -2.82 4.94
C VAL A 21 0.78 -4.18 4.30
N TYR A 22 0.23 -4.40 3.13
CA TYR A 22 0.36 -5.67 2.45
C TYR A 22 1.33 -5.53 1.28
N GLU A 23 1.83 -6.63 0.81
CA GLU A 23 2.85 -6.65 -0.18
C GLU A 23 2.30 -6.26 -1.56
N VAL A 24 3.07 -5.54 -2.29
CA VAL A 24 2.72 -5.16 -3.64
C VAL A 24 3.53 -5.98 -4.60
N GLU A 25 2.87 -6.85 -5.31
CA GLU A 25 3.52 -7.72 -6.25
C GLU A 25 3.99 -6.84 -7.42
N ASP A 26 3.02 -6.11 -8.02
CA ASP A 26 3.30 -5.08 -9.05
C ASP A 26 1.95 -4.48 -9.47
N ILE A 27 1.96 -3.52 -10.39
CA ILE A 27 0.74 -2.83 -10.80
C ILE A 27 0.18 -3.52 -12.03
N LEU A 28 -1.12 -3.59 -12.14
CA LEU A 28 -1.77 -4.23 -13.27
C LEU A 28 -2.37 -3.21 -14.23
N ALA A 29 -2.75 -2.06 -13.70
CA ALA A 29 -3.35 -0.99 -14.49
C ALA A 29 -3.47 0.24 -13.62
N ASP A 30 -3.96 1.32 -14.17
CA ASP A 30 -4.04 2.58 -13.47
C ASP A 30 -5.34 3.25 -13.75
N ARG A 31 -5.61 4.29 -12.99
CA ARG A 31 -6.72 5.17 -13.20
C ARG A 31 -6.48 6.42 -12.39
N VAL A 32 -7.30 7.40 -12.55
CA VAL A 32 -7.13 8.64 -11.85
C VAL A 32 -8.48 9.11 -11.34
N ASN A 33 -8.51 9.67 -10.16
CA ASN A 33 -9.73 10.13 -9.57
C ASN A 33 -10.05 11.49 -10.16
N LYS A 34 -11.17 12.04 -9.79
CA LYS A 34 -11.54 13.37 -10.26
C LYS A 34 -11.00 14.42 -9.29
N ASN A 35 -10.74 13.95 -8.08
CA ASN A 35 -10.21 14.77 -7.00
C ASN A 35 -8.76 15.19 -7.22
N GLY A 36 -8.05 14.45 -8.08
CA GLY A 36 -6.66 14.79 -8.33
C GLY A 36 -5.71 13.78 -7.72
N ILE A 37 -6.20 12.60 -7.42
CA ILE A 37 -5.41 11.55 -6.85
C ILE A 37 -5.35 10.46 -7.89
N ASN A 38 -4.24 9.79 -8.01
CA ASN A 38 -4.14 8.67 -8.94
C ASN A 38 -4.53 7.39 -8.21
N GLU A 39 -4.98 6.39 -8.93
CA GLU A 39 -5.33 5.10 -8.35
C GLU A 39 -4.84 3.99 -9.26
N TYR A 40 -4.55 2.82 -8.71
CA TYR A 40 -3.97 1.75 -9.52
C TYR A 40 -4.54 0.42 -9.15
N TYR A 41 -4.60 -0.48 -10.11
CA TYR A 41 -5.01 -1.84 -9.87
C TYR A 41 -3.81 -2.59 -9.32
N ILE A 42 -3.81 -2.81 -8.04
CA ILE A 42 -2.68 -3.38 -7.36
C ILE A 42 -2.82 -4.88 -7.25
N LYS A 43 -1.77 -5.58 -7.60
CA LYS A 43 -1.71 -6.99 -7.37
C LYS A 43 -1.01 -7.23 -6.05
N TRP A 44 -1.79 -7.52 -5.06
CA TRP A 44 -1.27 -7.75 -3.74
C TRP A 44 -0.64 -9.11 -3.64
N ALA A 45 0.58 -9.11 -3.21
CA ALA A 45 1.24 -10.34 -2.93
C ALA A 45 0.95 -10.66 -1.48
N GLY A 46 1.03 -11.89 -1.11
CA GLY A 46 0.75 -12.25 0.26
C GLY A 46 -0.71 -12.62 0.46
N TYR A 47 -1.57 -12.11 -0.41
CA TYR A 47 -2.97 -12.46 -0.32
C TYR A 47 -3.25 -13.41 -1.40
N ASP A 48 -4.48 -13.80 -1.45
CA ASP A 48 -4.97 -14.67 -2.52
C ASP A 48 -4.72 -14.04 -3.90
N TRP A 49 -4.46 -14.87 -4.88
CA TRP A 49 -4.10 -14.44 -6.21
C TRP A 49 -5.22 -13.66 -6.92
N TYR A 50 -6.44 -13.87 -6.50
CA TYR A 50 -7.59 -13.25 -7.09
C TYR A 50 -8.02 -12.02 -6.29
N ASP A 51 -7.10 -11.48 -5.50
CA ASP A 51 -7.45 -10.43 -4.54
C ASP A 51 -7.29 -9.04 -5.11
N ASN A 52 -6.56 -8.92 -6.21
CA ASN A 52 -6.13 -7.63 -6.76
C ASN A 52 -7.29 -6.62 -6.84
N THR A 53 -6.98 -5.40 -6.45
CA THR A 53 -7.95 -4.40 -6.20
C THR A 53 -7.32 -3.02 -6.51
N TRP A 54 -8.11 -1.97 -6.50
CA TRP A 54 -7.64 -0.61 -6.76
C TRP A 54 -7.28 0.09 -5.49
N GLU A 55 -6.22 0.84 -5.53
CA GLU A 55 -5.76 1.64 -4.41
C GLU A 55 -5.44 3.01 -4.89
N PRO A 56 -5.58 4.04 -4.05
CA PRO A 56 -5.17 5.36 -4.44
C PRO A 56 -3.68 5.49 -4.18
N GLU A 57 -3.05 6.44 -4.86
CA GLU A 57 -1.60 6.65 -4.81
C GLU A 57 -1.11 6.97 -3.39
N GLN A 58 -2.00 7.52 -2.59
CA GLN A 58 -1.72 7.86 -1.20
C GLN A 58 -1.33 6.60 -0.38
N ASN A 59 -1.90 5.46 -0.72
CA ASN A 59 -1.62 4.21 0.01
C ASN A 59 -0.40 3.49 -0.54
N LEU A 60 0.14 3.99 -1.65
CA LEU A 60 1.30 3.40 -2.35
C LEU A 60 2.61 3.98 -1.82
N PHE A 61 2.54 4.59 -0.65
CA PHE A 61 3.67 5.30 -0.01
C PHE A 61 4.96 4.43 0.10
N GLY A 62 4.79 3.12 0.27
CA GLY A 62 5.94 2.23 0.39
C GLY A 62 6.31 1.65 -0.96
N ALA A 63 5.36 1.67 -1.85
CA ALA A 63 5.50 1.10 -3.16
C ALA A 63 5.95 2.16 -4.16
N GLU A 64 6.72 3.10 -3.66
CA GLU A 64 7.26 4.21 -4.44
C GLU A 64 8.11 3.71 -5.62
N LYS A 65 8.76 2.58 -5.42
CA LYS A 65 9.60 1.96 -6.44
C LYS A 65 8.76 1.49 -7.63
N VAL A 66 7.73 0.71 -7.35
CA VAL A 66 6.87 0.17 -8.40
C VAL A 66 6.03 1.27 -9.06
N LEU A 67 5.64 2.24 -8.24
CA LEU A 67 4.87 3.39 -8.68
C LEU A 67 5.63 4.13 -9.77
N LYS A 68 6.89 4.40 -9.45
CA LYS A 68 7.80 5.05 -10.30
C LYS A 68 8.08 4.22 -11.55
N LYS A 69 8.21 2.90 -11.38
CA LYS A 69 8.45 2.00 -12.51
C LYS A 69 7.32 2.14 -13.53
N TRP A 70 6.10 2.06 -13.04
CA TRP A 70 4.93 2.06 -13.87
C TRP A 70 4.77 3.39 -14.62
N LYS A 71 4.56 4.47 -13.89
CA LYS A 71 4.31 5.76 -14.53
C LYS A 71 5.50 6.35 -15.32
N LYS A 72 6.71 5.99 -14.95
CA LYS A 72 7.85 6.52 -15.66
C LYS A 72 8.12 5.72 -16.94
N ARG A 73 7.85 4.41 -16.91
CA ARG A 73 8.06 3.62 -18.11
C ARG A 73 6.95 3.67 -19.12
N LYS A 74 5.75 3.95 -18.68
CA LYS A 74 4.66 4.12 -19.59
C LYS A 74 3.86 5.34 -19.19
N LYS A 75 3.47 6.16 -20.13
CA LYS A 75 2.64 7.29 -19.81
C LYS A 75 1.16 7.00 -20.16
N ALA B 1 14.85 -3.80 8.94
CA ALA B 1 13.59 -3.71 8.19
C ALA B 1 13.80 -4.42 6.89
N ARG B 2 12.73 -4.75 6.21
CA ARG B 2 12.82 -5.42 4.93
C ARG B 2 12.45 -4.43 3.84
N THR B 3 12.73 -4.73 2.59
CA THR B 3 12.44 -3.80 1.53
C THR B 3 11.96 -4.48 0.24
N LYS B 4 10.69 -4.33 -0.02
CA LYS B 4 10.06 -4.72 -1.24
C LYS B 4 8.97 -3.68 -1.41
N GLN B 5 8.38 -3.52 -2.57
CA GLN B 5 7.30 -2.57 -2.66
C GLN B 5 6.07 -3.18 -2.00
N THR B 6 5.42 -2.42 -1.15
CA THR B 6 4.24 -2.85 -0.45
C THR B 6 3.31 -1.62 -0.31
N ALA B 7 2.04 -1.80 -0.01
CA ALA B 7 1.14 -0.69 0.15
C ALA B 7 0.12 -1.03 1.21
N ARG B 8 -0.68 -0.09 1.62
CA ARG B 8 -1.65 -0.33 2.70
C ARG B 8 -2.73 -1.39 2.38
N SER B 10 -6.59 0.11 1.20
CA SER B 10 -7.53 1.04 1.72
C SER B 10 -8.83 0.41 2.26
N THR B 11 -9.87 0.38 1.46
CA THR B 11 -11.11 -0.18 1.88
C THR B 11 -11.92 -0.62 0.67
N GLY B 12 -12.94 -1.42 0.89
CA GLY B 12 -13.79 -1.86 -0.17
C GLY B 12 -13.24 -3.06 -0.88
N GLY B 13 -12.61 -2.83 -1.99
CA GLY B 13 -12.11 -3.90 -2.80
C GLY B 13 -13.16 -4.32 -3.79
N LYS B 14 -12.91 -5.36 -4.53
CA LYS B 14 -13.91 -5.85 -5.44
C LYS B 14 -14.72 -6.95 -4.78
N ALA B 15 -15.98 -6.67 -4.54
CA ALA B 15 -16.86 -7.60 -3.88
C ALA B 15 -17.27 -8.73 -4.82
N PRO B 16 -16.94 -9.98 -4.47
CA PRO B 16 -17.35 -11.14 -5.27
C PRO B 16 -18.85 -11.36 -5.15
N ARG B 17 -19.49 -11.51 -6.27
CA ARG B 17 -20.91 -11.72 -6.30
C ARG B 17 -21.26 -12.69 -7.39
N TYR B 18 -22.52 -12.99 -7.47
CA TYR B 18 -23.07 -13.78 -8.54
C TYR B 18 -24.02 -12.86 -9.24
N MET A 1 -31.12 8.91 26.03
CA MET A 1 -31.88 8.46 24.87
C MET A 1 -31.17 7.24 24.32
N VAL A 2 -31.90 6.34 23.67
CA VAL A 2 -31.28 5.18 23.08
C VAL A 2 -30.57 5.59 21.80
N SER A 3 -29.29 5.37 21.76
CA SER A 3 -28.48 5.72 20.62
C SER A 3 -27.29 4.78 20.58
N VAL A 4 -26.95 4.30 19.42
CA VAL A 4 -25.88 3.34 19.30
C VAL A 4 -24.60 4.07 18.98
N LYS A 5 -23.62 3.81 19.79
CA LYS A 5 -22.34 4.45 19.69
C LYS A 5 -21.31 3.42 19.23
N PRO A 6 -20.19 3.85 18.64
CA PRO A 6 -19.11 2.94 18.26
C PRO A 6 -18.43 2.40 19.52
N LEU A 7 -18.20 1.12 19.54
CA LEU A 7 -17.57 0.47 20.65
C LEU A 7 -16.19 -0.01 20.21
N PRO A 8 -15.26 -0.30 21.13
CA PRO A 8 -13.95 -0.77 20.75
C PRO A 8 -13.94 -2.23 20.25
N ASP A 9 -14.18 -2.38 18.95
CA ASP A 9 -14.08 -3.70 18.31
C ASP A 9 -12.63 -3.92 17.97
N ILE A 10 -11.98 -2.83 17.67
CA ILE A 10 -10.58 -2.80 17.34
C ILE A 10 -9.83 -2.25 18.53
N ASP A 11 -8.65 -2.79 18.78
CA ASP A 11 -7.80 -2.36 19.88
C ASP A 11 -7.35 -0.90 19.69
N SER A 12 -7.20 -0.21 20.79
CA SER A 12 -6.83 1.18 20.80
C SER A 12 -5.34 1.32 21.13
N ASN A 13 -4.77 0.23 21.57
CA ASN A 13 -3.37 0.13 21.91
C ASN A 13 -2.51 -0.08 20.63
N GLU A 14 -1.21 0.07 20.73
CA GLU A 14 -0.34 -0.05 19.58
C GLU A 14 0.15 -1.48 19.46
N GLY A 15 -0.01 -2.04 18.29
CA GLY A 15 0.32 -3.41 18.07
C GLY A 15 1.10 -3.65 16.80
N GLU A 16 0.42 -4.17 15.82
CA GLU A 16 1.01 -4.60 14.57
C GLU A 16 0.65 -3.58 13.49
N THR A 17 1.56 -3.31 12.58
CA THR A 17 1.26 -2.36 11.51
C THR A 17 1.13 -3.12 10.18
N ASP A 18 1.54 -4.35 10.21
CA ASP A 18 1.51 -5.26 9.07
C ASP A 18 0.08 -5.45 8.56
N ALA A 19 -0.85 -5.37 9.48
CA ALA A 19 -2.29 -5.35 9.20
C ALA A 19 -2.68 -4.25 8.20
N ASP A 20 -1.89 -3.18 8.16
CA ASP A 20 -2.19 -2.02 7.34
C ASP A 20 -1.07 -1.83 6.29
N VAL A 21 -0.24 -2.86 6.10
CA VAL A 21 0.81 -2.82 5.09
C VAL A 21 0.99 -4.21 4.46
N TYR A 22 0.67 -4.31 3.20
CA TYR A 22 0.79 -5.54 2.47
C TYR A 22 1.86 -5.45 1.40
N GLU A 23 2.28 -6.57 0.90
CA GLU A 23 3.25 -6.62 -0.16
C GLU A 23 2.71 -6.18 -1.48
N VAL A 24 3.54 -5.54 -2.17
CA VAL A 24 3.26 -5.11 -3.51
C VAL A 24 3.98 -6.00 -4.48
N GLU A 25 3.25 -6.77 -5.24
CA GLU A 25 3.87 -7.58 -6.25
C GLU A 25 4.31 -6.64 -7.36
N ASP A 26 3.33 -5.88 -7.91
CA ASP A 26 3.61 -4.85 -8.94
C ASP A 26 2.28 -4.19 -9.31
N ILE A 27 2.33 -3.23 -10.23
CA ILE A 27 1.18 -2.45 -10.63
C ILE A 27 0.61 -3.09 -11.90
N LEU A 28 -0.68 -3.09 -12.04
CA LEU A 28 -1.30 -3.67 -13.22
C LEU A 28 -1.89 -2.61 -14.14
N ALA A 29 -2.28 -1.47 -13.56
CA ALA A 29 -2.84 -0.36 -14.33
C ALA A 29 -2.98 0.86 -13.44
N ASP A 30 -3.45 1.96 -14.00
CA ASP A 30 -3.61 3.22 -13.28
C ASP A 30 -4.89 3.91 -13.66
N ARG A 31 -5.34 4.83 -12.81
CA ARG A 31 -6.58 5.61 -12.96
C ARG A 31 -6.54 6.83 -12.05
N VAL A 32 -7.52 7.69 -12.22
CA VAL A 32 -7.67 8.91 -11.45
C VAL A 32 -9.14 9.03 -11.09
N ASN A 33 -9.43 9.49 -9.89
CA ASN A 33 -10.82 9.67 -9.46
C ASN A 33 -11.36 10.98 -9.98
N LYS A 34 -12.62 11.24 -9.68
CA LYS A 34 -13.25 12.50 -10.01
C LYS A 34 -12.95 13.47 -8.86
N ASN A 35 -12.68 12.89 -7.71
CA ASN A 35 -12.37 13.67 -6.50
C ASN A 35 -11.01 14.34 -6.57
N GLY A 36 -10.13 13.84 -7.45
CA GLY A 36 -8.81 14.46 -7.60
C GLY A 36 -7.69 13.63 -7.02
N ILE A 37 -7.95 12.37 -6.81
CA ILE A 37 -6.94 11.47 -6.27
C ILE A 37 -6.61 10.43 -7.34
N ASN A 38 -5.38 10.05 -7.42
CA ASN A 38 -4.91 9.05 -8.35
C ASN A 38 -4.86 7.67 -7.68
N GLU A 39 -5.14 6.63 -8.47
CA GLU A 39 -5.30 5.26 -7.95
C GLU A 39 -4.59 4.31 -8.91
N TYR A 40 -4.08 3.22 -8.40
CA TYR A 40 -3.41 2.27 -9.24
C TYR A 40 -3.88 0.87 -8.90
N TYR A 41 -3.87 0.01 -9.89
CA TYR A 41 -4.29 -1.37 -9.73
C TYR A 41 -3.11 -2.14 -9.15
N ILE A 42 -3.11 -2.34 -7.86
CA ILE A 42 -1.99 -2.98 -7.19
C ILE A 42 -2.27 -4.46 -6.98
N LYS A 43 -1.32 -5.32 -7.31
CA LYS A 43 -1.46 -6.71 -6.96
C LYS A 43 -0.74 -6.96 -5.67
N TRP A 44 -1.49 -7.06 -4.62
CA TRP A 44 -0.94 -7.24 -3.31
C TRP A 44 -0.49 -8.68 -3.11
N ALA A 45 0.74 -8.84 -2.76
CA ALA A 45 1.29 -10.15 -2.52
C ALA A 45 1.05 -10.50 -1.08
N GLY A 46 1.07 -11.76 -0.78
CA GLY A 46 0.77 -12.19 0.56
C GLY A 46 -0.69 -12.54 0.68
N TYR A 47 -1.50 -11.96 -0.18
CA TYR A 47 -2.92 -12.23 -0.18
C TYR A 47 -3.24 -13.11 -1.31
N ASP A 48 -4.47 -13.41 -1.38
CA ASP A 48 -5.04 -14.20 -2.48
C ASP A 48 -4.74 -13.56 -3.86
N TRP A 49 -4.60 -14.38 -4.86
CA TRP A 49 -4.24 -13.94 -6.19
C TRP A 49 -5.30 -13.02 -6.83
N TYR A 50 -6.53 -13.13 -6.39
CA TYR A 50 -7.65 -12.37 -6.94
C TYR A 50 -7.96 -11.14 -6.08
N ASP A 51 -6.98 -10.70 -5.30
CA ASP A 51 -7.22 -9.64 -4.32
C ASP A 51 -6.94 -8.26 -4.87
N ASN A 52 -6.22 -8.20 -5.97
CA ASN A 52 -5.76 -6.96 -6.57
C ASN A 52 -6.88 -5.93 -6.73
N THR A 53 -6.58 -4.72 -6.41
CA THR A 53 -7.55 -3.67 -6.40
C THR A 53 -6.86 -2.35 -6.66
N TRP A 54 -7.63 -1.33 -6.78
CA TRP A 54 -7.13 0.00 -7.03
C TRP A 54 -6.95 0.64 -5.69
N GLU A 55 -5.82 1.23 -5.48
CA GLU A 55 -5.52 1.91 -4.25
C GLU A 55 -4.86 3.22 -4.56
N PRO A 56 -5.01 4.23 -3.69
CA PRO A 56 -4.46 5.54 -3.96
C PRO A 56 -2.95 5.56 -3.84
N GLU A 57 -2.34 6.57 -4.46
CA GLU A 57 -0.88 6.74 -4.46
C GLU A 57 -0.35 6.92 -3.04
N GLN A 58 -1.23 7.39 -2.17
CA GLN A 58 -0.94 7.63 -0.75
C GLN A 58 -0.48 6.32 -0.08
N ASN A 59 -0.91 5.19 -0.61
CA ASN A 59 -0.52 3.91 -0.07
C ASN A 59 0.80 3.42 -0.64
N LEU A 60 1.28 4.03 -1.70
CA LEU A 60 2.41 3.52 -2.51
C LEU A 60 3.78 3.98 -2.04
N PHE A 61 3.87 4.42 -0.79
CA PHE A 61 5.12 4.96 -0.20
C PHE A 61 6.33 4.00 -0.37
N GLY A 62 6.08 2.70 -0.38
CA GLY A 62 7.16 1.73 -0.53
C GLY A 62 7.26 1.20 -1.95
N ALA A 63 6.18 1.32 -2.70
CA ALA A 63 6.11 0.79 -4.04
C ALA A 63 6.40 1.86 -5.07
N GLU A 64 7.24 2.82 -4.69
CA GLU A 64 7.58 3.88 -5.58
C GLU A 64 8.33 3.36 -6.80
N LYS A 65 9.15 2.37 -6.57
CA LYS A 65 10.01 1.80 -7.58
C LYS A 65 9.21 1.10 -8.67
N VAL A 66 8.27 0.25 -8.25
CA VAL A 66 7.41 -0.44 -9.20
C VAL A 66 6.53 0.56 -9.95
N LEU A 67 6.16 1.64 -9.26
CA LEU A 67 5.39 2.72 -9.84
C LEU A 67 6.24 3.46 -10.89
N LYS A 68 7.51 3.75 -10.54
CA LYS A 68 8.46 4.39 -11.46
C LYS A 68 8.61 3.56 -12.72
N LYS A 69 8.64 2.24 -12.56
CA LYS A 69 8.73 1.34 -13.68
C LYS A 69 7.51 1.54 -14.58
N TRP A 70 6.35 1.49 -13.95
CA TRP A 70 5.09 1.59 -14.63
C TRP A 70 4.92 2.94 -15.32
N LYS A 71 4.92 4.02 -14.55
CA LYS A 71 4.69 5.36 -15.08
C LYS A 71 5.75 5.86 -16.04
N LYS A 72 6.94 5.32 -15.97
CA LYS A 72 7.91 5.71 -16.97
C LYS A 72 7.72 4.97 -18.26
N ARG A 73 7.31 3.72 -18.16
CA ARG A 73 7.08 2.94 -19.37
C ARG A 73 5.72 3.25 -20.00
N LYS A 74 4.78 3.67 -19.18
CA LYS A 74 3.53 4.18 -19.64
C LYS A 74 3.16 5.40 -18.87
N LYS A 75 2.96 6.49 -19.53
CA LYS A 75 2.47 7.66 -18.85
C LYS A 75 0.94 7.54 -18.64
N ALA B 1 20.59 -6.54 -2.15
CA ALA B 1 19.87 -7.12 -1.02
C ALA B 1 18.51 -7.52 -1.50
N ARG B 2 17.79 -8.35 -0.75
CA ARG B 2 16.43 -8.72 -1.16
C ARG B 2 15.50 -7.61 -0.71
N THR B 3 15.26 -6.68 -1.57
CA THR B 3 14.41 -5.58 -1.27
C THR B 3 13.04 -5.81 -1.92
N LYS B 4 12.07 -6.11 -1.10
CA LYS B 4 10.74 -6.37 -1.56
C LYS B 4 9.89 -5.15 -1.27
N GLN B 5 9.08 -4.78 -2.21
CA GLN B 5 8.29 -3.57 -2.14
C GLN B 5 6.92 -3.85 -1.53
N THR B 6 6.48 -2.99 -0.63
CA THR B 6 5.20 -3.16 0.00
C THR B 6 4.48 -1.79 0.06
N ALA B 7 3.19 -1.80 0.31
CA ALA B 7 2.41 -0.59 0.42
C ALA B 7 1.28 -0.85 1.41
N ARG B 8 0.52 0.18 1.79
CA ARG B 8 -0.53 -0.01 2.84
C ARG B 8 -1.64 -1.04 2.49
N SER B 10 -5.59 0.20 1.66
CA SER B 10 -6.65 0.80 2.39
C SER B 10 -7.97 0.12 1.98
N THR B 11 -9.09 0.72 2.32
CA THR B 11 -10.35 0.24 1.92
C THR B 11 -11.33 1.40 1.92
N GLY B 12 -12.39 1.32 1.15
CA GLY B 12 -13.35 2.36 1.14
C GLY B 12 -14.68 1.86 0.68
N GLY B 13 -15.72 2.40 1.26
CA GLY B 13 -17.06 2.05 0.90
C GLY B 13 -18.01 3.08 1.44
N LYS B 14 -17.54 4.30 1.48
CA LYS B 14 -18.29 5.42 2.00
C LYS B 14 -18.11 6.62 1.09
N ALA B 15 -18.08 6.33 -0.20
CA ALA B 15 -17.89 7.36 -1.20
C ALA B 15 -19.19 8.12 -1.42
N PRO B 16 -19.16 9.45 -1.23
CA PRO B 16 -20.34 10.31 -1.44
C PRO B 16 -20.88 10.24 -2.86
N ARG B 17 -22.04 9.65 -3.00
CA ARG B 17 -22.69 9.51 -4.26
C ARG B 17 -24.17 9.67 -4.05
N TYR B 18 -24.91 9.58 -5.12
CA TYR B 18 -26.33 9.56 -5.08
C TYR B 18 -26.73 8.24 -5.69
N MET A 1 15.54 -19.29 48.36
CA MET A 1 15.98 -17.92 48.63
C MET A 1 14.96 -17.01 48.04
N VAL A 2 15.03 -15.72 48.36
CA VAL A 2 14.12 -14.77 47.75
C VAL A 2 14.69 -14.43 46.39
N SER A 3 14.19 -15.09 45.40
CA SER A 3 14.67 -14.95 44.06
C SER A 3 13.55 -15.19 43.08
N VAL A 4 13.35 -14.25 42.20
CA VAL A 4 12.31 -14.32 41.20
C VAL A 4 12.84 -13.61 39.95
N LYS A 5 12.35 -13.99 38.80
CA LYS A 5 12.80 -13.35 37.58
C LYS A 5 11.78 -12.30 37.13
N PRO A 6 12.20 -11.29 36.37
CA PRO A 6 11.30 -10.26 35.90
C PRO A 6 10.56 -10.66 34.63
N LEU A 7 9.36 -10.18 34.49
CA LEU A 7 8.57 -10.38 33.30
C LEU A 7 8.43 -9.04 32.59
N PRO A 8 8.12 -9.03 31.29
CA PRO A 8 7.93 -7.78 30.55
C PRO A 8 6.53 -7.23 30.77
N ASP A 9 6.43 -6.00 31.25
CA ASP A 9 5.14 -5.36 31.42
C ASP A 9 4.76 -4.74 30.08
N ILE A 10 5.76 -4.22 29.41
CA ILE A 10 5.65 -3.92 28.01
C ILE A 10 6.46 -4.98 27.30
N ASP A 11 5.90 -5.57 26.30
CA ASP A 11 6.56 -6.59 25.56
C ASP A 11 7.08 -6.02 24.26
N SER A 12 7.94 -6.75 23.59
CA SER A 12 8.55 -6.30 22.37
C SER A 12 7.73 -6.72 21.14
N ASN A 13 6.77 -7.62 21.32
CA ASN A 13 5.95 -8.07 20.20
C ASN A 13 4.96 -7.00 19.76
N GLU A 14 4.44 -7.18 18.58
CA GLU A 14 3.47 -6.31 17.98
C GLU A 14 2.45 -7.27 17.40
N GLY A 15 1.32 -6.79 17.01
CA GLY A 15 0.31 -7.64 16.48
C GLY A 15 0.49 -7.82 15.00
N GLU A 16 -0.35 -7.18 14.24
CA GLU A 16 -0.29 -7.33 12.83
C GLU A 16 -0.09 -5.98 12.18
N THR A 17 1.13 -5.69 11.76
CA THR A 17 1.37 -4.46 11.05
C THR A 17 0.98 -4.68 9.58
N ASP A 18 0.79 -5.96 9.28
CA ASP A 18 0.34 -6.49 7.99
C ASP A 18 -1.00 -5.89 7.63
N ALA A 19 -1.78 -5.65 8.67
CA ALA A 19 -3.12 -5.09 8.56
C ALA A 19 -3.15 -3.77 7.80
N ASP A 20 -2.05 -3.03 7.82
CA ASP A 20 -2.06 -1.75 7.13
C ASP A 20 -0.85 -1.66 6.19
N VAL A 21 -0.17 -2.79 5.94
CA VAL A 21 0.95 -2.80 5.00
C VAL A 21 1.08 -4.19 4.35
N TYR A 22 0.87 -4.27 3.06
CA TYR A 22 1.09 -5.52 2.34
C TYR A 22 2.22 -5.40 1.34
N GLU A 23 2.75 -6.54 0.92
CA GLU A 23 3.82 -6.59 -0.05
C GLU A 23 3.27 -6.23 -1.44
N VAL A 24 4.02 -5.49 -2.20
CA VAL A 24 3.64 -5.11 -3.54
C VAL A 24 4.41 -5.90 -4.55
N GLU A 25 3.73 -6.75 -5.25
CA GLU A 25 4.35 -7.52 -6.30
C GLU A 25 4.66 -6.54 -7.45
N ASP A 26 3.60 -5.87 -7.95
CA ASP A 26 3.74 -4.87 -9.04
C ASP A 26 2.35 -4.29 -9.34
N ILE A 27 2.26 -3.37 -10.28
CA ILE A 27 1.01 -2.70 -10.61
C ILE A 27 0.38 -3.45 -11.79
N LEU A 28 -0.92 -3.55 -11.80
CA LEU A 28 -1.61 -4.24 -12.86
C LEU A 28 -2.32 -3.26 -13.81
N ALA A 29 -2.71 -2.11 -13.28
CA ALA A 29 -3.42 -1.08 -14.05
C ALA A 29 -3.54 0.18 -13.23
N ASP A 30 -4.13 1.22 -13.80
CA ASP A 30 -4.24 2.52 -13.13
C ASP A 30 -5.63 3.09 -13.33
N ARG A 31 -5.87 4.21 -12.68
CA ARG A 31 -7.10 4.92 -12.78
C ARG A 31 -6.88 6.33 -12.24
N VAL A 32 -7.73 7.24 -12.64
CA VAL A 32 -7.66 8.61 -12.23
C VAL A 32 -9.07 9.10 -11.94
N ASN A 33 -9.22 9.85 -10.89
CA ASN A 33 -10.50 10.47 -10.57
C ASN A 33 -10.62 11.77 -11.32
N LYS A 34 -11.74 12.42 -11.17
CA LYS A 34 -11.89 13.77 -11.69
C LYS A 34 -11.50 14.74 -10.60
N ASN A 35 -11.51 14.19 -9.39
CA ASN A 35 -11.17 14.92 -8.16
C ASN A 35 -9.67 15.25 -8.13
N GLY A 36 -8.86 14.50 -8.88
CA GLY A 36 -7.43 14.77 -8.91
C GLY A 36 -6.62 13.73 -8.18
N ILE A 37 -7.18 12.56 -7.99
CA ILE A 37 -6.50 11.49 -7.29
C ILE A 37 -6.23 10.34 -8.25
N ASN A 38 -5.03 9.82 -8.23
CA ASN A 38 -4.70 8.61 -8.99
C ASN A 38 -4.77 7.41 -8.07
N GLU A 39 -5.22 6.30 -8.60
CA GLU A 39 -5.22 5.03 -7.89
C GLU A 39 -4.81 3.93 -8.83
N TYR A 40 -4.25 2.86 -8.29
CA TYR A 40 -3.73 1.82 -9.15
C TYR A 40 -4.19 0.46 -8.68
N TYR A 41 -4.29 -0.44 -9.61
CA TYR A 41 -4.65 -1.82 -9.36
C TYR A 41 -3.39 -2.54 -8.88
N ILE A 42 -3.31 -2.77 -7.61
CA ILE A 42 -2.10 -3.30 -6.99
C ILE A 42 -2.21 -4.81 -6.82
N LYS A 43 -1.15 -5.51 -7.19
CA LYS A 43 -1.04 -6.93 -6.95
C LYS A 43 -0.30 -7.15 -5.62
N TRP A 44 -1.03 -7.44 -4.59
CA TRP A 44 -0.47 -7.66 -3.28
C TRP A 44 0.14 -9.04 -3.18
N ALA A 45 1.36 -9.10 -2.80
CA ALA A 45 1.98 -10.36 -2.59
C ALA A 45 1.72 -10.78 -1.15
N GLY A 46 1.77 -12.06 -0.90
CA GLY A 46 1.56 -12.55 0.44
C GLY A 46 0.12 -12.94 0.71
N TYR A 47 -0.82 -12.34 -0.02
CA TYR A 47 -2.23 -12.64 0.21
C TYR A 47 -2.75 -13.52 -0.88
N ASP A 48 -3.99 -13.83 -0.72
CA ASP A 48 -4.80 -14.62 -1.64
C ASP A 48 -4.82 -13.97 -2.98
N TRP A 49 -4.91 -14.77 -4.02
CA TRP A 49 -4.97 -14.28 -5.43
C TRP A 49 -6.17 -13.32 -5.66
N TYR A 50 -7.08 -13.31 -4.71
CA TYR A 50 -8.28 -12.50 -4.70
C TYR A 50 -7.98 -11.16 -3.97
N ASP A 51 -6.71 -10.79 -3.94
CA ASP A 51 -6.23 -9.64 -3.16
C ASP A 51 -6.22 -8.34 -3.93
N ASN A 52 -6.22 -8.41 -5.25
CA ASN A 52 -6.09 -7.21 -6.09
C ASN A 52 -7.12 -6.16 -5.75
N THR A 53 -6.66 -4.94 -5.65
CA THR A 53 -7.57 -3.83 -5.46
C THR A 53 -6.92 -2.54 -5.97
N TRP A 54 -7.69 -1.49 -5.99
CA TRP A 54 -7.22 -0.18 -6.35
C TRP A 54 -6.92 0.60 -5.09
N GLU A 55 -5.79 1.23 -5.00
CA GLU A 55 -5.56 2.16 -3.91
C GLU A 55 -4.90 3.43 -4.44
N PRO A 56 -5.12 4.59 -3.78
CA PRO A 56 -4.55 5.85 -4.22
C PRO A 56 -3.01 5.88 -4.07
N GLU A 57 -2.40 6.80 -4.81
CA GLU A 57 -0.93 6.93 -4.91
C GLU A 57 -0.23 7.18 -3.57
N GLN A 58 -0.93 7.79 -2.64
CA GLN A 58 -0.39 8.08 -1.31
C GLN A 58 0.07 6.80 -0.55
N ASN A 59 -0.53 5.66 -0.86
CA ASN A 59 -0.23 4.42 -0.17
C ASN A 59 0.93 3.67 -0.78
N LEU A 60 1.42 4.17 -1.90
CA LEU A 60 2.49 3.53 -2.69
C LEU A 60 3.87 3.97 -2.23
N PHE A 61 3.92 4.50 -1.01
CA PHE A 61 5.14 5.07 -0.38
C PHE A 61 6.35 4.10 -0.42
N GLY A 62 6.10 2.80 -0.36
CA GLY A 62 7.17 1.83 -0.39
C GLY A 62 7.40 1.30 -1.79
N ALA A 63 6.39 1.45 -2.61
CA ALA A 63 6.41 0.94 -3.95
C ALA A 63 6.76 2.04 -4.94
N GLU A 64 7.55 2.99 -4.45
CA GLU A 64 8.00 4.14 -5.23
C GLU A 64 8.75 3.68 -6.48
N LYS A 65 9.53 2.59 -6.34
CA LYS A 65 10.31 2.03 -7.45
C LYS A 65 9.37 1.63 -8.59
N VAL A 66 8.38 0.83 -8.24
CA VAL A 66 7.42 0.32 -9.19
C VAL A 66 6.53 1.44 -9.72
N LEU A 67 6.16 2.36 -8.84
CA LEU A 67 5.37 3.52 -9.21
C LEU A 67 6.10 4.33 -10.26
N LYS A 68 7.40 4.55 -10.03
CA LYS A 68 8.24 5.24 -10.95
C LYS A 68 8.22 4.56 -12.31
N LYS A 69 8.41 3.24 -12.31
CA LYS A 69 8.41 2.44 -13.54
C LYS A 69 7.08 2.54 -14.27
N TRP A 70 5.99 2.31 -13.52
CA TRP A 70 4.67 2.31 -14.05
C TRP A 70 4.31 3.63 -14.68
N LYS A 71 4.29 4.68 -13.90
CA LYS A 71 3.91 6.01 -14.38
C LYS A 71 4.84 6.57 -15.43
N LYS A 72 6.08 6.11 -15.46
CA LYS A 72 6.98 6.54 -16.47
C LYS A 72 6.56 5.94 -17.82
N ARG A 73 6.16 4.67 -17.82
CA ARG A 73 5.64 4.07 -19.05
C ARG A 73 4.16 4.37 -19.30
N LYS A 74 3.43 4.61 -18.25
CA LYS A 74 2.02 4.91 -18.33
C LYS A 74 1.63 6.09 -17.44
N LYS A 75 1.60 7.24 -18.02
CA LYS A 75 1.08 8.39 -17.35
C LYS A 75 -0.30 8.65 -17.96
N ALA B 1 18.54 -10.52 1.53
CA ALA B 1 17.21 -10.00 1.91
C ALA B 1 16.48 -9.64 0.65
N ARG B 2 15.18 -9.47 0.70
CA ARG B 2 14.42 -9.09 -0.48
C ARG B 2 14.12 -7.62 -0.38
N THR B 3 14.77 -6.82 -1.19
CA THR B 3 14.54 -5.39 -1.20
C THR B 3 13.29 -5.09 -2.09
N LYS B 4 12.18 -5.67 -1.69
CA LYS B 4 10.97 -5.59 -2.42
C LYS B 4 10.16 -4.42 -1.92
N GLN B 5 9.19 -4.04 -2.68
CA GLN B 5 8.35 -2.93 -2.39
C GLN B 5 7.09 -3.41 -1.72
N THR B 6 6.60 -2.64 -0.80
CA THR B 6 5.36 -2.94 -0.15
C THR B 6 4.55 -1.63 -0.10
N ALA B 7 3.28 -1.72 0.17
CA ALA B 7 2.42 -0.55 0.26
C ALA B 7 1.36 -0.85 1.29
N ARG B 8 0.56 0.11 1.62
CA ARG B 8 -0.43 -0.07 2.68
C ARG B 8 -1.47 -1.19 2.42
N SER B 10 -5.02 0.24 1.20
CA SER B 10 -5.81 1.30 1.74
C SER B 10 -7.14 0.87 2.32
N THR B 11 -7.10 0.57 3.59
CA THR B 11 -8.26 0.35 4.35
C THR B 11 -8.74 1.73 4.83
N GLY B 12 -9.24 2.48 3.88
CA GLY B 12 -9.73 3.79 4.14
C GLY B 12 -10.99 4.02 3.36
N GLY B 13 -11.78 4.96 3.78
CA GLY B 13 -13.02 5.20 3.11
C GLY B 13 -14.10 4.34 3.72
N LYS B 14 -13.96 4.12 5.02
CA LYS B 14 -14.91 3.40 5.84
C LYS B 14 -14.77 4.03 7.19
N ALA B 15 -15.83 4.06 7.95
CA ALA B 15 -15.76 4.68 9.25
C ALA B 15 -16.47 3.82 10.29
N PRO B 16 -15.72 3.10 11.12
CA PRO B 16 -16.28 2.30 12.19
C PRO B 16 -16.72 3.19 13.35
N ARG B 17 -17.98 3.52 13.37
CA ARG B 17 -18.54 4.38 14.37
C ARG B 17 -19.93 3.95 14.77
N TYR B 18 -20.46 4.65 15.74
CA TYR B 18 -21.80 4.46 16.20
C TYR B 18 -22.62 5.48 15.47
N MET A 1 -23.57 -24.46 13.56
CA MET A 1 -23.59 -23.16 12.87
C MET A 1 -22.18 -22.85 12.49
N VAL A 2 -21.99 -22.10 11.43
CA VAL A 2 -20.68 -21.68 11.02
C VAL A 2 -20.25 -20.47 11.85
N SER A 3 -19.33 -20.68 12.73
CA SER A 3 -18.86 -19.64 13.60
C SER A 3 -17.40 -19.90 13.91
N VAL A 4 -16.59 -18.88 13.83
CA VAL A 4 -15.19 -18.98 14.08
C VAL A 4 -14.71 -17.59 14.47
N LYS A 5 -13.62 -17.50 15.16
CA LYS A 5 -13.07 -16.22 15.56
C LYS A 5 -11.82 -15.97 14.74
N PRO A 6 -11.41 -14.70 14.57
CA PRO A 6 -10.17 -14.40 13.88
C PRO A 6 -8.97 -14.83 14.70
N LEU A 7 -8.20 -15.74 14.16
CA LEU A 7 -7.04 -16.23 14.83
C LEU A 7 -5.81 -15.49 14.34
N PRO A 8 -4.73 -15.41 15.13
CA PRO A 8 -3.53 -14.72 14.73
C PRO A 8 -2.54 -15.64 14.01
N ASP A 9 -2.28 -15.31 12.75
CA ASP A 9 -1.24 -16.01 11.97
C ASP A 9 0.09 -15.37 12.31
N ILE A 10 0.01 -14.07 12.52
CA ILE A 10 1.13 -13.29 12.98
C ILE A 10 1.11 -13.38 14.51
N ASP A 11 2.27 -13.26 15.14
CA ASP A 11 2.39 -13.37 16.60
C ASP A 11 1.55 -12.29 17.34
N SER A 12 1.25 -12.55 18.60
CA SER A 12 0.39 -11.69 19.39
C SER A 12 1.11 -10.43 19.92
N ASN A 13 2.43 -10.41 19.81
CA ASN A 13 3.22 -9.26 20.23
C ASN A 13 3.21 -8.21 19.13
N GLU A 14 3.68 -7.02 19.42
CA GLU A 14 3.63 -5.97 18.44
C GLU A 14 4.89 -6.02 17.62
N GLY A 15 4.67 -6.08 16.32
CA GLY A 15 5.73 -6.25 15.37
C GLY A 15 5.62 -5.30 14.22
N GLU A 16 5.17 -5.81 13.11
CA GLU A 16 5.13 -5.07 11.88
C GLU A 16 3.70 -4.65 11.56
N THR A 17 3.60 -3.58 10.82
CA THR A 17 2.36 -2.93 10.45
C THR A 17 1.63 -3.66 9.29
N ASP A 18 1.90 -4.96 9.09
CA ASP A 18 1.35 -5.76 7.94
C ASP A 18 -0.18 -5.65 7.84
N ALA A 19 -0.82 -5.53 8.99
CA ALA A 19 -2.26 -5.35 9.09
C ALA A 19 -2.78 -4.14 8.27
N ASP A 20 -1.93 -3.16 8.06
CA ASP A 20 -2.31 -1.97 7.32
C ASP A 20 -1.28 -1.69 6.22
N VAL A 21 -0.42 -2.70 5.95
CA VAL A 21 0.62 -2.61 4.91
C VAL A 21 0.86 -4.01 4.31
N TYR A 22 0.55 -4.18 3.07
CA TYR A 22 0.74 -5.44 2.39
C TYR A 22 1.80 -5.33 1.31
N GLU A 23 2.29 -6.46 0.86
CA GLU A 23 3.30 -6.49 -0.17
C GLU A 23 2.79 -6.11 -1.50
N VAL A 24 3.61 -5.45 -2.18
CA VAL A 24 3.33 -5.05 -3.54
C VAL A 24 4.03 -5.96 -4.51
N GLU A 25 3.26 -6.77 -5.20
CA GLU A 25 3.82 -7.63 -6.20
C GLU A 25 4.16 -6.76 -7.42
N ASP A 26 3.14 -6.02 -7.94
CA ASP A 26 3.35 -5.09 -9.06
C ASP A 26 2.01 -4.39 -9.37
N ILE A 27 2.04 -3.45 -10.31
CA ILE A 27 0.83 -2.72 -10.71
C ILE A 27 0.25 -3.42 -11.92
N LEU A 28 -1.05 -3.47 -12.01
CA LEU A 28 -1.68 -4.09 -13.15
C LEU A 28 -2.26 -3.03 -14.11
N ALA A 29 -2.64 -1.87 -13.56
CA ALA A 29 -3.13 -0.73 -14.34
C ALA A 29 -3.27 0.47 -13.42
N ASP A 30 -3.66 1.61 -13.96
CA ASP A 30 -3.84 2.82 -13.18
C ASP A 30 -5.05 3.56 -13.66
N ARG A 31 -5.50 4.52 -12.87
CA ARG A 31 -6.66 5.34 -13.21
C ARG A 31 -6.64 6.58 -12.31
N VAL A 32 -7.33 7.61 -12.71
CA VAL A 32 -7.33 8.88 -12.00
C VAL A 32 -8.77 9.34 -11.88
N ASN A 33 -9.13 9.90 -10.75
CA ASN A 33 -10.48 10.42 -10.59
C ASN A 33 -10.52 11.84 -11.11
N LYS A 34 -11.69 12.44 -11.10
CA LYS A 34 -11.81 13.84 -11.52
C LYS A 34 -11.64 14.73 -10.29
N ASN A 35 -11.79 14.10 -9.13
CA ASN A 35 -11.64 14.75 -7.84
C ASN A 35 -10.15 15.10 -7.59
N GLY A 36 -9.25 14.40 -8.27
CA GLY A 36 -7.83 14.71 -8.14
C GLY A 36 -7.05 13.66 -7.39
N ILE A 37 -7.58 12.45 -7.32
CA ILE A 37 -6.87 11.34 -6.68
C ILE A 37 -6.53 10.34 -7.75
N ASN A 38 -5.31 9.89 -7.77
CA ASN A 38 -4.92 8.84 -8.66
C ASN A 38 -4.84 7.50 -7.95
N GLU A 39 -5.21 6.45 -8.63
CA GLU A 39 -5.32 5.13 -8.04
C GLU A 39 -4.75 4.12 -8.97
N TYR A 40 -4.28 3.04 -8.42
CA TYR A 40 -3.67 2.04 -9.23
C TYR A 40 -4.21 0.69 -8.85
N TYR A 41 -4.24 -0.19 -9.82
CA TYR A 41 -4.67 -1.55 -9.63
C TYR A 41 -3.47 -2.33 -9.09
N ILE A 42 -3.43 -2.53 -7.79
CA ILE A 42 -2.28 -3.14 -7.15
C ILE A 42 -2.52 -4.62 -6.93
N LYS A 43 -1.56 -5.44 -7.27
CA LYS A 43 -1.62 -6.84 -6.93
C LYS A 43 -0.81 -7.07 -5.67
N TRP A 44 -1.51 -7.19 -4.58
CA TRP A 44 -0.89 -7.37 -3.30
C TRP A 44 -0.37 -8.78 -3.14
N ALA A 45 0.89 -8.88 -2.82
CA ALA A 45 1.52 -10.14 -2.64
C ALA A 45 1.30 -10.55 -1.20
N GLY A 46 1.38 -11.83 -0.95
CA GLY A 46 1.12 -12.31 0.38
C GLY A 46 -0.32 -12.72 0.54
N TYR A 47 -1.19 -12.14 -0.27
CA TYR A 47 -2.59 -12.47 -0.20
C TYR A 47 -2.95 -13.34 -1.33
N ASP A 48 -4.19 -13.69 -1.32
CA ASP A 48 -4.80 -14.48 -2.40
C ASP A 48 -4.60 -13.82 -3.77
N TRP A 49 -4.50 -14.62 -4.80
CA TRP A 49 -4.22 -14.16 -6.16
C TRP A 49 -5.33 -13.26 -6.72
N TYR A 50 -6.53 -13.40 -6.21
CA TYR A 50 -7.69 -12.65 -6.67
C TYR A 50 -7.97 -11.44 -5.78
N ASP A 51 -6.96 -10.99 -5.06
CA ASP A 51 -7.14 -9.95 -4.05
C ASP A 51 -6.92 -8.56 -4.61
N ASN A 52 -6.28 -8.50 -5.76
CA ASN A 52 -5.90 -7.25 -6.42
C ASN A 52 -7.06 -6.25 -6.49
N THR A 53 -6.75 -5.00 -6.21
CA THR A 53 -7.75 -3.98 -6.14
C THR A 53 -7.10 -2.63 -6.45
N TRP A 54 -7.91 -1.60 -6.52
CA TRP A 54 -7.43 -0.27 -6.79
C TRP A 54 -7.22 0.43 -5.47
N GLU A 55 -6.10 1.09 -5.34
CA GLU A 55 -5.80 1.86 -4.17
C GLU A 55 -5.21 3.18 -4.61
N PRO A 56 -5.40 4.25 -3.83
CA PRO A 56 -4.87 5.56 -4.14
C PRO A 56 -3.36 5.65 -3.93
N GLU A 57 -2.78 6.70 -4.48
CA GLU A 57 -1.35 6.98 -4.42
C GLU A 57 -0.89 7.11 -2.97
N GLN A 58 -1.83 7.48 -2.09
CA GLN A 58 -1.60 7.59 -0.66
C GLN A 58 -1.09 6.28 -0.06
N ASN A 59 -1.42 5.17 -0.70
CA ASN A 59 -0.97 3.88 -0.21
C ASN A 59 0.41 3.50 -0.70
N LEU A 60 0.93 4.19 -1.70
CA LEU A 60 2.15 3.72 -2.41
C LEU A 60 3.47 4.25 -1.83
N PHE A 61 3.42 4.73 -0.59
CA PHE A 61 4.58 5.35 0.09
C PHE A 61 5.85 4.43 0.13
N GLY A 62 5.64 3.13 0.16
CA GLY A 62 6.74 2.19 0.22
C GLY A 62 7.05 1.59 -1.13
N ALA A 63 6.10 1.64 -2.02
CA ALA A 63 6.18 1.00 -3.31
C ALA A 63 6.69 1.96 -4.36
N GLU A 64 7.55 2.87 -3.95
CA GLU A 64 8.15 3.89 -4.80
C GLU A 64 8.88 3.30 -5.99
N LYS A 65 9.51 2.16 -5.80
CA LYS A 65 10.21 1.47 -6.89
C LYS A 65 9.21 1.14 -7.99
N VAL A 66 8.13 0.49 -7.58
CA VAL A 66 7.10 0.03 -8.47
C VAL A 66 6.30 1.17 -9.08
N LEU A 67 5.95 2.15 -8.26
CA LEU A 67 5.23 3.32 -8.70
C LEU A 67 5.99 4.01 -9.82
N LYS A 68 7.28 4.16 -9.61
CA LYS A 68 8.15 4.70 -10.61
C LYS A 68 8.29 3.81 -11.84
N LYS A 69 8.34 2.47 -11.66
CA LYS A 69 8.41 1.54 -12.81
C LYS A 69 7.24 1.79 -13.73
N TRP A 70 6.07 1.77 -13.12
CA TRP A 70 4.83 1.83 -13.84
C TRP A 70 4.68 3.15 -14.53
N LYS A 71 4.65 4.22 -13.76
CA LYS A 71 4.39 5.50 -14.33
C LYS A 71 5.46 5.99 -15.33
N LYS A 72 6.68 5.45 -15.22
CA LYS A 72 7.64 5.73 -16.27
C LYS A 72 7.26 5.01 -17.56
N ARG A 73 6.83 3.75 -17.45
CA ARG A 73 6.45 2.97 -18.64
C ARG A 73 5.06 3.31 -19.18
N LYS A 74 4.19 3.78 -18.33
CA LYS A 74 2.87 4.20 -18.72
C LYS A 74 2.88 5.67 -18.91
N LYS A 75 2.52 6.11 -20.07
CA LYS A 75 2.42 7.50 -20.35
C LYS A 75 0.96 7.86 -20.36
N ALA B 1 20.41 -9.24 2.10
CA ALA B 1 18.99 -8.93 2.29
C ALA B 1 18.41 -8.46 0.97
N ARG B 2 17.10 -8.46 0.85
CA ARG B 2 16.42 -7.97 -0.35
C ARG B 2 15.39 -6.95 0.09
N THR B 3 15.42 -5.79 -0.49
CA THR B 3 14.48 -4.77 -0.17
C THR B 3 13.22 -4.90 -1.03
N LYS B 4 12.20 -5.49 -0.48
CA LYS B 4 10.97 -5.72 -1.19
C LYS B 4 10.06 -4.48 -1.04
N GLN B 5 9.18 -4.31 -1.98
CA GLN B 5 8.27 -3.19 -2.01
C GLN B 5 6.94 -3.59 -1.38
N THR B 6 6.39 -2.74 -0.57
CA THR B 6 5.11 -2.97 0.02
C THR B 6 4.34 -1.64 0.03
N ALA B 7 3.04 -1.68 0.20
CA ALA B 7 2.22 -0.50 0.27
C ALA B 7 1.08 -0.79 1.21
N ARG B 8 0.27 0.18 1.53
CA ARG B 8 -0.78 -0.02 2.54
C ARG B 8 -1.82 -1.12 2.25
N SER B 10 -5.86 -0.24 1.64
CA SER B 10 -6.73 0.38 2.56
C SER B 10 -7.84 -0.61 2.92
N THR B 11 -7.55 -1.41 3.92
CA THR B 11 -8.47 -2.38 4.42
C THR B 11 -9.36 -1.68 5.43
N GLY B 12 -10.52 -1.26 4.96
CA GLY B 12 -11.41 -0.50 5.79
C GLY B 12 -11.12 0.97 5.61
N GLY B 13 -9.87 1.32 5.81
CA GLY B 13 -9.44 2.67 5.58
C GLY B 13 -9.16 3.37 6.88
N LYS B 14 -8.88 4.63 6.78
CA LYS B 14 -8.66 5.45 7.94
C LYS B 14 -9.58 6.63 7.79
N ALA B 15 -10.71 6.57 8.46
CA ALA B 15 -11.70 7.61 8.35
C ALA B 15 -11.49 8.66 9.44
N PRO B 16 -11.01 9.85 9.07
CA PRO B 16 -10.80 10.91 10.03
C PRO B 16 -12.10 11.66 10.28
N ARG B 17 -12.88 11.18 11.21
CA ARG B 17 -14.11 11.80 11.55
C ARG B 17 -14.17 12.36 12.94
N TYR B 18 -13.88 13.62 12.98
CA TYR B 18 -13.99 14.46 14.10
C TYR B 18 -14.37 15.81 13.52
N MET A 1 37.97 -11.58 24.17
CA MET A 1 38.76 -10.43 23.73
C MET A 1 37.93 -9.21 23.95
N VAL A 2 38.51 -8.02 23.83
CA VAL A 2 37.76 -6.80 23.98
C VAL A 2 36.87 -6.61 22.74
N SER A 3 35.63 -6.29 22.96
CA SER A 3 34.69 -6.14 21.88
C SER A 3 33.60 -5.17 22.33
N VAL A 4 33.09 -4.39 21.42
CA VAL A 4 32.06 -3.44 21.72
C VAL A 4 30.73 -4.10 21.41
N LYS A 5 29.75 -3.86 22.22
CA LYS A 5 28.47 -4.49 22.05
C LYS A 5 27.45 -3.44 21.59
N PRO A 6 26.36 -3.86 20.93
CA PRO A 6 25.33 -2.93 20.49
C PRO A 6 24.39 -2.53 21.64
N LEU A 7 23.63 -1.51 21.41
CA LEU A 7 22.69 -1.00 22.38
C LEU A 7 21.30 -1.36 21.90
N PRO A 8 20.28 -1.33 22.76
CA PRO A 8 18.93 -1.51 22.30
C PRO A 8 18.45 -0.20 21.66
N ASP A 9 18.82 -0.04 20.40
CA ASP A 9 18.44 1.14 19.62
C ASP A 9 17.07 0.92 19.02
N ILE A 10 16.69 -0.34 18.98
CA ILE A 10 15.42 -0.74 18.46
C ILE A 10 14.54 -1.09 19.65
N ASP A 11 13.26 -0.77 19.57
CA ASP A 11 12.30 -1.03 20.65
C ASP A 11 12.08 -2.54 20.82
N SER A 12 11.63 -2.92 21.99
CA SER A 12 11.47 -4.32 22.34
C SER A 12 10.10 -4.90 21.94
N ASN A 13 9.15 -4.05 21.58
CA ASN A 13 7.83 -4.52 21.22
C ASN A 13 7.79 -4.93 19.76
N GLU A 14 7.77 -6.23 19.52
CA GLU A 14 7.69 -6.73 18.18
C GLU A 14 6.24 -6.98 17.81
N GLY A 15 5.95 -6.85 16.55
CA GLY A 15 4.63 -7.06 16.05
C GLY A 15 4.65 -6.91 14.57
N GLU A 16 3.61 -7.34 13.90
CA GLU A 16 3.53 -7.23 12.48
C GLU A 16 2.50 -6.16 12.12
N THR A 17 2.77 -5.41 11.09
CA THR A 17 1.95 -4.28 10.72
C THR A 17 1.16 -4.58 9.42
N ASP A 18 1.23 -5.85 8.98
CA ASP A 18 0.62 -6.31 7.71
C ASP A 18 -0.86 -5.94 7.61
N ALA A 19 -1.53 -5.92 8.75
CA ALA A 19 -2.96 -5.62 8.84
C ALA A 19 -3.34 -4.29 8.18
N ASP A 20 -2.41 -3.35 8.16
CA ASP A 20 -2.68 -2.05 7.56
C ASP A 20 -1.53 -1.66 6.59
N VAL A 21 -0.68 -2.67 6.26
CA VAL A 21 0.40 -2.52 5.25
C VAL A 21 0.64 -3.87 4.54
N TYR A 22 0.36 -3.98 3.27
CA TYR A 22 0.63 -5.21 2.53
C TYR A 22 1.70 -5.05 1.46
N GLU A 23 2.27 -6.15 1.02
CA GLU A 23 3.28 -6.13 -0.01
C GLU A 23 2.77 -5.82 -1.37
N VAL A 24 3.55 -5.11 -2.07
CA VAL A 24 3.27 -4.75 -3.44
C VAL A 24 4.11 -5.57 -4.39
N GLU A 25 3.45 -6.42 -5.11
CA GLU A 25 4.08 -7.27 -6.09
C GLU A 25 4.49 -6.36 -7.29
N ASP A 26 3.48 -5.66 -7.85
CA ASP A 26 3.69 -4.64 -8.93
C ASP A 26 2.31 -4.06 -9.31
N ILE A 27 2.28 -3.12 -10.23
CA ILE A 27 1.05 -2.45 -10.59
C ILE A 27 0.51 -3.11 -11.85
N LEU A 28 -0.79 -3.21 -11.96
CA LEU A 28 -1.41 -3.85 -13.10
C LEU A 28 -2.06 -2.84 -14.05
N ALA A 29 -2.50 -1.71 -13.51
CA ALA A 29 -3.17 -0.66 -14.30
C ALA A 29 -3.36 0.57 -13.43
N ASP A 30 -3.92 1.62 -13.98
CA ASP A 30 -4.15 2.87 -13.27
C ASP A 30 -5.53 3.41 -13.59
N ARG A 31 -5.92 4.46 -12.91
CA ARG A 31 -7.20 5.09 -13.12
C ARG A 31 -7.12 6.48 -12.49
N VAL A 32 -7.98 7.39 -12.89
CA VAL A 32 -7.99 8.72 -12.33
C VAL A 32 -9.42 9.11 -11.98
N ASN A 33 -9.59 9.72 -10.85
CA ASN A 33 -10.90 10.15 -10.40
C ASN A 33 -11.19 11.53 -10.91
N LYS A 34 -12.36 12.02 -10.61
CA LYS A 34 -12.70 13.39 -10.95
C LYS A 34 -12.38 14.29 -9.78
N ASN A 35 -12.25 13.65 -8.61
CA ASN A 35 -11.92 14.33 -7.35
C ASN A 35 -10.47 14.83 -7.38
N GLY A 36 -9.66 14.25 -8.26
CA GLY A 36 -8.29 14.69 -8.40
C GLY A 36 -7.30 13.68 -7.85
N ILE A 37 -7.74 12.45 -7.68
CA ILE A 37 -6.86 11.43 -7.16
C ILE A 37 -6.63 10.39 -8.24
N ASN A 38 -5.39 10.01 -8.44
CA ASN A 38 -5.06 8.92 -9.33
C ASN A 38 -4.86 7.68 -8.48
N GLU A 39 -5.19 6.55 -9.03
CA GLU A 39 -5.16 5.29 -8.33
C GLU A 39 -4.63 4.23 -9.22
N TYR A 40 -4.17 3.14 -8.65
CA TYR A 40 -3.61 2.07 -9.43
C TYR A 40 -4.17 0.77 -8.99
N TYR A 41 -4.22 -0.14 -9.91
CA TYR A 41 -4.64 -1.49 -9.67
C TYR A 41 -3.41 -2.21 -9.08
N ILE A 42 -3.41 -2.36 -7.78
CA ILE A 42 -2.26 -2.89 -7.05
C ILE A 42 -2.37 -4.39 -6.92
N LYS A 43 -1.32 -5.09 -7.25
CA LYS A 43 -1.24 -6.50 -7.01
C LYS A 43 -0.52 -6.74 -5.70
N TRP A 44 -1.27 -7.03 -4.69
CA TRP A 44 -0.73 -7.28 -3.38
C TRP A 44 -0.10 -8.64 -3.29
N ALA A 45 1.12 -8.65 -2.87
CA ALA A 45 1.81 -9.88 -2.62
C ALA A 45 1.53 -10.23 -1.18
N GLY A 46 1.62 -11.48 -0.85
CA GLY A 46 1.36 -11.89 0.51
C GLY A 46 -0.08 -12.30 0.72
N TYR A 47 -0.98 -11.74 -0.08
CA TYR A 47 -2.37 -12.10 0.04
C TYR A 47 -2.72 -13.00 -1.06
N ASP A 48 -3.96 -13.38 -1.06
CA ASP A 48 -4.51 -14.21 -2.13
C ASP A 48 -4.33 -13.53 -3.49
N TRP A 49 -4.15 -14.33 -4.51
CA TRP A 49 -3.87 -13.83 -5.85
C TRP A 49 -5.01 -13.01 -6.46
N TYR A 50 -6.20 -13.20 -5.97
CA TYR A 50 -7.38 -12.51 -6.47
C TYR A 50 -7.73 -11.31 -5.59
N ASP A 51 -6.77 -10.82 -4.83
CA ASP A 51 -7.03 -9.78 -3.84
C ASP A 51 -6.83 -8.39 -4.41
N ASN A 52 -6.13 -8.33 -5.53
CA ASN A 52 -5.73 -7.08 -6.18
C ASN A 52 -6.90 -6.09 -6.31
N THR A 53 -6.60 -4.84 -6.00
CA THR A 53 -7.60 -3.80 -5.96
C THR A 53 -6.94 -2.45 -6.25
N TRP A 54 -7.71 -1.40 -6.27
CA TRP A 54 -7.22 -0.07 -6.57
C TRP A 54 -6.86 0.68 -5.29
N GLU A 55 -5.74 1.39 -5.31
CA GLU A 55 -5.32 2.27 -4.23
C GLU A 55 -4.82 3.57 -4.81
N PRO A 56 -4.93 4.69 -4.07
CA PRO A 56 -4.37 5.96 -4.50
C PRO A 56 -2.84 5.93 -4.34
N GLU A 57 -2.12 6.83 -5.03
CA GLU A 57 -0.63 6.85 -4.93
C GLU A 57 -0.12 7.09 -3.51
N GLN A 58 -0.99 7.67 -2.70
CA GLN A 58 -0.72 7.95 -1.28
C GLN A 58 -0.36 6.68 -0.51
N ASN A 59 -0.78 5.53 -1.00
CA ASN A 59 -0.44 4.28 -0.32
C ASN A 59 0.89 3.71 -0.76
N LEU A 60 1.45 4.24 -1.82
CA LEU A 60 2.59 3.61 -2.53
C LEU A 60 3.97 4.01 -1.99
N PHE A 61 4.01 4.53 -0.77
CA PHE A 61 5.24 5.05 -0.12
C PHE A 61 6.44 4.04 -0.12
N GLY A 62 6.16 2.76 -0.05
CA GLY A 62 7.21 1.74 -0.04
C GLY A 62 7.42 1.15 -1.41
N ALA A 63 6.42 1.32 -2.21
CA ALA A 63 6.33 0.77 -3.54
C ALA A 63 6.85 1.74 -4.58
N GLU A 64 7.82 2.56 -4.20
CA GLU A 64 8.45 3.50 -5.12
C GLU A 64 9.06 2.77 -6.32
N LYS A 65 9.63 1.58 -6.08
CA LYS A 65 10.25 0.82 -7.15
C LYS A 65 9.19 0.52 -8.25
N VAL A 66 8.08 -0.04 -7.83
CA VAL A 66 6.99 -0.36 -8.75
C VAL A 66 6.28 0.88 -9.27
N LEU A 67 6.13 1.89 -8.41
CA LEU A 67 5.48 3.15 -8.75
C LEU A 67 6.20 3.85 -9.88
N LYS A 68 7.49 4.07 -9.69
CA LYS A 68 8.32 4.66 -10.65
C LYS A 68 8.33 3.84 -11.94
N LYS A 69 8.44 2.50 -11.82
CA LYS A 69 8.39 1.65 -13.02
C LYS A 69 7.06 1.82 -13.75
N TRP A 70 5.98 1.90 -12.98
CA TRP A 70 4.64 2.01 -13.54
C TRP A 70 4.45 3.27 -14.35
N LYS A 71 4.60 4.42 -13.72
CA LYS A 71 4.40 5.68 -14.43
C LYS A 71 5.41 5.86 -15.56
N LYS A 72 6.56 5.20 -15.45
CA LYS A 72 7.55 5.18 -16.51
C LYS A 72 7.02 4.37 -17.72
N ARG A 73 6.24 3.34 -17.43
CA ARG A 73 5.69 2.44 -18.44
C ARG A 73 4.52 3.02 -19.17
N LYS A 74 3.84 3.95 -18.57
CA LYS A 74 2.67 4.50 -19.18
C LYS A 74 2.92 5.84 -19.82
N LYS A 75 2.88 5.84 -21.12
CA LYS A 75 2.94 7.05 -21.87
C LYS A 75 1.53 7.37 -22.41
N ALA B 1 20.25 -7.39 2.20
CA ALA B 1 18.95 -7.92 2.66
C ALA B 1 18.02 -7.94 1.48
N ARG B 2 16.92 -8.67 1.57
CA ARG B 2 15.95 -8.69 0.49
C ARG B 2 14.98 -7.55 0.70
N THR B 3 14.37 -7.09 -0.36
CA THR B 3 13.43 -6.01 -0.27
C THR B 3 12.31 -6.23 -1.27
N LYS B 4 11.10 -5.99 -0.83
CA LYS B 4 9.97 -6.04 -1.68
C LYS B 4 9.24 -4.71 -1.47
N GLN B 5 8.34 -4.41 -2.34
CA GLN B 5 7.58 -3.19 -2.25
C GLN B 5 6.45 -3.41 -1.34
N THR B 6 6.01 -2.40 -0.65
CA THR B 6 4.83 -2.56 0.11
C THR B 6 4.03 -1.27 0.03
N ALA B 7 2.77 -1.34 0.35
CA ALA B 7 1.93 -0.20 0.41
C ALA B 7 0.97 -0.45 1.52
N ARG B 8 0.21 0.54 1.89
CA ARG B 8 -0.72 0.38 3.01
C ARG B 8 -1.79 -0.69 2.75
N SER B 10 -5.64 0.60 1.89
CA SER B 10 -6.52 1.44 2.62
C SER B 10 -7.76 0.64 3.04
N THR B 11 -8.39 1.02 4.12
CA THR B 11 -9.44 0.21 4.64
C THR B 11 -10.77 0.48 3.96
N GLY B 12 -11.08 -0.37 3.02
CA GLY B 12 -12.28 -0.28 2.29
C GLY B 12 -13.13 -1.46 2.57
N GLY B 13 -14.38 -1.40 2.22
CA GLY B 13 -15.31 -2.43 2.61
C GLY B 13 -15.90 -2.08 3.96
N LYS B 14 -15.77 -0.82 4.31
CA LYS B 14 -16.27 -0.28 5.53
C LYS B 14 -17.64 0.29 5.24
N ALA B 15 -18.64 -0.53 5.38
CA ALA B 15 -19.99 -0.16 5.04
C ALA B 15 -20.79 0.26 6.27
N PRO B 16 -21.25 1.52 6.32
CA PRO B 16 -22.10 2.01 7.39
C PRO B 16 -23.49 1.40 7.25
N ARG B 17 -23.81 0.47 8.11
CA ARG B 17 -25.08 -0.19 8.05
C ARG B 17 -25.98 0.23 9.18
N TYR B 18 -26.90 1.06 8.84
CA TYR B 18 -27.99 1.39 9.69
C TYR B 18 -29.19 0.92 8.91
N MET A 1 8.04 30.27 26.47
CA MET A 1 9.42 30.26 26.98
C MET A 1 10.17 29.22 26.24
N VAL A 2 11.49 29.19 26.37
CA VAL A 2 12.29 28.17 25.73
C VAL A 2 12.15 26.90 26.54
N SER A 3 11.88 25.81 25.88
CA SER A 3 11.68 24.54 26.52
C SER A 3 12.07 23.45 25.53
N VAL A 4 12.07 22.21 25.98
CA VAL A 4 12.44 21.11 25.12
C VAL A 4 11.17 20.53 24.52
N LYS A 5 11.21 20.21 23.27
CA LYS A 5 10.07 19.63 22.64
C LYS A 5 10.38 18.17 22.34
N PRO A 6 9.35 17.30 22.18
CA PRO A 6 9.59 15.89 21.86
C PRO A 6 10.11 15.73 20.44
N LEU A 7 11.27 15.15 20.33
CA LEU A 7 11.88 14.86 19.05
C LEU A 7 11.88 13.36 18.90
N PRO A 8 11.95 12.82 17.67
CA PRO A 8 11.94 11.37 17.45
C PRO A 8 13.20 10.67 17.96
N ASP A 9 13.09 10.09 19.14
CA ASP A 9 14.14 9.28 19.74
C ASP A 9 13.89 7.83 19.33
N ILE A 10 12.61 7.52 19.23
CA ILE A 10 12.14 6.23 18.77
C ILE A 10 12.52 6.07 17.29
N ASP A 11 12.79 4.82 16.90
CA ASP A 11 13.16 4.47 15.52
C ASP A 11 12.17 5.02 14.50
N SER A 12 12.71 5.51 13.41
CA SER A 12 11.95 6.12 12.36
C SER A 12 11.65 5.10 11.27
N ASN A 13 12.35 3.98 11.34
CA ASN A 13 12.15 2.89 10.43
C ASN A 13 10.83 2.17 10.76
N GLU A 14 10.23 1.56 9.76
CA GLU A 14 8.95 0.95 9.93
C GLU A 14 9.13 -0.54 10.28
N GLY A 15 8.44 -0.98 11.31
CA GLY A 15 8.55 -2.34 11.76
C GLY A 15 7.46 -3.23 11.18
N GLU A 16 6.51 -3.59 11.98
CA GLU A 16 5.44 -4.42 11.53
C GLU A 16 4.13 -3.62 11.39
N THR A 17 3.84 -3.29 10.17
CA THR A 17 2.65 -2.58 9.79
C THR A 17 1.72 -3.48 8.98
N ASP A 18 2.02 -4.77 8.95
CA ASP A 18 1.34 -5.74 8.07
C ASP A 18 -0.18 -5.73 8.20
N ALA A 19 -0.65 -5.43 9.41
CA ALA A 19 -2.07 -5.40 9.72
C ALA A 19 -2.84 -4.46 8.80
N ASP A 20 -2.21 -3.39 8.36
CA ASP A 20 -2.85 -2.47 7.43
C ASP A 20 -1.94 -2.16 6.26
N VAL A 21 -0.91 -3.01 6.06
CA VAL A 21 0.07 -2.84 4.98
C VAL A 21 0.47 -4.20 4.39
N TYR A 22 0.16 -4.42 3.14
CA TYR A 22 0.43 -5.67 2.46
C TYR A 22 1.49 -5.47 1.38
N GLU A 23 2.04 -6.55 0.90
CA GLU A 23 3.08 -6.48 -0.11
C GLU A 23 2.60 -6.08 -1.47
N VAL A 24 3.41 -5.31 -2.11
CA VAL A 24 3.18 -4.91 -3.46
C VAL A 24 4.05 -5.74 -4.37
N GLU A 25 3.43 -6.58 -5.14
CA GLU A 25 4.15 -7.33 -6.10
C GLU A 25 4.50 -6.39 -7.26
N ASP A 26 3.47 -5.74 -7.83
CA ASP A 26 3.63 -4.70 -8.87
C ASP A 26 2.23 -4.21 -9.28
N ILE A 27 2.15 -3.25 -10.18
CA ILE A 27 0.88 -2.67 -10.61
C ILE A 27 0.43 -3.41 -11.85
N LEU A 28 -0.84 -3.59 -11.96
CA LEU A 28 -1.44 -4.31 -13.08
C LEU A 28 -2.07 -3.35 -14.09
N ALA A 29 -2.50 -2.18 -13.62
CA ALA A 29 -3.09 -1.14 -14.47
C ALA A 29 -3.30 0.11 -13.63
N ASP A 30 -3.74 1.18 -14.23
CA ASP A 30 -3.90 2.42 -13.48
C ASP A 30 -5.15 3.16 -13.87
N ARG A 31 -5.37 4.22 -13.13
CA ARG A 31 -6.48 5.14 -13.26
C ARG A 31 -6.11 6.42 -12.53
N VAL A 32 -6.97 7.39 -12.64
CA VAL A 32 -6.76 8.69 -12.07
C VAL A 32 -8.03 9.04 -11.32
N ASN A 33 -7.89 9.71 -10.18
CA ASN A 33 -9.04 10.07 -9.38
C ASN A 33 -9.69 11.27 -9.94
N LYS A 34 -10.75 11.60 -9.29
CA LYS A 34 -11.52 12.74 -9.59
C LYS A 34 -10.99 13.90 -8.74
N ASN A 35 -10.37 13.53 -7.63
CA ASN A 35 -9.70 14.45 -6.71
C ASN A 35 -8.38 15.00 -7.25
N GLY A 36 -7.77 14.30 -8.20
CA GLY A 36 -6.48 14.73 -8.75
C GLY A 36 -5.30 13.86 -8.27
N ILE A 37 -5.62 12.69 -7.77
CA ILE A 37 -4.66 11.71 -7.26
C ILE A 37 -4.75 10.49 -8.16
N ASN A 38 -3.69 9.80 -8.41
CA ASN A 38 -3.76 8.61 -9.26
C ASN A 38 -4.26 7.39 -8.44
N GLU A 39 -4.77 6.38 -9.13
CA GLU A 39 -5.29 5.15 -8.51
C GLU A 39 -4.75 4.00 -9.33
N TYR A 40 -4.44 2.88 -8.72
CA TYR A 40 -3.79 1.79 -9.44
C TYR A 40 -4.35 0.46 -9.05
N TYR A 41 -4.33 -0.46 -9.99
CA TYR A 41 -4.69 -1.83 -9.75
C TYR A 41 -3.47 -2.54 -9.17
N ILE A 42 -3.46 -2.77 -7.90
CA ILE A 42 -2.29 -3.31 -7.22
C ILE A 42 -2.40 -4.81 -7.04
N LYS A 43 -1.32 -5.51 -7.35
CA LYS A 43 -1.23 -6.92 -7.12
C LYS A 43 -0.57 -7.17 -5.79
N TRP A 44 -1.37 -7.47 -4.80
CA TRP A 44 -0.88 -7.72 -3.47
C TRP A 44 -0.26 -9.08 -3.35
N ALA A 45 0.95 -9.10 -2.91
CA ALA A 45 1.57 -10.34 -2.62
C ALA A 45 1.26 -10.66 -1.18
N GLY A 46 1.30 -11.91 -0.83
CA GLY A 46 0.99 -12.28 0.52
C GLY A 46 -0.46 -12.66 0.69
N TYR A 47 -1.32 -12.12 -0.16
CA TYR A 47 -2.72 -12.46 -0.08
C TYR A 47 -3.06 -13.40 -1.16
N ASP A 48 -4.30 -13.75 -1.17
CA ASP A 48 -4.87 -14.61 -2.22
C ASP A 48 -4.67 -13.97 -3.60
N TRP A 49 -4.49 -14.78 -4.60
CA TRP A 49 -4.19 -14.34 -5.96
C TRP A 49 -5.33 -13.54 -6.62
N TYR A 50 -6.55 -13.69 -6.12
CA TYR A 50 -7.70 -12.93 -6.64
C TYR A 50 -8.04 -11.70 -5.79
N ASP A 51 -7.07 -11.22 -5.02
CA ASP A 51 -7.33 -10.15 -4.04
C ASP A 51 -7.11 -8.75 -4.61
N ASN A 52 -6.43 -8.70 -5.75
CA ASN A 52 -5.98 -7.46 -6.40
C ASN A 52 -7.10 -6.44 -6.47
N THR A 53 -6.78 -5.21 -6.16
CA THR A 53 -7.76 -4.18 -6.08
C THR A 53 -7.11 -2.84 -6.42
N TRP A 54 -7.91 -1.81 -6.48
CA TRP A 54 -7.46 -0.48 -6.80
C TRP A 54 -7.15 0.27 -5.53
N GLU A 55 -6.08 1.02 -5.56
CA GLU A 55 -5.60 1.80 -4.44
C GLU A 55 -5.29 3.18 -4.91
N PRO A 56 -5.38 4.19 -4.04
CA PRO A 56 -4.96 5.50 -4.41
C PRO A 56 -3.43 5.60 -4.25
N GLU A 57 -2.83 6.55 -4.92
CA GLU A 57 -1.37 6.73 -4.92
C GLU A 57 -0.83 6.99 -3.50
N GLN A 58 -1.68 7.56 -2.66
CA GLN A 58 -1.34 7.90 -1.28
C GLN A 58 -0.98 6.65 -0.44
N ASN A 59 -1.56 5.49 -0.77
CA ASN A 59 -1.29 4.27 -0.01
C ASN A 59 -0.06 3.54 -0.52
N LEU A 60 0.45 3.99 -1.65
CA LEU A 60 1.62 3.39 -2.32
C LEU A 60 2.92 4.03 -1.87
N PHE A 61 2.86 4.71 -0.73
CA PHE A 61 3.99 5.46 -0.15
C PHE A 61 5.29 4.60 -0.05
N GLY A 62 5.12 3.30 0.14
CA GLY A 62 6.27 2.43 0.25
C GLY A 62 6.63 1.84 -1.10
N ALA A 63 5.65 1.75 -1.97
CA ALA A 63 5.84 1.14 -3.27
C ALA A 63 5.98 2.18 -4.36
N GLU A 64 6.50 3.33 -3.99
CA GLU A 64 6.67 4.44 -4.93
C GLU A 64 7.64 4.09 -6.07
N LYS A 65 8.67 3.32 -5.74
CA LYS A 65 9.68 2.92 -6.74
C LYS A 65 9.00 2.17 -7.89
N VAL A 66 8.19 1.20 -7.51
CA VAL A 66 7.47 0.34 -8.41
C VAL A 66 6.37 1.12 -9.16
N LEU A 67 5.71 2.01 -8.44
CA LEU A 67 4.64 2.82 -8.99
C LEU A 67 5.21 3.74 -10.08
N LYS A 68 6.21 4.52 -9.71
CA LYS A 68 6.89 5.38 -10.62
C LYS A 68 7.44 4.61 -11.82
N LYS A 69 7.91 3.37 -11.60
CA LYS A 69 8.34 2.50 -12.73
C LYS A 69 7.20 2.39 -13.74
N TRP A 70 6.02 2.07 -13.21
CA TRP A 70 4.82 1.94 -14.01
C TRP A 70 4.52 3.25 -14.73
N LYS A 71 4.36 4.33 -13.97
CA LYS A 71 4.04 5.64 -14.55
C LYS A 71 5.10 6.18 -15.51
N LYS A 72 6.33 5.73 -15.37
CA LYS A 72 7.33 6.06 -16.32
C LYS A 72 7.05 5.39 -17.66
N ARG A 73 6.66 4.12 -17.62
CA ARG A 73 6.29 3.43 -18.89
C ARG A 73 4.86 3.75 -19.36
N LYS A 74 3.98 4.08 -18.43
CA LYS A 74 2.57 4.35 -18.71
C LYS A 74 2.11 5.60 -18.00
N LYS A 75 1.58 6.52 -18.75
CA LYS A 75 1.08 7.74 -18.22
C LYS A 75 -0.37 7.56 -17.92
N ALA B 1 17.59 -9.92 4.65
CA ALA B 1 16.48 -9.01 4.96
C ALA B 1 15.53 -9.04 3.80
N ARG B 2 14.31 -8.58 3.99
CA ARG B 2 13.36 -8.56 2.90
C ARG B 2 13.27 -7.18 2.29
N THR B 3 13.94 -7.01 1.21
CA THR B 3 13.90 -5.77 0.51
C THR B 3 12.84 -5.89 -0.60
N LYS B 4 11.61 -5.57 -0.26
CA LYS B 4 10.53 -5.69 -1.20
C LYS B 4 9.52 -4.59 -0.94
N GLN B 5 8.69 -4.34 -1.91
CA GLN B 5 7.71 -3.30 -1.84
C GLN B 5 6.44 -3.74 -1.20
N THR B 6 5.84 -2.84 -0.46
CA THR B 6 4.58 -3.06 0.16
C THR B 6 3.80 -1.72 0.11
N ALA B 7 2.49 -1.77 0.30
CA ALA B 7 1.64 -0.60 0.36
C ALA B 7 0.52 -0.89 1.31
N ARG B 8 -0.27 0.08 1.63
CA ARG B 8 -1.31 -0.10 2.64
C ARG B 8 -2.38 -1.17 2.33
N SER B 10 -6.20 0.14 1.20
CA SER B 10 -7.20 0.95 1.81
C SER B 10 -8.50 0.14 1.97
N THR B 11 -8.62 -0.53 3.10
CA THR B 11 -9.77 -1.35 3.38
C THR B 11 -10.24 -1.17 4.82
N GLY B 12 -11.49 -1.48 5.06
CA GLY B 12 -12.05 -1.35 6.38
C GLY B 12 -13.09 -0.27 6.41
N GLY B 13 -13.12 0.50 7.49
CA GLY B 13 -14.05 1.61 7.59
C GLY B 13 -15.38 1.22 8.20
N LYS B 14 -15.41 0.10 8.88
CA LYS B 14 -16.64 -0.34 9.51
C LYS B 14 -16.68 0.12 10.94
N ALA B 15 -17.06 1.36 11.12
CA ALA B 15 -17.17 1.97 12.42
C ALA B 15 -18.12 3.15 12.34
N PRO B 16 -19.09 3.27 13.27
CA PRO B 16 -19.99 4.41 13.32
C PRO B 16 -19.22 5.67 13.71
N ARG B 17 -19.12 6.60 12.81
CA ARG B 17 -18.40 7.83 13.04
C ARG B 17 -19.10 8.97 12.38
N TYR B 18 -18.55 10.13 12.54
CA TYR B 18 -18.97 11.31 11.87
C TYR B 18 -17.81 11.67 10.97
#